data_2ERJ
#
_entry.id   2ERJ
#
_cell.length_a   57.266
_cell.length_b   70.545
_cell.length_c   129.236
_cell.angle_alpha   83.85
_cell.angle_beta   82.45
_cell.angle_gamma   89.72
#
_symmetry.space_group_name_H-M   'P 1'
#
loop_
_entity.id
_entity.type
_entity.pdbx_description
1 polymer 'Interleukin-2 receptor alpha chain'
2 polymer 'Interleukin-2 receptor beta chain'
3 polymer 'Cytokine receptor common gamma chain'
4 polymer Interleukin-2
5 branched beta-D-mannopyranose-(1-4)-2-acetamido-2-deoxy-beta-D-glucopyranose-(1-4)-[alpha-L-fucopyranose-(1-6)]2-acetamido-2-deoxy-beta-D-glucopyranose
6 branched alpha-L-fucopyranose-(1-6)-2-acetamido-2-deoxy-beta-D-glucopyranose
7 branched beta-D-mannopyranose-(1-4)-2-acetamido-2-deoxy-beta-D-glucopyranose-(1-4)-2-acetamido-2-deoxy-beta-D-glucopyranose
8 branched 2-acetamido-2-deoxy-beta-D-glucopyranose-(1-4)-2-acetamido-2-deoxy-beta-D-glucopyranose
9 branched 2-acetamido-2-deoxy-beta-D-glucopyranose-(1-4)-[alpha-L-fucopyranose-(1-6)]2-acetamido-2-deoxy-beta-D-glucopyranose
10 non-polymer 2-acetamido-2-deoxy-beta-D-glucopyranose
#
loop_
_entity_poly.entity_id
_entity_poly.type
_entity_poly.pdbx_seq_one_letter_code
_entity_poly.pdbx_strand_id
1 'polypeptide(L)'
;GMLSLELCDDDPPEIPHATFKAMAYKEGTMLNCECKRGFRRIKSGSLYMLCTGSSSHSSWDNQCQCTSSATRSTTKQVTP
QPEEQKERKTTEMQSPMQPVDQASLPGHCREPPPWENEATERIYHFVVGQMVYYQCVQGYRALHRGPAESVCKMTHGKTR
WTQPQLICTGEMETSQFPGEEKPQASPEGRPESETSCLVTTTDFQIQTEMAATMETSTGHHHHHH
;
A,E
2 'polypeptide(L)'
;GMLSLAVNGTSQFTCFYNSRANISCVWSQDGALQDTSCQVHAWPDRRRWNQTCELLPVSQASWACNLILGAPDSQKLTTV
DIVTLRVLCREGVRWRVMAIQDFKPFENLRLMAPISLQVVHVETHRCNISWEISQASHYFERHLEFEARTLSPGHTWEEA
PLLTLKQKQEWICLETLTPDTQYEFQVRVKPLQGEFTTWSPWSQPLAFRTKTGHHHHHH
;
B,F
3 'polypeptide(L)'
;GMLSLLNTTILTPNGNEDTTADFFLTTMPTDSLSVSTLPLPEVQCFVFNVEYMNCTWQSSSEPQPTNLTLHYWYKNSDND
KVQKCSHYLFSEEITSGCQLQKKEIHLYQTFVVQLQDPREPRRQATQMLKLQNLVIPWAPENLTLHKLSESQLELNWNNR
FLNHCLEHLVQYRTDWDHSWTEQSVDYRHKFSLPSVDGQKRYTFRVRSRFNPLCGSAQHWSEWSHPIHWGSNTSKENPRT
GHHHHHH
;
C,G
4 'polypeptide(L)'
;APTSSSTKKTQLQLEHLLLDLQMILNGINNYKNPKLTRMLTFKFYMPKKATELKHLQCLEEELKPLEEVLNLAQSKNFHL
RPRDLISNINVIVLELKGSETTFMCEYADETATIVEFLNRWITFAQSIISTLT
;
D,H
#
loop_
_chem_comp.id
_chem_comp.type
_chem_comp.name
_chem_comp.formula
BMA D-saccharide, beta linking beta-D-mannopyranose 'C6 H12 O6'
FUC L-saccharide, alpha linking alpha-L-fucopyranose 'C6 H12 O5'
NAG D-saccharide, beta linking 2-acetamido-2-deoxy-beta-D-glucopyranose 'C8 H15 N O6'
#
# COMPACT_ATOMS: atom_id res chain seq x y z
N GLU A 6 29.61 12.89 -7.10
CA GLU A 6 30.91 13.36 -6.55
C GLU A 6 32.09 12.64 -7.23
N LEU A 7 32.36 13.01 -8.48
CA LEU A 7 33.48 12.44 -9.25
C LEU A 7 33.74 13.27 -10.48
N CYS A 8 35.00 13.57 -10.77
CA CYS A 8 35.33 14.42 -11.91
C CYS A 8 35.42 13.62 -13.19
N ASP A 9 34.78 14.15 -14.24
CA ASP A 9 34.69 13.49 -15.54
C ASP A 9 36.09 13.18 -16.07
N ASP A 10 36.83 14.25 -16.32
CA ASP A 10 38.21 14.17 -16.79
C ASP A 10 39.16 14.37 -15.62
N ASP A 11 40.44 14.60 -15.94
CA ASP A 11 41.46 14.88 -14.92
C ASP A 11 42.13 16.23 -15.17
N PRO A 12 43.02 16.68 -14.25
CA PRO A 12 43.68 17.98 -14.34
C PRO A 12 44.35 18.25 -15.69
N PRO A 13 44.47 19.54 -16.07
CA PRO A 13 45.08 19.87 -17.36
C PRO A 13 46.57 19.56 -17.36
N GLU A 14 47.10 19.22 -18.54
CA GLU A 14 48.54 19.12 -18.71
C GLU A 14 49.12 20.51 -18.98
N ILE A 15 50.01 20.96 -18.09
CA ILE A 15 50.76 22.19 -18.34
C ILE A 15 52.15 21.76 -18.82
N PRO A 16 52.57 22.25 -20.00
CA PRO A 16 53.86 21.89 -20.58
C PRO A 16 55.03 22.07 -19.62
N HIS A 17 55.78 20.99 -19.42
CA HIS A 17 56.98 20.95 -18.57
C HIS A 17 56.65 21.12 -17.08
N ALA A 18 55.58 20.47 -16.63
CA ALA A 18 55.16 20.52 -15.23
C ALA A 18 54.27 19.35 -14.85
N THR A 19 54.39 18.88 -13.61
CA THR A 19 53.49 17.84 -13.06
C THR A 19 52.76 18.33 -11.81
N PHE A 20 51.75 17.57 -11.40
CA PHE A 20 50.89 17.97 -10.30
C PHE A 20 50.75 16.86 -9.28
N LYS A 21 50.80 17.21 -8.01
CA LYS A 21 50.43 16.30 -6.95
C LYS A 21 49.34 16.93 -6.12
N ALA A 22 48.71 16.13 -5.29
CA ALA A 22 47.82 16.66 -4.28
C ALA A 22 48.50 16.36 -2.97
N MET A 23 48.51 17.32 -2.07
CA MET A 23 49.15 17.12 -0.77
C MET A 23 48.27 16.24 0.11
N ALA A 24 46.96 16.29 -0.14
CA ALA A 24 45.97 15.50 0.58
C ALA A 24 44.90 15.00 -0.40
N TYR A 25 44.20 13.93 -0.05
CA TYR A 25 43.17 13.38 -0.92
C TYR A 25 41.81 13.33 -0.25
N LYS A 26 40.88 14.13 -0.76
CA LYS A 26 39.49 14.11 -0.28
C LYS A 26 38.96 12.69 -0.34
N GLU A 27 38.15 12.29 0.65
CA GLU A 27 37.59 10.94 0.65
C GLU A 27 36.81 10.63 -0.63
N GLY A 28 36.91 9.38 -1.09
CA GLY A 28 36.27 8.95 -2.33
C GLY A 28 37.20 8.93 -3.54
N THR A 29 38.44 9.36 -3.33
CA THR A 29 39.44 9.35 -4.38
C THR A 29 39.89 7.93 -4.62
N MET A 30 40.12 7.58 -5.89
CA MET A 30 40.51 6.23 -6.26
C MET A 30 41.89 6.20 -6.88
N LEU A 31 42.63 5.14 -6.55
CA LEU A 31 43.93 4.88 -7.12
C LEU A 31 43.92 3.50 -7.76
N ASN A 32 44.28 3.43 -9.04
CA ASN A 32 44.35 2.17 -9.76
C ASN A 32 45.51 1.32 -9.30
N CYS A 33 45.41 0.01 -9.53
CA CYS A 33 46.46 -0.93 -9.18
C CYS A 33 47.29 -1.30 -10.39
N GLU A 34 47.98 -0.31 -10.96
CA GLU A 34 48.83 -0.50 -12.11
C GLU A 34 50.14 -1.15 -11.69
N CYS A 35 50.71 -1.98 -12.55
CA CYS A 35 52.01 -2.59 -12.28
C CYS A 35 53.08 -2.10 -13.26
N LYS A 36 54.34 -2.41 -12.94
CA LYS A 36 55.46 -2.22 -13.85
C LYS A 36 55.30 -3.22 -15.01
N ARG A 37 55.91 -2.92 -16.16
CA ARG A 37 55.84 -3.82 -17.31
C ARG A 37 56.40 -5.19 -16.93
N GLY A 38 55.80 -6.24 -17.48
CA GLY A 38 56.17 -7.61 -17.12
C GLY A 38 55.44 -8.11 -15.89
N PHE A 39 54.66 -7.25 -15.25
CA PHE A 39 53.87 -7.64 -14.09
C PHE A 39 52.38 -7.39 -14.28
N ARG A 40 51.58 -7.98 -13.41
CA ARG A 40 50.13 -7.92 -13.50
C ARG A 40 49.55 -7.95 -12.09
N ARG A 41 48.45 -7.23 -11.89
CA ARG A 41 47.77 -7.31 -10.60
C ARG A 41 47.28 -8.72 -10.33
N ILE A 42 47.37 -9.15 -9.08
CA ILE A 42 47.03 -10.54 -8.69
C ILE A 42 45.66 -11.03 -9.18
N LYS A 43 45.58 -12.33 -9.48
CA LYS A 43 44.29 -12.99 -9.79
C LYS A 43 43.31 -12.79 -8.62
N SER A 44 42.09 -12.36 -8.93
CA SER A 44 41.08 -12.05 -7.91
C SER A 44 41.53 -10.92 -6.97
N GLY A 45 42.31 -9.98 -7.50
CA GLY A 45 42.81 -8.86 -6.72
C GLY A 45 41.88 -7.66 -6.73
N SER A 46 42.43 -6.49 -6.39
CA SER A 46 41.68 -5.24 -6.42
C SER A 46 41.97 -4.46 -7.69
N LEU A 47 40.97 -3.75 -8.18
CA LEU A 47 41.17 -2.87 -9.30
C LEU A 47 41.71 -1.53 -8.84
N TYR A 48 41.28 -1.10 -7.65
CA TYR A 48 41.63 0.21 -7.14
C TYR A 48 41.65 0.25 -5.62
N MET A 49 42.27 1.28 -5.09
CA MET A 49 42.19 1.56 -3.66
C MET A 49 41.28 2.75 -3.44
N LEU A 50 40.34 2.61 -2.51
CA LEU A 50 39.35 3.64 -2.26
C LEU A 50 39.66 4.35 -0.95
N CYS A 51 39.48 5.66 -0.94
CA CYS A 51 39.77 6.47 0.23
C CYS A 51 38.50 6.73 1.01
N THR A 52 38.30 5.92 2.05
CA THR A 52 37.14 6.05 2.93
C THR A 52 37.63 6.58 4.26
N GLY A 53 36.78 7.37 4.91
CA GLY A 53 37.06 7.87 6.25
C GLY A 53 35.81 8.30 6.98
N SER A 54 34.72 7.58 6.73
CA SER A 54 33.42 7.86 7.35
C SER A 54 33.39 7.50 8.85
N SER A 55 34.53 7.03 9.37
CA SER A 55 34.73 6.81 10.81
C SER A 55 35.61 7.91 11.44
N SER A 56 35.95 8.91 10.62
CA SER A 56 36.77 10.10 10.97
C SER A 56 38.30 9.95 10.83
N HIS A 57 38.75 8.75 10.49
CA HIS A 57 40.19 8.41 10.47
C HIS A 57 40.61 7.84 9.11
N SER A 58 40.46 8.67 8.07
CA SER A 58 40.64 8.25 6.67
C SER A 58 41.69 7.16 6.36
N SER A 59 41.22 6.04 5.82
CA SER A 59 42.07 4.91 5.43
C SER A 59 41.95 4.67 3.94
N TRP A 60 42.69 3.68 3.45
CA TRP A 60 42.53 3.21 2.08
C TRP A 60 41.93 1.80 2.09
N ASP A 61 40.77 1.63 1.44
CA ASP A 61 39.94 0.43 1.60
C ASP A 61 40.52 -0.88 1.08
N ASN A 62 41.27 -0.82 -0.01
CA ASN A 62 41.89 -2.02 -0.56
C ASN A 62 43.40 -1.84 -0.56
N GLN A 63 44.14 -2.86 -0.98
CA GLN A 63 45.57 -2.69 -1.30
C GLN A 63 46.06 -3.51 -2.49
N CYS A 64 46.67 -2.79 -3.42
CA CYS A 64 47.21 -3.35 -4.65
C CYS A 64 48.24 -4.43 -4.44
N GLN A 65 48.31 -5.33 -5.42
CA GLN A 65 49.33 -6.36 -5.46
C GLN A 65 49.71 -6.71 -6.88
N CYS A 66 51.01 -6.88 -7.12
CA CYS A 66 51.49 -7.33 -8.42
C CYS A 66 52.23 -8.65 -8.30
N THR A 67 52.15 -9.43 -9.38
CA THR A 67 52.98 -10.63 -9.55
C THR A 67 53.47 -10.71 -11.00
N SER A 68 54.36 -11.66 -11.24
CA SER A 68 54.93 -11.88 -12.56
C SER A 68 53.87 -12.27 -13.56
N SER A 69 54.02 -11.78 -14.80
CA SER A 69 53.12 -12.11 -15.89
C SER A 69 53.20 -13.59 -16.29
N LEU A 105 46.56 14.58 8.50
CA LEU A 105 45.62 13.45 8.47
C LEU A 105 44.14 13.87 8.55
N PRO A 106 43.68 14.35 9.75
CA PRO A 106 42.22 14.52 9.98
C PRO A 106 41.41 15.02 8.77
N GLY A 107 40.64 14.12 8.17
CA GLY A 107 39.74 14.47 7.07
C GLY A 107 40.06 13.84 5.73
N HIS A 108 41.33 13.92 5.32
CA HIS A 108 41.78 13.43 4.03
C HIS A 108 42.69 12.21 4.21
N CYS A 109 42.91 11.47 3.11
CA CYS A 109 43.84 10.36 3.14
C CYS A 109 45.22 10.86 2.75
N ARG A 110 46.25 10.22 3.28
CA ARG A 110 47.63 10.50 2.86
C ARG A 110 47.94 9.84 1.53
N GLU A 111 49.12 10.14 0.99
CA GLU A 111 49.67 9.43 -0.16
C GLU A 111 49.93 7.99 0.26
N PRO A 112 49.43 7.02 -0.53
CA PRO A 112 49.56 5.61 -0.13
C PRO A 112 50.99 5.11 -0.31
N PRO A 113 51.47 4.24 0.59
CA PRO A 113 52.81 3.69 0.49
C PRO A 113 53.01 2.88 -0.80
N PRO A 114 54.24 2.92 -1.38
CA PRO A 114 54.55 2.18 -2.60
C PRO A 114 54.34 0.69 -2.41
N TRP A 115 53.63 0.05 -3.33
CA TRP A 115 53.48 -1.39 -3.24
C TRP A 115 54.49 -2.11 -4.14
N GLU A 116 54.71 -3.39 -3.83
CA GLU A 116 55.66 -4.28 -4.53
C GLU A 116 56.21 -3.72 -5.84
N ASN A 117 55.55 -4.04 -6.95
CA ASN A 117 55.92 -3.48 -8.25
C ASN A 117 54.84 -2.54 -8.74
N GLU A 118 55.13 -1.25 -8.72
CA GLU A 118 54.20 -0.26 -9.23
C GLU A 118 54.59 0.11 -10.65
N ALA A 119 53.68 0.81 -11.34
CA ALA A 119 54.06 1.53 -12.54
C ALA A 119 54.76 2.83 -12.11
N THR A 120 55.48 3.47 -13.03
CA THR A 120 56.12 4.75 -12.75
C THR A 120 55.05 5.75 -12.31
N GLU A 121 53.96 5.83 -13.09
CA GLU A 121 52.88 6.76 -12.83
C GLU A 121 51.72 6.12 -12.07
N ARG A 122 51.23 6.83 -11.07
CA ARG A 122 49.98 6.47 -10.40
C ARG A 122 48.86 7.19 -11.10
N ILE A 123 47.77 6.48 -11.36
CA ILE A 123 46.57 7.06 -11.97
C ILE A 123 45.53 7.23 -10.87
N TYR A 124 45.13 8.46 -10.61
CA TYR A 124 44.17 8.76 -9.57
C TYR A 124 42.85 9.15 -10.20
N HIS A 125 41.76 8.92 -9.49
CA HIS A 125 40.48 9.46 -9.90
C HIS A 125 40.01 10.38 -8.79
N PHE A 126 39.89 11.67 -9.11
CA PHE A 126 39.65 12.70 -8.09
C PHE A 126 38.19 13.08 -8.00
N VAL A 127 37.73 13.36 -6.78
CA VAL A 127 36.37 13.83 -6.54
C VAL A 127 36.29 15.36 -6.69
N VAL A 128 35.08 15.88 -6.80
CA VAL A 128 34.88 17.33 -6.90
C VAL A 128 35.30 18.01 -5.60
N GLY A 129 35.93 19.18 -5.72
CA GLY A 129 36.51 19.89 -4.59
C GLY A 129 37.97 19.55 -4.36
N GLN A 130 38.55 18.70 -5.21
CA GLN A 130 39.94 18.27 -5.06
C GLN A 130 40.90 19.34 -5.54
N MET A 131 41.99 19.55 -4.79
CA MET A 131 43.00 20.52 -5.16
C MET A 131 44.30 19.84 -5.57
N VAL A 132 44.91 20.39 -6.62
CA VAL A 132 46.08 19.78 -7.27
C VAL A 132 47.12 20.86 -7.53
N TYR A 133 48.39 20.56 -7.23
CA TYR A 133 49.44 21.57 -7.21
C TYR A 133 50.55 21.36 -8.24
N TYR A 134 50.65 22.31 -9.15
CA TYR A 134 51.63 22.29 -10.22
C TYR A 134 53.01 22.86 -9.84
N GLN A 135 54.06 22.29 -10.43
CA GLN A 135 55.40 22.87 -10.40
C GLN A 135 56.26 22.34 -11.55
N CYS A 136 57.04 23.22 -12.17
CA CYS A 136 57.98 22.81 -13.24
C CYS A 136 58.93 21.73 -12.76
N VAL A 137 59.48 20.98 -13.71
CA VAL A 137 60.40 19.89 -13.39
C VAL A 137 61.84 20.41 -13.33
N GLN A 138 62.70 19.60 -12.72
CA GLN A 138 64.13 19.92 -12.55
C GLN A 138 64.80 20.29 -13.87
N GLY A 139 64.84 21.59 -14.13
CA GLY A 139 65.47 22.12 -15.33
C GLY A 139 64.70 23.25 -15.96
N TYR A 140 63.75 23.80 -15.23
CA TYR A 140 62.85 24.82 -15.78
C TYR A 140 62.49 25.94 -14.81
N ARG A 141 62.44 27.16 -15.34
CA ARG A 141 62.05 28.33 -14.57
C ARG A 141 60.55 28.50 -14.64
N ALA A 142 59.92 28.55 -13.48
CA ALA A 142 58.48 28.74 -13.39
C ALA A 142 58.14 30.21 -13.56
N LEU A 143 57.10 30.45 -14.34
CA LEU A 143 56.60 31.80 -14.56
C LEU A 143 55.21 31.90 -13.94
N HIS A 144 55.13 32.55 -12.78
CA HIS A 144 53.89 32.61 -12.00
C HIS A 144 53.15 33.90 -12.24
N ARG A 145 51.83 33.81 -12.38
CA ARG A 145 50.93 34.97 -12.31
C ARG A 145 49.51 34.50 -11.96
N GLY A 146 49.20 34.46 -10.68
CA GLY A 146 47.96 33.84 -10.22
C GLY A 146 48.21 32.39 -9.83
N PRO A 147 47.23 31.77 -9.13
CA PRO A 147 47.29 30.43 -8.53
C PRO A 147 48.05 29.38 -9.31
N ALA A 148 48.92 28.66 -8.61
CA ALA A 148 49.65 27.56 -9.18
C ALA A 148 48.98 26.22 -8.88
N GLU A 149 47.68 26.25 -8.61
CA GLU A 149 46.92 25.02 -8.42
C GLU A 149 45.63 24.99 -9.20
N SER A 150 45.16 23.77 -9.43
CA SER A 150 43.90 23.51 -10.10
C SER A 150 42.89 22.92 -9.11
N VAL A 151 41.64 23.34 -9.23
CA VAL A 151 40.56 22.84 -8.41
C VAL A 151 39.52 22.16 -9.32
N CYS A 152 38.90 21.08 -8.84
CA CYS A 152 37.79 20.46 -9.55
C CYS A 152 36.46 21.03 -9.08
N LYS A 153 35.89 21.88 -9.92
CA LYS A 153 34.68 22.65 -9.61
C LYS A 153 33.44 21.99 -10.20
N MET A 154 32.33 22.11 -9.48
CA MET A 154 31.02 21.82 -10.04
C MET A 154 30.42 23.09 -10.63
N THR A 155 29.89 22.96 -11.84
CA THR A 155 28.93 23.92 -12.38
C THR A 155 27.60 23.17 -12.42
N HIS A 156 26.59 23.75 -13.05
CA HIS A 156 25.30 23.08 -13.18
C HIS A 156 25.48 21.77 -13.97
N GLY A 157 25.48 20.66 -13.23
CA GLY A 157 25.55 19.32 -13.82
C GLY A 157 26.89 18.86 -14.37
N LYS A 158 27.86 19.76 -14.46
CA LYS A 158 29.13 19.42 -15.12
C LYS A 158 30.36 19.66 -14.24
N THR A 159 31.45 18.95 -14.55
CA THR A 159 32.70 19.12 -13.81
C THR A 159 33.81 19.76 -14.66
N ARG A 160 34.69 20.53 -14.01
CA ARG A 160 35.79 21.21 -14.69
C ARG A 160 36.97 21.45 -13.76
N TRP A 161 38.17 21.53 -14.33
CA TRP A 161 39.39 21.89 -13.57
C TRP A 161 39.80 23.30 -13.94
N THR A 162 40.03 24.14 -12.93
CA THR A 162 40.49 25.51 -13.16
C THR A 162 41.91 25.48 -13.72
N GLN A 163 42.24 26.46 -14.56
CA GLN A 163 43.55 26.51 -15.18
C GLN A 163 44.59 27.09 -14.22
N PRO A 164 45.70 26.36 -13.98
CA PRO A 164 46.78 26.96 -13.21
C PRO A 164 47.47 28.06 -14.03
N GLN A 165 47.84 29.16 -13.39
CA GLN A 165 48.39 30.32 -14.08
C GLN A 165 49.90 30.31 -14.05
N LEU A 166 50.49 29.37 -14.81
CA LEU A 166 51.90 29.02 -14.68
C LEU A 166 52.51 28.57 -16.01
N ILE A 167 53.68 29.11 -16.33
CA ILE A 167 54.42 28.71 -17.53
C ILE A 167 55.83 28.23 -17.19
N CYS A 168 56.23 27.14 -17.82
CA CYS A 168 57.57 26.62 -17.63
C CYS A 168 58.43 26.85 -18.87
N THR A 169 59.66 27.32 -18.66
CA THR A 169 60.62 27.57 -19.74
C THR A 169 61.99 27.02 -19.35
N GLY A 170 62.79 26.65 -20.34
CA GLY A 170 64.17 26.20 -20.11
C GLY A 170 65.15 27.35 -20.12
N SER B 11 2.18 -38.50 3.94
CA SER B 11 1.47 -37.18 3.83
C SER B 11 1.78 -36.46 2.50
N GLN B 12 1.75 -35.13 2.48
CA GLN B 12 2.04 -34.37 1.25
C GLN B 12 2.62 -32.99 1.55
N PHE B 13 3.66 -32.63 0.79
CA PHE B 13 4.41 -31.42 1.05
C PHE B 13 4.79 -30.74 -0.26
N THR B 14 4.09 -29.66 -0.60
CA THR B 14 4.27 -28.96 -1.88
C THR B 14 4.80 -27.55 -1.68
N CYS B 15 5.84 -27.18 -2.44
CA CYS B 15 6.35 -25.81 -2.44
C CYS B 15 6.58 -25.27 -3.83
N PHE B 16 6.37 -23.96 -3.97
CA PHE B 16 6.60 -23.27 -5.24
C PHE B 16 7.46 -22.06 -5.03
N TYR B 17 8.09 -21.61 -6.12
CA TYR B 17 9.04 -20.50 -6.12
C TYR B 17 8.59 -19.48 -7.14
N ASN B 18 8.50 -18.21 -6.73
CA ASN B 18 7.96 -17.18 -7.60
C ASN B 18 8.98 -16.62 -8.57
N SER B 19 10.15 -17.25 -8.63
CA SER B 19 11.21 -16.88 -9.56
C SER B 19 12.05 -15.70 -9.07
N ARG B 20 11.82 -15.25 -7.84
CA ARG B 20 12.57 -14.12 -7.29
C ARG B 20 13.04 -14.36 -5.84
N ALA B 21 12.30 -13.90 -4.83
CA ALA B 21 12.75 -14.14 -3.44
C ALA B 21 11.70 -14.76 -2.51
N ASN B 22 10.74 -15.48 -3.09
CA ASN B 22 9.58 -15.96 -2.35
C ASN B 22 9.22 -17.39 -2.69
N ILE B 23 9.40 -18.28 -1.69
CA ILE B 23 8.98 -19.67 -1.79
C ILE B 23 7.85 -19.94 -0.82
N SER B 24 6.75 -20.47 -1.33
CA SER B 24 5.58 -20.76 -0.50
C SER B 24 5.29 -22.26 -0.39
N CYS B 25 4.91 -22.68 0.80
CA CYS B 25 4.75 -24.10 1.10
C CYS B 25 3.39 -24.52 1.64
N VAL B 26 2.99 -25.75 1.31
CA VAL B 26 1.74 -26.33 1.80
C VAL B 26 1.99 -27.76 2.26
N TRP B 27 1.66 -28.02 3.52
CA TRP B 27 1.86 -29.34 4.12
C TRP B 27 0.56 -29.88 4.69
N SER B 28 0.25 -31.13 4.38
CA SER B 28 -0.97 -31.76 4.87
C SER B 28 -0.68 -33.10 5.56
N GLN B 29 -1.19 -33.25 6.78
CA GLN B 29 -0.90 -34.39 7.63
C GLN B 29 -2.21 -35.09 7.97
N ASP B 30 -2.14 -36.40 8.23
CA ASP B 30 -3.34 -37.20 8.49
C ASP B 30 -3.85 -37.19 9.94
N GLY B 31 -3.43 -36.20 10.72
CA GLY B 31 -4.01 -36.00 12.06
C GLY B 31 -3.09 -35.75 13.26
N ALA B 32 -2.56 -34.53 13.35
CA ALA B 32 -1.72 -34.10 14.48
C ALA B 32 -2.51 -33.93 15.80
N LEU B 33 -1.79 -33.72 16.91
CA LEU B 33 -2.40 -33.51 18.23
C LEU B 33 -2.32 -32.04 18.68
N GLN B 34 -2.94 -31.74 19.82
CA GLN B 34 -3.08 -30.37 20.34
C GLN B 34 -1.75 -29.71 20.74
N ASP B 35 -1.55 -28.49 20.24
CA ASP B 35 -0.30 -27.73 20.38
C ASP B 35 0.79 -28.35 19.51
N THR B 36 0.50 -28.42 18.21
CA THR B 36 1.43 -28.98 17.25
C THR B 36 2.22 -27.86 16.55
N SER B 37 3.39 -27.55 17.10
CA SER B 37 4.21 -26.42 16.62
C SER B 37 5.25 -26.82 15.56
N CYS B 38 4.99 -26.44 14.31
CA CYS B 38 5.87 -26.83 13.20
C CYS B 38 6.51 -25.67 12.45
N GLN B 39 7.45 -26.03 11.58
CA GLN B 39 8.29 -25.11 10.88
C GLN B 39 8.73 -25.73 9.57
N VAL B 40 9.00 -24.88 8.60
CA VAL B 40 9.74 -25.31 7.43
C VAL B 40 11.11 -24.66 7.55
N HIS B 41 12.14 -25.44 7.22
CA HIS B 41 13.52 -24.96 7.22
C HIS B 41 14.06 -25.13 5.81
N ALA B 42 14.51 -24.01 5.25
CA ALA B 42 15.21 -24.00 3.96
C ALA B 42 16.71 -23.86 4.20
N TRP B 43 17.47 -24.77 3.61
CA TRP B 43 18.92 -24.85 3.78
C TRP B 43 19.50 -25.10 2.40
N PRO B 44 19.97 -24.03 1.72
CA PRO B 44 20.44 -24.13 0.35
C PRO B 44 21.82 -24.79 0.31
N ASP B 45 22.17 -25.41 -0.81
CA ASP B 45 23.36 -26.24 -0.86
C ASP B 45 24.59 -25.49 -1.37
N ARG B 46 24.45 -24.20 -1.63
CA ARG B 46 25.61 -23.37 -1.93
C ARG B 46 25.39 -21.87 -1.67
N ARG B 47 24.55 -21.56 -0.69
CA ARG B 47 24.42 -20.20 -0.19
C ARG B 47 24.79 -20.09 1.29
N ARG B 48 25.15 -18.89 1.70
CA ARG B 48 25.62 -18.62 3.06
C ARG B 48 24.50 -18.50 4.10
N TRP B 49 23.25 -18.55 3.67
CA TRP B 49 22.14 -18.28 4.58
C TRP B 49 21.18 -19.45 4.72
N ASN B 50 20.43 -19.43 5.82
CA ASN B 50 19.30 -20.33 6.05
C ASN B 50 18.04 -19.49 6.21
N GLN B 51 16.89 -20.04 5.81
CA GLN B 51 15.62 -19.41 6.15
C GLN B 51 14.64 -20.39 6.78
N THR B 52 13.89 -19.93 7.79
CA THR B 52 12.76 -20.68 8.38
C THR B 52 11.44 -19.90 8.29
N CYS B 53 10.32 -20.58 8.56
CA CYS B 53 9.01 -19.92 8.76
C CYS B 53 8.06 -20.82 9.58
N GLU B 54 7.17 -20.19 10.36
CA GLU B 54 6.17 -20.90 11.17
C GLU B 54 4.98 -21.34 10.32
N LEU B 55 4.75 -22.64 10.25
CA LEU B 55 3.58 -23.16 9.57
C LEU B 55 2.30 -22.72 10.28
N LEU B 56 1.32 -22.34 9.48
CA LEU B 56 0.07 -21.83 10.02
C LEU B 56 -1.09 -22.55 9.35
N PRO B 57 -2.06 -23.02 10.16
CA PRO B 57 -3.19 -23.79 9.63
C PRO B 57 -4.06 -23.04 8.61
N VAL B 58 -4.50 -23.76 7.57
CA VAL B 58 -5.33 -23.21 6.49
C VAL B 58 -6.56 -24.09 6.26
N SER B 59 -6.31 -25.40 6.06
CA SER B 59 -7.38 -26.40 5.96
C SER B 59 -7.49 -27.14 7.28
N GLN B 60 -8.53 -27.94 7.44
CA GLN B 60 -8.67 -28.86 8.57
C GLN B 60 -7.34 -29.59 8.82
N ALA B 61 -6.63 -29.88 7.73
CA ALA B 61 -5.38 -30.61 7.79
C ALA B 61 -4.37 -30.07 6.77
N SER B 62 -4.36 -28.76 6.58
CA SER B 62 -3.33 -28.12 5.76
C SER B 62 -2.66 -26.98 6.49
N TRP B 63 -1.34 -26.95 6.42
CA TRP B 63 -0.53 -25.88 6.99
C TRP B 63 0.24 -25.19 5.85
N ALA B 64 0.40 -23.88 5.96
CA ALA B 64 1.05 -23.10 4.91
C ALA B 64 2.04 -22.08 5.45
N CYS B 65 2.97 -21.70 4.58
CA CYS B 65 4.15 -20.97 5.01
C CYS B 65 4.80 -20.24 3.87
N ASN B 66 5.35 -19.08 4.16
CA ASN B 66 6.13 -18.34 3.18
C ASN B 66 7.57 -18.15 3.60
N LEU B 67 8.49 -18.56 2.74
CA LEU B 67 9.91 -18.34 2.95
C LEU B 67 10.33 -17.11 2.16
N ILE B 68 10.75 -16.06 2.87
CA ILE B 68 11.05 -14.77 2.25
C ILE B 68 12.53 -14.51 2.28
N LEU B 69 13.11 -14.35 1.08
CA LEU B 69 14.55 -14.39 0.91
C LEU B 69 15.21 -13.03 0.65
N GLY B 70 14.40 -11.98 0.49
CA GLY B 70 14.95 -10.64 0.35
C GLY B 70 13.95 -9.69 -0.28
N ALA B 71 14.44 -8.60 -0.85
CA ALA B 71 13.54 -7.65 -1.50
C ALA B 71 12.64 -8.38 -2.49
N PRO B 72 11.38 -7.94 -2.60
CA PRO B 72 10.40 -8.57 -3.50
C PRO B 72 10.95 -8.87 -4.90
N ASP B 73 11.84 -8.03 -5.40
CA ASP B 73 12.35 -8.13 -6.76
C ASP B 73 13.80 -8.56 -6.87
N SER B 74 14.39 -9.00 -5.76
CA SER B 74 15.76 -9.48 -5.78
C SER B 74 15.80 -10.91 -6.27
N GLN B 75 16.79 -11.22 -7.09
CA GLN B 75 17.04 -12.58 -7.53
C GLN B 75 17.89 -13.31 -6.51
N LYS B 76 17.26 -14.18 -5.73
CA LYS B 76 17.97 -14.81 -4.62
C LYS B 76 18.38 -16.25 -4.89
N LEU B 77 17.88 -16.83 -6.00
CA LEU B 77 18.27 -18.19 -6.38
C LEU B 77 18.52 -18.37 -7.88
N THR B 78 19.11 -19.51 -8.25
CA THR B 78 19.46 -19.77 -9.63
C THR B 78 19.06 -21.14 -10.09
N THR B 79 19.07 -21.31 -11.41
CA THR B 79 18.84 -22.59 -12.06
C THR B 79 19.68 -23.75 -11.47
N VAL B 80 20.81 -23.43 -10.84
CA VAL B 80 21.72 -24.44 -10.31
C VAL B 80 21.62 -24.66 -8.81
N ASP B 81 20.90 -23.78 -8.11
CA ASP B 81 20.71 -23.90 -6.68
C ASP B 81 19.86 -25.13 -6.36
N ILE B 82 20.15 -25.78 -5.24
CA ILE B 82 19.25 -26.82 -4.73
C ILE B 82 19.05 -26.55 -3.25
N VAL B 83 17.81 -26.37 -2.84
CA VAL B 83 17.54 -26.06 -1.46
C VAL B 83 16.91 -27.28 -0.80
N THR B 84 17.39 -27.63 0.38
CA THR B 84 16.83 -28.75 1.09
C THR B 84 15.77 -28.26 2.05
N LEU B 85 14.52 -28.45 1.66
CA LEU B 85 13.38 -28.05 2.47
C LEU B 85 13.00 -29.16 3.43
N ARG B 86 12.77 -28.78 4.68
CA ARG B 86 12.53 -29.73 5.75
C ARG B 86 11.34 -29.27 6.59
N VAL B 87 10.46 -30.20 6.93
CA VAL B 87 9.36 -29.90 7.85
C VAL B 87 9.66 -30.46 9.25
N LEU B 88 9.60 -29.58 10.24
CA LEU B 88 10.06 -29.90 11.57
C LEU B 88 9.01 -29.53 12.59
N CYS B 89 8.81 -30.40 13.58
CA CYS B 89 7.87 -30.13 14.65
C CYS B 89 8.49 -30.40 16.00
N ARG B 90 8.07 -29.62 16.99
CA ARG B 90 8.57 -29.71 18.35
C ARG B 90 8.19 -31.03 19.00
N GLU B 91 9.21 -31.79 19.39
CA GLU B 91 9.04 -32.96 20.26
C GLU B 91 9.77 -32.64 21.57
N GLY B 92 9.00 -32.31 22.60
CA GLY B 92 9.55 -31.80 23.86
C GLY B 92 10.46 -30.62 23.59
N VAL B 93 11.76 -30.91 23.56
CA VAL B 93 12.81 -29.90 23.35
C VAL B 93 13.39 -29.96 21.95
N ARG B 94 13.31 -31.14 21.31
CA ARG B 94 14.08 -31.44 20.11
C ARG B 94 13.27 -31.53 18.83
N TRP B 95 13.92 -31.22 17.71
CA TRP B 95 13.26 -31.15 16.42
C TRP B 95 13.11 -32.51 15.75
N ARG B 96 11.87 -32.94 15.52
CA ARG B 96 11.59 -34.16 14.79
C ARG B 96 11.21 -33.85 13.33
N VAL B 97 11.98 -34.38 12.38
CA VAL B 97 11.76 -34.12 10.96
C VAL B 97 10.55 -34.88 10.42
N MET B 98 9.53 -34.13 9.98
CA MET B 98 8.34 -34.73 9.38
C MET B 98 8.57 -35.13 7.92
N ALA B 99 8.95 -34.16 7.10
CA ALA B 99 9.28 -34.42 5.71
C ALA B 99 10.48 -33.59 5.24
N ILE B 100 11.17 -34.12 4.23
CA ILE B 100 12.41 -33.53 3.70
C ILE B 100 12.42 -33.61 2.17
N GLN B 101 12.80 -32.52 1.50
CA GLN B 101 12.69 -32.43 0.04
C GLN B 101 13.87 -31.73 -0.64
N ASP B 102 14.32 -32.26 -1.77
CA ASP B 102 15.37 -31.62 -2.58
C ASP B 102 14.72 -30.65 -3.55
N PHE B 103 14.59 -29.40 -3.15
CA PHE B 103 13.83 -28.44 -3.93
C PHE B 103 14.64 -27.72 -5.02
N LYS B 104 14.37 -28.03 -6.29
CA LYS B 104 14.99 -27.27 -7.40
C LYS B 104 14.15 -26.03 -7.75
N PRO B 105 14.61 -24.85 -7.35
CA PRO B 105 13.68 -23.73 -7.34
C PRO B 105 13.17 -23.37 -8.74
N PHE B 106 13.98 -23.57 -9.78
CA PHE B 106 13.57 -23.27 -11.17
C PHE B 106 12.94 -24.47 -11.87
N GLU B 107 12.52 -25.45 -11.07
CA GLU B 107 11.76 -26.58 -11.55
C GLU B 107 10.42 -26.64 -10.84
N ASN B 108 10.17 -25.63 -10.01
CA ASN B 108 8.93 -25.53 -9.27
C ASN B 108 8.43 -24.09 -9.26
N LEU B 109 8.14 -23.61 -10.45
CA LEU B 109 7.79 -22.21 -10.64
C LEU B 109 6.30 -21.96 -10.65
N ARG B 110 5.93 -20.87 -10.02
CA ARG B 110 4.60 -20.34 -10.13
C ARG B 110 4.77 -18.88 -9.84
N LEU B 111 4.58 -18.05 -10.87
CA LEU B 111 4.76 -16.59 -10.71
C LEU B 111 3.56 -15.94 -10.02
N MET B 112 3.71 -14.67 -9.64
CA MET B 112 2.57 -13.93 -9.07
C MET B 112 1.57 -13.67 -10.18
N ALA B 113 0.32 -13.40 -9.80
CA ALA B 113 -0.72 -13.02 -10.77
C ALA B 113 -0.20 -11.85 -11.60
N PRO B 114 -0.57 -11.79 -12.89
CA PRO B 114 -0.32 -10.51 -13.58
C PRO B 114 -1.09 -9.33 -12.91
N ILE B 115 -0.57 -8.13 -13.06
CA ILE B 115 -1.15 -6.97 -12.39
C ILE B 115 -1.32 -5.76 -13.31
N SER B 116 -2.01 -4.74 -12.79
CA SER B 116 -2.24 -3.48 -13.51
C SER B 116 -2.99 -3.71 -14.80
N LEU B 117 -4.01 -4.57 -14.73
CA LEU B 117 -4.91 -4.74 -15.86
C LEU B 117 -5.59 -3.41 -16.16
N GLN B 118 -5.58 -3.05 -17.43
CA GLN B 118 -6.26 -1.84 -17.83
C GLN B 118 -6.72 -1.87 -19.29
N VAL B 119 -7.84 -1.18 -19.53
CA VAL B 119 -8.38 -1.03 -20.87
C VAL B 119 -7.55 -0.01 -21.60
N VAL B 120 -6.97 -0.41 -22.72
CA VAL B 120 -6.20 0.50 -23.56
C VAL B 120 -7.19 1.28 -24.42
N HIS B 121 -8.17 0.55 -24.97
CA HIS B 121 -9.13 1.08 -25.92
C HIS B 121 -10.38 0.20 -25.95
N VAL B 122 -11.55 0.83 -25.90
CA VAL B 122 -12.81 0.12 -26.06
C VAL B 122 -13.57 0.65 -27.26
N GLU B 123 -14.18 -0.28 -27.98
CA GLU B 123 -15.04 0.03 -29.12
C GLU B 123 -16.39 -0.59 -28.82
N THR B 124 -17.10 -1.01 -29.85
CA THR B 124 -18.43 -1.55 -29.68
C THR B 124 -18.40 -3.08 -29.79
N HIS B 125 -17.47 -3.60 -30.58
CA HIS B 125 -17.29 -5.04 -30.76
C HIS B 125 -15.89 -5.55 -30.39
N ARG B 126 -15.08 -4.64 -29.83
CA ARG B 126 -13.66 -4.89 -29.63
C ARG B 126 -13.19 -4.31 -28.30
N CYS B 127 -12.07 -4.84 -27.81
CA CYS B 127 -11.46 -4.33 -26.59
C CYS B 127 -9.99 -4.72 -26.50
N ASN B 128 -9.11 -3.74 -26.42
CA ASN B 128 -7.71 -4.04 -26.19
C ASN B 128 -7.38 -3.85 -24.72
N ILE B 129 -7.09 -4.94 -24.03
CA ILE B 129 -6.67 -4.89 -22.63
C ILE B 129 -5.18 -5.20 -22.50
N SER B 130 -4.52 -4.62 -21.50
CA SER B 130 -3.12 -4.91 -21.27
C SER B 130 -2.82 -5.10 -19.77
N TRP B 131 -1.77 -5.85 -19.48
CA TRP B 131 -1.31 -6.07 -18.11
C TRP B 131 0.21 -5.97 -17.95
N GLU B 132 0.68 -6.15 -16.72
CA GLU B 132 2.09 -6.28 -16.43
C GLU B 132 2.34 -7.51 -15.57
N ILE B 133 3.51 -8.13 -15.76
CA ILE B 133 3.88 -9.27 -14.93
C ILE B 133 4.59 -8.78 -13.67
N SER B 134 4.16 -9.30 -12.52
CA SER B 134 4.51 -8.71 -11.22
C SER B 134 5.97 -8.93 -10.77
N GLN B 135 6.39 -10.18 -10.63
CA GLN B 135 7.69 -10.48 -10.02
C GLN B 135 8.46 -11.57 -10.79
N ALA B 136 8.67 -11.32 -12.07
CA ALA B 136 9.29 -12.32 -12.93
C ALA B 136 10.80 -12.14 -12.93
N SER B 137 11.52 -13.27 -12.98
CA SER B 137 12.95 -13.22 -13.15
C SER B 137 13.28 -12.63 -14.51
N HIS B 138 14.45 -12.00 -14.62
CA HIS B 138 14.90 -11.53 -15.91
C HIS B 138 15.44 -12.70 -16.69
N TYR B 139 15.58 -13.84 -16.02
CA TYR B 139 16.17 -15.03 -16.63
C TYR B 139 15.22 -15.60 -17.65
N PHE B 140 13.93 -15.31 -17.51
CA PHE B 140 12.94 -15.81 -18.44
C PHE B 140 13.07 -15.26 -19.84
N GLU B 141 13.58 -14.04 -19.98
CA GLU B 141 13.48 -13.30 -21.22
C GLU B 141 12.04 -13.38 -21.72
N ARG B 142 11.87 -13.75 -22.99
CA ARG B 142 10.54 -13.89 -23.60
C ARG B 142 9.91 -15.29 -23.52
N HIS B 143 10.46 -16.17 -22.69
CA HIS B 143 9.98 -17.55 -22.62
C HIS B 143 8.81 -17.69 -21.66
N LEU B 144 7.87 -16.76 -21.79
CA LEU B 144 6.64 -16.79 -21.02
C LEU B 144 5.47 -17.16 -21.90
N GLU B 145 4.35 -17.44 -21.25
CA GLU B 145 3.13 -17.88 -21.89
C GLU B 145 1.98 -17.34 -21.06
N PHE B 146 0.97 -16.82 -21.75
CA PHE B 146 -0.21 -16.27 -21.10
C PHE B 146 -1.50 -17.00 -21.47
N GLU B 147 -2.48 -16.95 -20.57
CA GLU B 147 -3.79 -17.54 -20.81
C GLU B 147 -4.83 -16.63 -20.15
N ALA B 148 -5.90 -16.32 -20.90
CA ALA B 148 -6.97 -15.42 -20.44
C ALA B 148 -8.39 -16.00 -20.64
N ARG B 149 -9.39 -15.34 -20.05
CA ARG B 149 -10.80 -15.76 -20.13
C ARG B 149 -11.74 -14.57 -19.89
N THR B 150 -12.87 -14.55 -20.61
CA THR B 150 -13.82 -13.44 -20.58
C THR B 150 -15.13 -13.87 -19.97
N LEU B 151 -15.61 -13.10 -18.98
CA LEU B 151 -16.94 -13.33 -18.40
C LEU B 151 -18.04 -12.50 -19.10
N SER B 152 -18.86 -13.18 -19.89
CA SER B 152 -19.94 -12.53 -20.61
C SER B 152 -21.30 -12.88 -20.01
N PRO B 153 -22.20 -11.88 -19.91
CA PRO B 153 -23.50 -11.90 -19.25
C PRO B 153 -24.10 -13.28 -18.96
N GLY B 154 -24.26 -14.11 -19.99
CA GLY B 154 -25.04 -15.34 -19.87
C GLY B 154 -24.38 -16.53 -19.18
N HIS B 155 -23.08 -16.41 -18.91
CA HIS B 155 -22.28 -17.56 -18.51
C HIS B 155 -21.47 -17.32 -17.26
N THR B 156 -20.90 -18.41 -16.73
CA THR B 156 -19.99 -18.36 -15.59
C THR B 156 -18.53 -18.53 -16.03
N TRP B 157 -17.60 -18.25 -15.12
CA TRP B 157 -16.17 -18.29 -15.42
C TRP B 157 -15.73 -19.65 -15.97
N GLU B 158 -16.28 -20.71 -15.39
CA GLU B 158 -15.82 -22.04 -15.66
C GLU B 158 -16.35 -22.60 -16.99
N GLU B 159 -17.21 -21.85 -17.66
CA GLU B 159 -17.66 -22.20 -19.01
C GLU B 159 -16.97 -21.33 -20.06
N ALA B 160 -16.18 -20.36 -19.59
CA ALA B 160 -15.52 -19.42 -20.50
C ALA B 160 -14.26 -20.02 -21.11
N PRO B 161 -14.14 -19.97 -22.45
CA PRO B 161 -12.96 -20.37 -23.21
C PRO B 161 -11.63 -19.81 -22.70
N LEU B 162 -10.64 -20.68 -22.54
CA LEU B 162 -9.28 -20.27 -22.21
C LEU B 162 -8.60 -19.79 -23.48
N LEU B 163 -8.28 -18.49 -23.53
CA LEU B 163 -7.62 -17.86 -24.68
C LEU B 163 -6.11 -18.00 -24.52
N THR B 164 -5.45 -18.45 -25.58
CA THR B 164 -4.05 -18.83 -25.45
C THR B 164 -3.08 -17.89 -26.17
N LEU B 165 -2.19 -17.31 -25.39
CA LEU B 165 -1.06 -16.54 -25.90
C LEU B 165 0.24 -17.33 -25.71
N LYS B 166 0.67 -17.98 -26.79
CA LYS B 166 1.87 -18.83 -26.79
C LYS B 166 3.13 -18.02 -27.03
N GLN B 167 3.18 -16.82 -26.47
CA GLN B 167 4.33 -15.96 -26.58
C GLN B 167 4.22 -14.93 -25.47
N LYS B 168 5.23 -14.08 -25.31
CA LYS B 168 5.14 -13.02 -24.30
C LYS B 168 4.52 -11.78 -24.93
N GLN B 169 3.21 -11.72 -24.79
CA GLN B 169 2.39 -10.65 -25.30
C GLN B 169 1.66 -10.20 -24.06
N GLU B 170 1.90 -8.95 -23.66
CA GLU B 170 1.31 -8.42 -22.43
C GLU B 170 0.08 -7.54 -22.76
N TRP B 171 -0.68 -7.99 -23.75
CA TRP B 171 -1.95 -7.38 -24.15
C TRP B 171 -2.79 -8.33 -24.99
N ILE B 172 -4.11 -8.16 -24.97
CA ILE B 172 -4.97 -8.95 -25.82
C ILE B 172 -6.03 -8.09 -26.44
N CYS B 173 -6.40 -8.43 -27.66
CA CYS B 173 -7.43 -7.71 -28.36
C CYS B 173 -8.62 -8.60 -28.65
N LEU B 174 -9.59 -8.57 -27.74
CA LEU B 174 -10.88 -9.26 -27.85
C LEU B 174 -11.80 -8.74 -28.98
N GLU B 175 -12.20 -9.64 -29.88
CA GLU B 175 -13.07 -9.37 -31.03
C GLU B 175 -14.45 -10.00 -30.87
N THR B 176 -15.43 -9.52 -31.64
CA THR B 176 -16.80 -10.07 -31.65
C THR B 176 -17.48 -9.94 -30.27
N LEU B 177 -17.41 -8.75 -29.69
CA LEU B 177 -18.11 -8.47 -28.46
C LEU B 177 -19.43 -7.77 -28.77
N THR B 178 -20.37 -7.90 -27.84
CA THR B 178 -21.69 -7.30 -28.00
C THR B 178 -21.63 -5.85 -27.53
N PRO B 179 -22.22 -4.93 -28.31
CA PRO B 179 -22.30 -3.52 -27.93
C PRO B 179 -22.97 -3.29 -26.58
N ASP B 180 -22.47 -2.29 -25.86
CA ASP B 180 -23.03 -1.82 -24.60
C ASP B 180 -23.30 -2.92 -23.60
N THR B 181 -22.31 -3.77 -23.43
CA THR B 181 -22.43 -4.90 -22.53
C THR B 181 -21.27 -4.90 -21.56
N GLN B 182 -21.55 -5.35 -20.34
CA GLN B 182 -20.53 -5.43 -19.31
C GLN B 182 -19.82 -6.77 -19.41
N TYR B 183 -18.50 -6.72 -19.35
CA TYR B 183 -17.69 -7.92 -19.35
C TYR B 183 -16.72 -7.89 -18.19
N GLU B 184 -16.10 -9.04 -17.91
CA GLU B 184 -15.01 -9.12 -16.95
C GLU B 184 -13.84 -9.90 -17.55
N PHE B 185 -12.63 -9.51 -17.19
CA PHE B 185 -11.45 -10.08 -17.82
C PHE B 185 -10.37 -10.56 -16.85
N GLN B 186 -9.84 -11.75 -17.13
CA GLN B 186 -8.78 -12.40 -16.34
C GLN B 186 -7.62 -13.01 -17.13
N VAL B 187 -6.45 -13.00 -16.52
CA VAL B 187 -5.24 -13.47 -17.20
C VAL B 187 -4.23 -14.16 -16.23
N ARG B 188 -3.45 -15.10 -16.75
CA ARG B 188 -2.41 -15.75 -15.93
C ARG B 188 -1.16 -16.14 -16.74
N VAL B 189 -0.07 -16.44 -16.03
CA VAL B 189 1.24 -16.67 -16.67
C VAL B 189 1.85 -18.00 -16.31
N LYS B 190 2.76 -18.45 -17.17
CA LYS B 190 3.58 -19.62 -16.89
C LYS B 190 4.88 -19.46 -17.63
N PRO B 191 6.03 -19.65 -16.94
CA PRO B 191 7.28 -19.73 -17.70
C PRO B 191 7.36 -21.09 -18.39
N LEU B 192 8.12 -21.19 -19.48
CA LEU B 192 8.28 -22.47 -20.16
C LEU B 192 9.15 -23.45 -19.35
N GLN B 193 10.14 -22.92 -18.65
CA GLN B 193 11.04 -23.72 -17.85
C GLN B 193 10.41 -24.28 -16.58
N GLY B 194 10.88 -25.47 -16.18
CA GLY B 194 10.46 -26.11 -14.94
C GLY B 194 9.59 -27.32 -15.21
N GLU B 195 10.01 -28.49 -14.74
CA GLU B 195 9.22 -29.70 -14.91
C GLU B 195 7.95 -29.76 -14.05
N PHE B 196 7.93 -29.02 -12.94
CA PHE B 196 6.73 -28.99 -12.10
C PHE B 196 6.12 -27.58 -12.00
N THR B 197 6.38 -26.78 -13.02
CA THR B 197 5.94 -25.40 -13.09
C THR B 197 4.44 -25.32 -13.38
N THR B 198 3.72 -24.49 -12.65
CA THR B 198 2.29 -24.28 -12.88
C THR B 198 1.94 -22.88 -13.28
N TRP B 199 0.69 -22.70 -13.70
CA TRP B 199 0.14 -21.39 -14.00
C TRP B 199 0.07 -20.56 -12.74
N SER B 200 0.14 -19.25 -12.91
CA SER B 200 -0.03 -18.34 -11.79
C SER B 200 -1.46 -18.44 -11.37
N PRO B 201 -1.79 -17.98 -10.16
CA PRO B 201 -3.19 -17.70 -9.94
C PRO B 201 -3.67 -16.63 -10.93
N TRP B 202 -4.98 -16.47 -11.04
CA TRP B 202 -5.58 -15.51 -11.97
C TRP B 202 -5.46 -14.09 -11.44
N SER B 203 -5.38 -13.13 -12.36
CA SER B 203 -5.41 -11.71 -12.02
C SER B 203 -6.71 -11.33 -11.32
N GLN B 204 -6.73 -10.19 -10.64
CA GLN B 204 -8.02 -9.57 -10.27
C GLN B 204 -8.82 -9.40 -11.57
N PRO B 205 -10.13 -9.72 -11.56
CA PRO B 205 -10.84 -9.51 -12.81
C PRO B 205 -11.01 -8.03 -13.10
N LEU B 206 -10.77 -7.64 -14.34
CA LEU B 206 -10.94 -6.26 -14.76
C LEU B 206 -12.36 -6.11 -15.26
N ALA B 207 -13.12 -5.20 -14.65
CA ALA B 207 -14.48 -4.93 -15.10
C ALA B 207 -14.46 -3.88 -16.19
N PHE B 208 -15.13 -4.13 -17.31
CA PHE B 208 -15.22 -3.13 -18.35
C PHE B 208 -16.51 -3.26 -19.14
N ARG B 209 -16.82 -2.21 -19.90
CA ARG B 209 -18.06 -2.13 -20.66
C ARG B 209 -17.80 -1.65 -22.09
N THR B 210 -18.35 -2.37 -23.06
CA THR B 210 -18.31 -1.93 -24.44
C THR B 210 -19.18 -0.70 -24.70
N LYS B 211 -19.10 -0.17 -25.90
CA LYS B 211 -19.75 1.10 -26.23
C LYS B 211 -21.00 0.87 -27.07
N THR B 212 -22.02 1.71 -26.85
CA THR B 212 -23.24 1.68 -27.65
C THR B 212 -22.98 1.93 -29.14
N GLY B 213 -23.86 1.40 -29.99
CA GLY B 213 -23.80 1.66 -31.43
C GLY B 213 -24.95 2.55 -31.86
N HIS B 214 -25.03 2.87 -33.15
CA HIS B 214 -26.13 3.71 -33.66
C HIS B 214 -27.09 2.96 -34.59
N THR C 37 46.33 12.91 -43.23
CA THR C 37 45.03 12.20 -43.45
C THR C 37 44.80 12.00 -44.95
N LEU C 38 44.54 10.75 -45.32
CA LEU C 38 44.18 10.37 -46.69
C LEU C 38 43.32 9.09 -46.63
N PRO C 39 42.06 9.23 -46.16
CA PRO C 39 41.15 8.13 -45.79
C PRO C 39 41.01 7.00 -46.82
N LEU C 40 40.81 5.78 -46.32
CA LEU C 40 40.45 4.64 -47.16
C LEU C 40 39.02 4.23 -46.83
N PRO C 41 38.25 3.82 -47.87
CA PRO C 41 36.86 3.36 -47.77
C PRO C 41 36.63 2.39 -46.61
N GLU C 42 35.52 2.58 -45.89
CA GLU C 42 35.16 1.67 -44.82
C GLU C 42 34.73 0.34 -45.46
N VAL C 43 35.27 -0.75 -44.91
CA VAL C 43 34.88 -2.09 -45.35
C VAL C 43 33.68 -2.57 -44.56
N GLN C 44 32.73 -3.18 -45.27
CA GLN C 44 31.55 -3.78 -44.66
C GLN C 44 31.56 -5.29 -44.83
N CYS C 45 31.29 -6.02 -43.75
CA CYS C 45 31.08 -7.47 -43.87
C CYS C 45 29.73 -7.95 -43.37
N PHE C 46 29.10 -8.79 -44.18
CA PHE C 46 27.89 -9.50 -43.78
C PHE C 46 28.04 -10.98 -44.03
N VAL C 47 27.69 -11.76 -43.01
CA VAL C 47 27.71 -13.21 -43.07
C VAL C 47 26.30 -13.67 -43.34
N PHE C 48 26.10 -14.30 -44.51
CA PHE C 48 24.77 -14.68 -45.01
C PHE C 48 24.32 -16.06 -44.60
N ASN C 49 23.53 -16.11 -43.54
CA ASN C 49 23.00 -17.36 -42.99
C ASN C 49 24.13 -18.32 -42.69
N VAL C 50 25.25 -17.78 -42.22
CA VAL C 50 26.47 -18.55 -42.00
C VAL C 50 26.89 -19.49 -43.17
N GLU C 51 26.48 -19.15 -44.39
CA GLU C 51 26.87 -19.97 -45.52
C GLU C 51 28.08 -19.37 -46.26
N TYR C 52 28.24 -18.06 -46.13
CA TYR C 52 29.36 -17.31 -46.74
C TYR C 52 29.39 -15.86 -46.28
N MET C 53 30.35 -15.10 -46.76
CA MET C 53 30.49 -13.69 -46.35
C MET C 53 30.80 -12.80 -47.56
N ASN C 54 30.13 -11.65 -47.62
CA ASN C 54 30.50 -10.61 -48.58
C ASN C 54 31.18 -9.49 -47.80
N CYS C 55 32.38 -9.10 -48.23
CA CYS C 55 32.95 -7.86 -47.74
C CYS C 55 33.08 -6.90 -48.90
N THR C 56 32.62 -5.67 -48.69
CA THR C 56 32.62 -4.66 -49.74
C THR C 56 33.11 -3.30 -49.27
N TRP C 57 33.43 -2.46 -50.25
CA TRP C 57 33.73 -1.05 -50.04
C TRP C 57 33.37 -0.37 -51.35
N GLN C 58 33.01 0.91 -51.30
CA GLN C 58 32.83 1.66 -52.55
C GLN C 58 34.05 2.51 -52.80
N SER C 59 34.77 2.17 -53.87
CA SER C 59 36.12 2.66 -54.10
C SER C 59 36.18 4.03 -54.78
N SER C 60 35.15 4.34 -55.57
CA SER C 60 35.12 5.51 -56.48
C SER C 60 35.36 6.88 -55.83
N SER C 61 35.34 6.91 -54.50
CA SER C 61 35.61 8.13 -53.74
C SER C 61 37.12 8.39 -53.60
N GLU C 62 37.84 8.37 -54.72
CA GLU C 62 39.30 8.57 -54.77
C GLU C 62 39.75 8.76 -56.21
N PRO C 63 40.32 9.93 -56.53
CA PRO C 63 41.03 10.14 -57.79
C PRO C 63 41.94 8.95 -58.12
N GLN C 64 42.08 8.63 -59.41
CA GLN C 64 42.82 7.43 -59.85
C GLN C 64 42.14 6.12 -59.44
N PRO C 65 41.32 5.52 -60.34
CA PRO C 65 40.78 4.19 -60.07
C PRO C 65 41.88 3.21 -59.63
N THR C 66 41.65 2.52 -58.52
CA THR C 66 42.70 1.72 -57.89
C THR C 66 42.23 0.35 -57.45
N ASN C 67 42.89 -0.69 -57.98
CA ASN C 67 42.67 -2.07 -57.54
C ASN C 67 43.22 -2.25 -56.11
N LEU C 68 42.39 -1.91 -55.12
CA LEU C 68 42.75 -2.06 -53.72
C LEU C 68 42.74 -3.53 -53.35
N THR C 69 43.63 -3.96 -52.47
CA THR C 69 43.72 -5.38 -52.11
C THR C 69 43.36 -5.60 -50.65
N LEU C 70 42.76 -6.76 -50.36
CA LEU C 70 42.28 -7.06 -49.03
C LEU C 70 42.92 -8.31 -48.43
N HIS C 71 43.41 -8.17 -47.19
CA HIS C 71 43.97 -9.28 -46.45
C HIS C 71 43.22 -9.45 -45.13
N TYR C 72 43.29 -10.63 -44.54
CA TYR C 72 42.61 -10.90 -43.28
C TYR C 72 43.27 -12.00 -42.47
N TRP C 73 43.10 -11.94 -41.15
CA TRP C 73 43.50 -13.03 -40.26
C TRP C 73 42.62 -12.98 -39.02
N TYR C 74 42.61 -14.05 -38.25
CA TYR C 74 41.82 -14.10 -37.02
C TYR C 74 42.69 -13.88 -35.79
N LYS C 75 42.28 -12.95 -34.94
CA LYS C 75 43.13 -12.56 -33.79
C LYS C 75 43.28 -13.62 -32.72
N ASN C 76 44.39 -13.51 -31.99
CA ASN C 76 44.71 -14.37 -30.83
C ASN C 76 44.10 -15.76 -30.91
N SER C 77 44.57 -16.52 -31.91
CA SER C 77 44.04 -17.85 -32.17
C SER C 77 45.02 -18.78 -32.89
N ASP C 78 44.56 -20.01 -33.13
CA ASP C 78 45.18 -20.93 -34.09
C ASP C 78 45.05 -20.34 -35.49
N ASN C 79 46.05 -20.63 -36.33
CA ASN C 79 46.14 -20.04 -37.67
C ASN C 79 45.98 -18.51 -37.66
N ASP C 80 46.85 -17.86 -36.90
CA ASP C 80 46.98 -16.41 -36.90
C ASP C 80 47.98 -16.04 -38.02
N LYS C 81 47.76 -16.64 -39.18
CA LYS C 81 48.53 -16.40 -40.39
C LYS C 81 47.74 -15.44 -41.24
N VAL C 82 48.42 -14.62 -42.04
CA VAL C 82 47.75 -13.66 -42.90
C VAL C 82 47.24 -14.34 -44.17
N GLN C 83 46.07 -13.90 -44.64
CA GLN C 83 45.42 -14.50 -45.79
C GLN C 83 45.13 -13.46 -46.85
N LYS C 84 45.49 -13.78 -48.08
CA LYS C 84 45.07 -13.00 -49.24
C LYS C 84 43.60 -13.33 -49.57
N CYS C 85 42.97 -12.51 -50.40
CA CYS C 85 41.53 -12.62 -50.64
C CYS C 85 41.17 -13.80 -51.53
N SER C 86 41.94 -14.03 -52.59
CA SER C 86 41.71 -15.14 -53.54
C SER C 86 40.33 -15.16 -54.29
N HIS C 87 39.37 -14.36 -53.83
CA HIS C 87 38.08 -14.27 -54.51
C HIS C 87 37.50 -12.86 -54.55
N TYR C 88 37.91 -12.10 -55.56
CA TYR C 88 37.62 -10.67 -55.64
C TYR C 88 36.34 -10.34 -56.40
N LEU C 89 35.53 -9.48 -55.80
CA LEU C 89 34.34 -8.90 -56.43
C LEU C 89 34.73 -7.60 -57.10
N PHE C 90 34.22 -7.37 -58.31
CA PHE C 90 34.60 -6.19 -59.08
C PHE C 90 33.43 -5.24 -59.29
N SER C 91 33.75 -3.98 -59.55
CA SER C 91 32.77 -2.99 -59.95
C SER C 91 33.44 -2.04 -60.93
N GLU C 92 33.11 -2.20 -62.21
CA GLU C 92 33.68 -1.37 -63.29
C GLU C 92 35.19 -1.56 -63.48
N GLU C 93 35.64 -2.81 -63.36
CA GLU C 93 37.04 -3.22 -63.55
C GLU C 93 37.98 -2.80 -62.41
N ILE C 94 37.39 -2.56 -61.23
CA ILE C 94 38.11 -2.11 -60.04
C ILE C 94 37.55 -2.87 -58.85
N THR C 95 38.42 -3.54 -58.08
CA THR C 95 37.96 -4.36 -56.94
C THR C 95 37.03 -3.58 -56.01
N SER C 96 36.05 -4.29 -55.49
CA SER C 96 34.92 -3.69 -54.82
C SER C 96 34.46 -4.53 -53.66
N GLY C 97 35.00 -5.73 -53.58
CA GLY C 97 34.65 -6.67 -52.53
C GLY C 97 35.35 -8.01 -52.63
N CYS C 98 35.02 -8.89 -51.69
CA CYS C 98 35.72 -10.15 -51.53
C CYS C 98 34.75 -11.12 -50.89
N GLN C 99 34.53 -12.27 -51.53
CA GLN C 99 33.61 -13.28 -51.00
C GLN C 99 34.34 -14.46 -50.36
N LEU C 100 34.14 -14.64 -49.06
CA LEU C 100 34.74 -15.75 -48.31
C LEU C 100 33.74 -16.87 -48.07
N GLN C 101 34.26 -18.09 -48.16
CA GLN C 101 33.47 -19.30 -48.01
C GLN C 101 33.35 -19.72 -46.55
N LYS C 102 32.48 -20.69 -46.29
CA LYS C 102 32.22 -21.25 -44.95
C LYS C 102 33.50 -21.73 -44.25
N LYS C 103 34.36 -22.45 -44.99
CA LYS C 103 35.66 -22.91 -44.48
C LYS C 103 36.46 -21.77 -43.87
N GLU C 104 36.39 -20.61 -44.50
CA GLU C 104 37.16 -19.45 -44.05
C GLU C 104 36.48 -18.66 -42.93
N ILE C 105 35.26 -19.04 -42.57
CA ILE C 105 34.51 -18.33 -41.53
C ILE C 105 34.64 -18.99 -40.16
N HIS C 106 34.99 -18.19 -39.16
CA HIS C 106 34.98 -18.63 -37.79
C HIS C 106 34.33 -17.54 -36.98
N LEU C 107 33.02 -17.60 -36.77
CA LEU C 107 32.41 -16.65 -35.85
C LEU C 107 33.04 -16.88 -34.49
N TYR C 108 32.90 -15.94 -33.58
CA TYR C 108 33.37 -16.17 -32.21
C TYR C 108 34.88 -16.00 -32.07
N GLN C 109 35.57 -15.86 -33.19
CA GLN C 109 36.96 -15.40 -33.20
C GLN C 109 37.04 -14.03 -33.88
N THR C 110 37.78 -13.11 -33.26
CA THR C 110 37.86 -11.75 -33.77
C THR C 110 38.47 -11.74 -35.17
N PHE C 111 37.67 -11.32 -36.14
CA PHE C 111 38.08 -11.27 -37.53
C PHE C 111 38.76 -9.93 -37.84
N VAL C 112 40.00 -9.99 -38.29
CA VAL C 112 40.73 -8.78 -38.66
C VAL C 112 40.97 -8.69 -40.17
N VAL C 113 40.45 -7.61 -40.76
CA VAL C 113 40.60 -7.30 -42.17
C VAL C 113 41.42 -6.04 -42.33
N GLN C 114 41.99 -5.86 -43.52
CA GLN C 114 42.79 -4.71 -43.84
C GLN C 114 42.71 -4.40 -45.33
N LEU C 115 42.33 -3.17 -45.65
CA LEU C 115 42.41 -2.67 -47.01
C LEU C 115 43.80 -2.09 -47.22
N GLN C 116 44.42 -2.44 -48.34
CA GLN C 116 45.80 -2.04 -48.63
C GLN C 116 45.92 -1.37 -50.01
N ASP C 117 46.47 -0.16 -50.04
CA ASP C 117 46.78 0.51 -51.30
C ASP C 117 48.04 -0.13 -51.91
N PRO C 118 47.96 -0.58 -53.18
CA PRO C 118 49.03 -1.30 -53.86
C PRO C 118 50.27 -0.46 -54.17
N ARG C 119 50.08 0.85 -54.38
CA ARG C 119 51.20 1.75 -54.68
C ARG C 119 51.82 2.33 -53.42
N GLU C 120 50.99 2.82 -52.49
CA GLU C 120 51.49 3.29 -51.20
C GLU C 120 51.00 2.45 -50.00
N PRO C 121 51.86 1.52 -49.53
CA PRO C 121 51.67 0.70 -48.34
C PRO C 121 51.32 1.51 -47.10
N ARG C 122 52.12 2.54 -46.82
CA ARG C 122 51.95 3.41 -45.64
C ARG C 122 50.53 3.94 -45.46
N ARG C 123 49.62 3.50 -46.32
CA ARG C 123 48.21 3.84 -46.17
C ARG C 123 47.33 2.60 -46.26
N GLN C 124 46.98 2.11 -45.07
CA GLN C 124 46.19 0.89 -44.89
C GLN C 124 45.22 1.13 -43.74
N ALA C 125 44.00 0.62 -43.90
CA ALA C 125 43.00 0.70 -42.84
C ALA C 125 42.55 -0.69 -42.40
N THR C 126 42.76 -0.99 -41.12
CA THR C 126 42.37 -2.28 -40.53
C THR C 126 41.21 -2.11 -39.56
N GLN C 127 40.39 -3.17 -39.44
CA GLN C 127 39.25 -3.16 -38.54
C GLN C 127 39.13 -4.52 -37.88
N MET C 128 38.63 -4.50 -36.65
CA MET C 128 38.33 -5.74 -35.94
C MET C 128 36.84 -5.92 -35.92
N LEU C 129 36.39 -7.01 -36.53
CA LEU C 129 34.97 -7.33 -36.66
C LEU C 129 34.54 -8.46 -35.75
N LYS C 130 33.32 -8.38 -35.23
CA LYS C 130 32.73 -9.51 -34.52
C LYS C 130 31.71 -10.20 -35.44
N LEU C 131 32.19 -11.19 -36.19
CA LEU C 131 31.40 -11.87 -37.20
C LEU C 131 30.04 -12.38 -36.70
N GLN C 132 29.98 -12.82 -35.46
CA GLN C 132 28.71 -13.28 -34.94
C GLN C 132 27.66 -12.17 -34.78
N ASN C 133 28.05 -10.90 -34.88
CA ASN C 133 27.08 -9.80 -34.91
C ASN C 133 26.68 -9.34 -36.32
N LEU C 134 27.18 -10.02 -37.35
CA LEU C 134 26.95 -9.61 -38.74
C LEU C 134 26.28 -10.70 -39.56
N VAL C 135 25.55 -11.57 -38.89
CA VAL C 135 24.80 -12.61 -39.59
C VAL C 135 23.45 -12.03 -40.00
N ILE C 136 23.10 -12.18 -41.27
CA ILE C 136 21.70 -12.01 -41.69
C ILE C 136 21.20 -13.41 -42.04
N PRO C 137 20.03 -13.80 -41.52
CA PRO C 137 19.47 -15.06 -41.98
C PRO C 137 18.61 -14.86 -43.20
N TRP C 138 18.26 -15.96 -43.86
CA TRP C 138 17.30 -15.95 -44.95
C TRP C 138 15.89 -15.74 -44.37
N ALA C 139 14.94 -15.34 -45.22
CA ALA C 139 13.57 -15.07 -44.79
C ALA C 139 12.87 -16.35 -44.35
N PRO C 140 12.07 -16.30 -43.26
CA PRO C 140 11.13 -17.36 -42.90
C PRO C 140 10.34 -17.93 -44.08
N GLU C 141 10.00 -19.21 -43.97
CA GLU C 141 9.42 -20.00 -45.05
C GLU C 141 8.26 -20.88 -44.57
N ASN C 142 7.52 -21.48 -45.52
CA ASN C 142 6.44 -22.40 -45.20
C ASN C 142 5.47 -21.81 -44.17
N LEU C 143 5.12 -20.54 -44.34
CA LEU C 143 4.15 -19.91 -43.44
C LEU C 143 2.84 -20.69 -43.48
N THR C 144 2.34 -21.06 -42.32
CA THR C 144 1.11 -21.82 -42.22
C THR C 144 0.27 -21.35 -41.05
N LEU C 145 -1.04 -21.36 -41.26
CA LEU C 145 -2.02 -21.04 -40.23
C LEU C 145 -2.86 -22.28 -39.94
N HIS C 146 -3.24 -22.45 -38.68
CA HIS C 146 -4.24 -23.46 -38.33
C HIS C 146 -5.06 -23.09 -37.09
N LYS C 147 -6.34 -23.44 -37.12
CA LYS C 147 -7.25 -23.16 -36.02
C LYS C 147 -6.98 -24.09 -34.85
N LEU C 148 -7.00 -23.54 -33.65
CA LEU C 148 -7.08 -24.38 -32.45
C LEU C 148 -8.42 -24.16 -31.74
N SER C 149 -9.26 -23.36 -32.39
CA SER C 149 -10.64 -23.10 -32.00
C SER C 149 -11.28 -22.31 -33.14
N GLU C 150 -12.60 -22.15 -33.07
CA GLU C 150 -13.35 -21.29 -34.00
C GLU C 150 -12.74 -19.88 -34.02
N SER C 151 -12.41 -19.38 -32.83
CA SER C 151 -11.96 -18.00 -32.67
C SER C 151 -10.46 -17.88 -32.42
N GLN C 152 -9.76 -19.01 -32.35
CA GLN C 152 -8.32 -18.99 -32.09
C GLN C 152 -7.56 -19.70 -33.19
N LEU C 153 -6.58 -18.99 -33.75
CA LEU C 153 -5.70 -19.61 -34.74
C LEU C 153 -4.24 -19.29 -34.47
N GLU C 154 -3.36 -20.19 -34.91
CA GLU C 154 -1.94 -20.15 -34.61
C GLU C 154 -1.16 -20.17 -35.91
N LEU C 155 -0.04 -19.44 -35.93
CA LEU C 155 0.79 -19.30 -37.11
C LEU C 155 2.16 -19.97 -36.91
N ASN C 156 2.56 -20.81 -37.86
CA ASN C 156 3.89 -21.43 -37.86
C ASN C 156 4.70 -21.12 -39.10
N TRP C 157 6.03 -21.16 -38.97
CA TRP C 157 6.94 -20.98 -40.11
C TRP C 157 8.28 -21.66 -39.90
N ASN C 158 9.00 -21.84 -41.00
CA ASN C 158 10.32 -22.44 -41.00
C ASN C 158 11.43 -21.45 -41.32
N ASN C 159 12.63 -21.76 -40.83
CA ASN C 159 13.84 -21.05 -41.26
C ASN C 159 14.86 -22.04 -41.76
N ARG C 160 15.56 -21.65 -42.81
CA ARG C 160 16.51 -22.52 -43.46
C ARG C 160 17.41 -23.27 -42.48
N PHE C 161 18.40 -22.63 -41.86
CA PHE C 161 19.23 -23.50 -41.03
C PHE C 161 19.24 -23.25 -39.54
N LEU C 162 19.82 -22.13 -39.13
CA LEU C 162 19.84 -21.74 -37.74
C LEU C 162 18.40 -21.84 -37.24
N ASN C 163 18.23 -21.96 -35.93
CA ASN C 163 16.90 -22.16 -35.35
C ASN C 163 16.85 -21.69 -33.93
N HIS C 164 17.38 -22.49 -33.00
CA HIS C 164 17.60 -22.06 -31.62
C HIS C 164 18.30 -20.68 -31.52
N CYS C 165 18.80 -20.16 -32.63
CA CYS C 165 19.59 -18.95 -32.61
C CYS C 165 18.80 -17.71 -32.98
N LEU C 166 17.65 -17.94 -33.60
CA LEU C 166 16.88 -16.87 -34.18
C LEU C 166 15.78 -16.39 -33.24
N GLU C 167 15.45 -15.10 -33.37
CA GLU C 167 14.24 -14.52 -32.83
C GLU C 167 13.48 -13.93 -34.03
N HIS C 168 12.24 -13.49 -33.83
CA HIS C 168 11.41 -13.12 -34.96
C HIS C 168 10.50 -12.00 -34.63
N LEU C 169 10.03 -11.34 -35.69
CA LEU C 169 9.04 -10.33 -35.59
C LEU C 169 7.88 -10.79 -36.43
N VAL C 170 6.72 -10.92 -35.81
CA VAL C 170 5.48 -11.16 -36.57
C VAL C 170 4.75 -9.84 -36.70
N GLN C 171 4.26 -9.60 -37.91
CA GLN C 171 3.43 -8.45 -38.20
C GLN C 171 2.13 -8.92 -38.87
N TYR C 172 1.01 -8.46 -38.37
CA TYR C 172 -0.26 -8.71 -39.02
C TYR C 172 -1.14 -7.47 -39.10
N ARG C 173 -2.03 -7.44 -40.08
CA ARG C 173 -3.08 -6.42 -40.17
C ARG C 173 -4.33 -6.92 -40.87
N THR C 174 -5.44 -6.21 -40.68
CA THR C 174 -6.69 -6.52 -41.38
C THR C 174 -6.96 -5.52 -42.50
N ASP C 175 -8.14 -5.64 -43.11
CA ASP C 175 -8.60 -4.67 -44.11
C ASP C 175 -8.96 -3.34 -43.46
N TRP C 176 -9.08 -3.36 -42.13
CA TRP C 176 -9.60 -2.24 -41.38
C TRP C 176 -8.49 -1.40 -40.73
N ASP C 177 -7.32 -2.01 -40.55
CA ASP C 177 -6.19 -1.36 -39.87
C ASP C 177 -5.45 -0.40 -40.79
N HIS C 178 -4.96 0.69 -40.20
CA HIS C 178 -4.20 1.70 -40.93
C HIS C 178 -2.69 1.44 -40.87
N SER C 179 -2.30 0.37 -40.16
CA SER C 179 -0.88 0.01 -39.96
C SER C 179 -0.73 -1.41 -39.42
N TRP C 180 0.50 -1.89 -39.30
CA TRP C 180 0.75 -3.24 -38.82
C TRP C 180 0.69 -3.35 -37.31
N THR C 181 0.49 -4.57 -36.83
CA THR C 181 0.63 -4.89 -35.42
C THR C 181 1.79 -5.87 -35.34
N GLU C 182 2.85 -5.50 -34.63
CA GLU C 182 3.99 -6.41 -34.50
C GLU C 182 4.13 -7.05 -33.13
N GLN C 183 4.98 -8.05 -33.06
CA GLN C 183 5.16 -8.84 -31.85
C GLN C 183 6.39 -9.71 -32.06
N SER C 184 7.32 -9.63 -31.12
CA SER C 184 8.54 -10.38 -31.24
C SER C 184 8.38 -11.74 -30.60
N VAL C 185 9.11 -12.71 -31.14
CA VAL C 185 8.89 -14.13 -30.85
C VAL C 185 10.22 -14.87 -30.65
N ASP C 186 10.36 -15.61 -29.55
CA ASP C 186 11.59 -16.35 -29.25
C ASP C 186 11.79 -17.58 -30.17
N TYR C 187 12.52 -18.59 -29.70
CA TYR C 187 12.87 -19.71 -30.57
C TYR C 187 11.72 -20.59 -31.03
N ARG C 188 10.64 -20.71 -30.24
CA ARG C 188 9.39 -21.25 -30.77
C ARG C 188 9.12 -20.44 -32.04
N HIS C 189 8.60 -21.07 -33.07
CA HIS C 189 8.30 -20.27 -34.25
C HIS C 189 6.81 -20.36 -34.41
N LYS C 190 6.12 -19.92 -33.36
CA LYS C 190 4.69 -19.98 -33.25
C LYS C 190 4.21 -18.59 -32.90
N PHE C 191 3.03 -18.25 -33.40
CA PHE C 191 2.33 -17.05 -32.95
C PHE C 191 0.84 -17.29 -32.75
N SER C 192 0.37 -17.04 -31.53
CA SER C 192 -1.04 -17.16 -31.16
C SER C 192 -1.86 -15.97 -31.57
N LEU C 193 -3.06 -16.24 -32.06
CA LEU C 193 -4.04 -15.20 -32.24
C LEU C 193 -5.35 -15.66 -31.58
N PRO C 194 -5.50 -15.34 -30.28
CA PRO C 194 -6.56 -15.86 -29.41
C PRO C 194 -7.95 -15.34 -29.76
N SER C 195 -8.01 -14.27 -30.54
CA SER C 195 -9.30 -13.67 -30.91
C SER C 195 -9.29 -13.14 -32.33
N VAL C 196 -9.89 -13.89 -33.26
CA VAL C 196 -10.00 -13.46 -34.65
C VAL C 196 -11.43 -13.09 -35.02
N ASP C 197 -11.56 -11.98 -35.74
CA ASP C 197 -12.82 -11.57 -36.34
C ASP C 197 -12.88 -12.25 -37.70
N GLY C 198 -13.57 -13.39 -37.78
CA GLY C 198 -13.64 -14.19 -39.01
C GLY C 198 -14.11 -13.43 -40.24
N GLN C 199 -14.72 -12.28 -39.97
CA GLN C 199 -15.29 -11.43 -41.01
C GLN C 199 -14.24 -10.56 -41.69
N LYS C 200 -13.29 -10.04 -40.91
CA LYS C 200 -12.17 -9.30 -41.48
C LYS C 200 -11.27 -10.24 -42.30
N ARG C 201 -10.35 -9.66 -43.07
CA ARG C 201 -9.37 -10.44 -43.83
C ARG C 201 -7.93 -10.11 -43.37
N TYR C 202 -7.19 -11.12 -42.91
CA TYR C 202 -5.88 -10.94 -42.25
C TYR C 202 -4.68 -11.14 -43.17
N THR C 203 -3.68 -10.25 -43.06
CA THR C 203 -2.40 -10.37 -43.80
C THR C 203 -1.23 -10.57 -42.81
N PHE C 204 -0.63 -11.76 -42.86
CA PHE C 204 0.47 -12.14 -41.96
C PHE C 204 1.83 -12.17 -42.64
N ARG C 205 2.87 -11.76 -41.89
CA ARG C 205 4.26 -11.86 -42.33
C ARG C 205 5.28 -11.88 -41.19
N VAL C 206 6.46 -12.43 -41.48
CA VAL C 206 7.47 -12.67 -40.46
C VAL C 206 8.88 -12.37 -41.00
N ARG C 207 9.76 -11.89 -40.12
CA ARG C 207 11.18 -11.84 -40.40
C ARG C 207 12.00 -12.33 -39.20
N SER C 208 13.21 -12.82 -39.45
CA SER C 208 14.01 -13.43 -38.40
C SER C 208 15.32 -12.68 -38.23
N ARG C 209 16.03 -12.92 -37.12
CA ARG C 209 17.27 -12.20 -36.78
C ARG C 209 18.17 -12.99 -35.80
N PHE C 210 19.48 -12.96 -36.04
CA PHE C 210 20.46 -13.78 -35.32
C PHE C 210 20.82 -13.14 -33.98
N ASN C 211 19.93 -13.25 -33.00
CA ASN C 211 20.06 -12.54 -31.75
C ASN C 211 19.06 -13.10 -30.73
N PRO C 212 19.37 -13.04 -29.41
CA PRO C 212 20.58 -12.74 -28.70
C PRO C 212 21.32 -13.96 -28.17
N LEU C 213 20.96 -15.17 -28.61
CA LEU C 213 21.53 -16.39 -28.03
C LEU C 213 22.87 -16.84 -28.60
N CYS C 214 23.01 -16.88 -29.91
CA CYS C 214 24.24 -17.33 -30.53
C CYS C 214 25.02 -16.15 -31.09
N GLY C 215 24.36 -15.00 -31.14
CA GLY C 215 24.97 -13.77 -31.60
C GLY C 215 24.21 -12.55 -31.12
N SER C 216 24.71 -11.38 -31.46
CA SER C 216 24.04 -10.14 -31.12
C SER C 216 23.78 -9.35 -32.39
N ALA C 217 23.49 -10.03 -33.49
CA ALA C 217 23.26 -9.37 -34.77
C ALA C 217 22.13 -8.35 -34.66
N GLN C 218 22.25 -7.26 -35.41
CA GLN C 218 21.21 -6.22 -35.34
C GLN C 218 20.34 -6.06 -36.57
N HIS C 219 20.77 -6.53 -37.73
CA HIS C 219 19.95 -6.46 -38.95
C HIS C 219 19.05 -7.67 -39.16
N TRP C 220 17.81 -7.42 -39.58
CA TRP C 220 16.81 -8.47 -39.79
C TRP C 220 16.90 -9.06 -41.18
N SER C 221 16.29 -10.21 -41.35
CA SER C 221 16.16 -10.86 -42.65
C SER C 221 15.18 -10.09 -43.50
N GLU C 222 15.10 -10.40 -44.78
CA GLU C 222 13.99 -9.88 -45.59
C GLU C 222 12.68 -10.46 -44.99
N TRP C 223 11.55 -9.86 -45.35
CA TRP C 223 10.26 -10.36 -44.91
C TRP C 223 9.93 -11.63 -45.66
N SER C 224 9.15 -12.49 -45.03
CA SER C 224 8.62 -13.68 -45.67
C SER C 224 7.54 -13.30 -46.67
N HIS C 225 7.30 -14.17 -47.65
CA HIS C 225 6.10 -14.08 -48.45
C HIS C 225 4.93 -13.99 -47.46
N PRO C 226 4.04 -12.99 -47.64
CA PRO C 226 2.93 -12.87 -46.69
C PRO C 226 1.89 -13.95 -46.92
N ILE C 227 1.11 -14.27 -45.89
CA ILE C 227 -0.09 -15.12 -46.08
C ILE C 227 -1.37 -14.44 -45.57
N HIS C 228 -2.53 -14.98 -45.96
CA HIS C 228 -3.84 -14.39 -45.64
C HIS C 228 -4.86 -15.35 -45.03
N TRP C 229 -5.63 -14.84 -44.07
CA TRP C 229 -6.78 -15.54 -43.51
C TRP C 229 -8.04 -14.83 -44.01
N GLY C 230 -8.71 -15.46 -44.96
CA GLY C 230 -9.72 -14.81 -45.81
C GLY C 230 -11.06 -14.45 -45.18
N SER C 231 -11.84 -13.69 -45.96
CA SER C 231 -13.18 -13.26 -45.58
C SER C 231 -13.88 -14.28 -44.66
N THR D 3 21.84 -37.53 -22.46
CA THR D 3 22.55 -36.83 -23.57
C THR D 3 21.85 -35.51 -23.91
N SER D 4 20.59 -35.60 -24.34
CA SER D 4 19.79 -34.42 -24.70
C SER D 4 19.47 -33.56 -23.47
N SER D 5 19.06 -34.21 -22.37
CA SER D 5 18.69 -33.53 -21.12
C SER D 5 19.84 -32.73 -20.54
N SER D 6 20.99 -33.38 -20.33
CA SER D 6 22.21 -32.73 -19.84
C SER D 6 22.68 -31.61 -20.77
N THR D 7 22.49 -31.82 -22.08
CA THR D 7 22.76 -30.83 -23.11
C THR D 7 21.84 -29.61 -22.97
N LYS D 8 20.59 -29.85 -22.59
CA LYS D 8 19.59 -28.79 -22.47
C LYS D 8 19.77 -28.07 -21.15
N LYS D 9 20.20 -28.82 -20.15
CA LYS D 9 20.51 -28.28 -18.83
C LYS D 9 21.70 -27.35 -18.93
N THR D 10 22.67 -27.71 -19.76
CA THR D 10 23.83 -26.87 -19.98
C THR D 10 23.48 -25.66 -20.83
N GLN D 11 22.69 -25.89 -21.88
CA GLN D 11 22.23 -24.84 -22.78
C GLN D 11 21.62 -23.73 -21.95
N LEU D 12 20.70 -24.13 -21.07
CA LEU D 12 19.97 -23.24 -20.17
C LEU D 12 20.87 -22.46 -19.20
N GLN D 13 21.79 -23.16 -18.55
CA GLN D 13 22.70 -22.52 -17.61
C GLN D 13 23.52 -21.43 -18.29
N LEU D 14 23.97 -21.72 -19.51
CA LEU D 14 24.74 -20.75 -20.28
C LEU D 14 23.90 -19.55 -20.68
N GLU D 15 22.70 -19.82 -21.19
CA GLU D 15 21.75 -18.79 -21.52
C GLU D 15 21.55 -17.86 -20.32
N HIS D 16 21.38 -18.42 -19.13
CA HIS D 16 21.20 -17.61 -17.93
C HIS D 16 22.43 -16.77 -17.61
N LEU D 17 23.60 -17.33 -17.83
CA LEU D 17 24.85 -16.62 -17.64
C LEU D 17 24.89 -15.48 -18.61
N LEU D 18 24.52 -15.77 -19.84
CA LEU D 18 24.51 -14.79 -20.92
C LEU D 18 23.64 -13.58 -20.55
N LEU D 19 22.48 -13.85 -19.96
CA LEU D 19 21.60 -12.79 -19.57
C LEU D 19 22.20 -11.92 -18.49
N ASP D 20 22.90 -12.52 -17.52
CA ASP D 20 23.63 -11.75 -16.49
C ASP D 20 24.68 -10.80 -17.05
N LEU D 21 25.54 -11.31 -17.93
CA LEU D 21 26.59 -10.51 -18.56
C LEU D 21 26.04 -9.39 -19.43
N GLN D 22 25.05 -9.70 -20.27
CA GLN D 22 24.44 -8.73 -21.16
C GLN D 22 23.69 -7.63 -20.42
N MET D 23 23.16 -7.96 -19.24
CA MET D 23 22.41 -7.00 -18.42
C MET D 23 23.35 -5.99 -17.75
N ILE D 24 24.52 -6.47 -17.36
CA ILE D 24 25.57 -5.61 -16.84
C ILE D 24 26.09 -4.70 -17.94
N LEU D 25 26.43 -5.28 -19.09
CA LEU D 25 26.90 -4.53 -20.24
C LEU D 25 25.95 -3.39 -20.57
N ASN D 26 24.70 -3.71 -20.87
CA ASN D 26 23.70 -2.67 -21.15
C ASN D 26 23.56 -1.72 -19.96
N GLY D 27 23.88 -2.23 -18.77
CA GLY D 27 23.79 -1.43 -17.56
C GLY D 27 24.82 -0.33 -17.47
N ILE D 28 26.02 -0.58 -17.99
CA ILE D 28 27.12 0.37 -17.82
C ILE D 28 27.51 1.03 -19.14
N ASN D 29 27.29 0.32 -20.24
CA ASN D 29 27.64 0.83 -21.56
C ASN D 29 26.49 1.60 -22.17
N ASN D 30 26.24 2.79 -21.65
CA ASN D 30 25.14 3.63 -22.13
C ASN D 30 25.30 5.09 -21.71
N TYR D 31 24.58 5.97 -22.39
CA TYR D 31 24.60 7.42 -22.13
C TYR D 31 24.53 7.80 -20.65
N LYS D 32 23.61 7.17 -19.94
CA LYS D 32 23.23 7.59 -18.59
C LYS D 32 24.04 6.89 -17.48
N ASN D 33 25.31 6.60 -17.79
CA ASN D 33 26.31 6.20 -16.80
C ASN D 33 27.49 7.19 -16.85
N PRO D 34 27.48 8.20 -15.95
CA PRO D 34 28.46 9.30 -15.97
C PRO D 34 29.89 8.89 -15.65
N LYS D 35 30.09 7.64 -15.25
CA LYS D 35 31.36 7.16 -14.76
C LYS D 35 32.09 6.24 -15.75
N LEU D 36 31.39 5.87 -16.82
CA LEU D 36 31.90 4.95 -17.85
C LEU D 36 33.33 5.27 -18.34
N THR D 37 33.60 6.54 -18.64
CA THR D 37 34.94 6.95 -19.10
C THR D 37 36.04 6.56 -18.10
N ARG D 38 35.73 6.64 -16.81
CA ARG D 38 36.67 6.29 -15.76
C ARG D 38 36.75 4.77 -15.55
N MET D 39 35.70 4.07 -15.92
CA MET D 39 35.66 2.62 -15.74
C MET D 39 36.47 1.94 -16.83
N LEU D 40 36.72 2.66 -17.92
CA LEU D 40 37.49 2.14 -19.05
C LEU D 40 38.99 2.19 -18.75
N THR D 41 39.36 2.90 -17.69
CA THR D 41 40.75 3.03 -17.28
C THR D 41 41.17 1.82 -16.46
N PHE D 42 40.20 1.05 -15.97
CA PHE D 42 40.50 -0.19 -15.27
C PHE D 42 40.88 -1.31 -16.23
N LYS D 43 41.96 -2.01 -15.88
CA LYS D 43 42.51 -3.05 -16.71
C LYS D 43 42.00 -4.41 -16.25
N PHE D 44 41.37 -5.14 -17.17
CA PHE D 44 40.88 -6.49 -16.92
C PHE D 44 41.72 -7.52 -17.67
N TYR D 45 41.77 -8.74 -17.18
CA TYR D 45 42.59 -9.79 -17.83
C TYR D 45 41.77 -10.84 -18.60
N MET D 46 42.31 -11.25 -19.74
CA MET D 46 41.61 -12.11 -20.72
C MET D 46 42.18 -13.51 -20.77
N PRO D 47 41.37 -14.51 -21.16
CA PRO D 47 41.97 -15.81 -21.41
C PRO D 47 42.80 -15.82 -22.71
N LYS D 48 43.87 -16.61 -22.72
CA LYS D 48 44.72 -16.73 -23.91
C LYS D 48 43.89 -17.32 -25.04
N LYS D 49 43.12 -18.35 -24.68
CA LYS D 49 42.08 -18.90 -25.53
C LYS D 49 40.95 -19.39 -24.62
N ALA D 50 39.73 -19.40 -25.15
CA ALA D 50 38.55 -19.73 -24.37
C ALA D 50 37.52 -20.45 -25.23
N THR D 51 37.66 -21.76 -25.38
CA THR D 51 36.79 -22.51 -26.29
C THR D 51 35.99 -23.66 -25.67
N GLU D 52 36.33 -24.05 -24.45
CA GLU D 52 35.50 -25.03 -23.71
C GLU D 52 35.24 -24.60 -22.27
N LEU D 53 34.26 -25.25 -21.63
CA LEU D 53 33.72 -24.81 -20.34
C LEU D 53 34.77 -24.65 -19.25
N LYS D 54 35.83 -25.44 -19.32
CA LYS D 54 36.88 -25.36 -18.32
C LYS D 54 37.53 -23.98 -18.34
N HIS D 55 37.39 -23.26 -19.46
CA HIS D 55 38.06 -21.96 -19.61
C HIS D 55 37.46 -20.88 -18.75
N LEU D 56 36.24 -21.12 -18.28
CA LEU D 56 35.55 -20.26 -17.33
C LEU D 56 36.34 -19.95 -16.05
N GLN D 57 37.28 -20.83 -15.68
CA GLN D 57 38.20 -20.50 -14.59
C GLN D 57 38.78 -19.11 -14.76
N CYS D 58 38.92 -18.70 -16.02
CA CYS D 58 39.41 -17.36 -16.35
C CYS D 58 38.42 -16.28 -16.01
N LEU D 59 37.14 -16.59 -16.10
CA LEU D 59 36.13 -15.62 -15.74
C LEU D 59 36.01 -15.59 -14.23
N GLU D 60 35.89 -16.76 -13.62
CA GLU D 60 35.71 -16.89 -12.19
C GLU D 60 36.76 -16.10 -11.43
N GLU D 61 38.00 -16.14 -11.92
CA GLU D 61 39.09 -15.45 -11.26
C GLU D 61 38.92 -13.93 -11.34
N GLU D 62 38.42 -13.43 -12.47
CA GLU D 62 38.15 -11.98 -12.62
C GLU D 62 36.79 -11.48 -12.10
N LEU D 63 36.11 -12.25 -11.26
CA LEU D 63 34.79 -11.84 -10.76
C LEU D 63 34.86 -10.87 -9.59
N LYS D 64 35.94 -11.00 -8.81
CA LYS D 64 36.18 -10.12 -7.68
C LYS D 64 36.45 -8.67 -8.13
N PRO D 65 37.40 -8.45 -9.06
CA PRO D 65 37.46 -7.14 -9.72
C PRO D 65 36.13 -6.66 -10.30
N LEU D 66 35.51 -7.50 -11.12
CA LEU D 66 34.22 -7.18 -11.74
C LEU D 66 33.24 -6.54 -10.74
N GLU D 67 33.15 -7.13 -9.56
CA GLU D 67 32.24 -6.66 -8.54
C GLU D 67 32.60 -5.25 -8.08
N GLU D 68 33.89 -4.99 -7.92
CA GLU D 68 34.36 -3.66 -7.53
C GLU D 68 33.91 -2.63 -8.55
N VAL D 69 33.96 -2.99 -9.83
CA VAL D 69 33.56 -2.09 -10.90
C VAL D 69 32.06 -1.83 -10.87
N LEU D 70 31.28 -2.84 -10.48
CA LEU D 70 29.84 -2.70 -10.41
C LEU D 70 29.42 -1.76 -9.29
N ASN D 71 30.14 -1.82 -8.17
CA ASN D 71 29.89 -0.93 -7.03
C ASN D 71 29.93 0.55 -7.40
N LEU D 72 30.72 0.88 -8.43
CA LEU D 72 30.86 2.26 -8.91
C LEU D 72 29.69 2.71 -9.78
N ALA D 73 29.07 1.76 -10.48
CA ALA D 73 27.92 2.03 -11.32
C ALA D 73 26.66 2.30 -10.50
N GLN D 74 26.66 1.80 -9.26
CA GLN D 74 25.52 1.88 -8.38
C GLN D 74 25.02 3.31 -8.26
N SER D 75 23.97 3.60 -9.01
CA SER D 75 23.34 4.91 -9.07
C SER D 75 21.82 4.74 -9.19
N LYS D 76 21.06 5.83 -9.16
CA LYS D 76 19.60 5.76 -9.25
C LYS D 76 19.04 5.46 -10.65
N ASN D 77 19.86 4.87 -11.53
CA ASN D 77 19.44 4.48 -12.89
C ASN D 77 19.22 2.97 -13.03
N PHE D 78 20.30 2.20 -13.00
CA PHE D 78 20.19 0.74 -13.03
C PHE D 78 20.03 0.05 -11.66
N HIS D 79 20.35 0.77 -10.57
CA HIS D 79 20.11 0.33 -9.17
C HIS D 79 20.49 -1.16 -8.97
N LEU D 80 21.52 -1.55 -9.71
CA LEU D 80 21.81 -2.93 -10.10
C LEU D 80 22.57 -3.74 -9.04
N ARG D 81 21.96 -3.96 -7.86
CA ARG D 81 22.69 -4.53 -6.70
C ARG D 81 23.64 -5.69 -7.03
N PRO D 82 24.96 -5.45 -6.82
CA PRO D 82 26.06 -6.34 -7.20
C PRO D 82 26.11 -7.68 -6.47
N ARG D 83 26.19 -7.66 -5.14
CA ARG D 83 26.31 -8.90 -4.37
C ARG D 83 25.38 -9.99 -4.90
N ASP D 84 24.08 -9.71 -4.95
CA ASP D 84 23.09 -10.61 -5.55
C ASP D 84 23.48 -11.08 -6.95
N LEU D 85 24.07 -10.19 -7.74
CA LEU D 85 24.33 -10.50 -9.14
C LEU D 85 25.62 -11.30 -9.34
N ILE D 86 26.67 -10.92 -8.63
CA ILE D 86 27.96 -11.61 -8.71
C ILE D 86 27.95 -12.97 -8.00
N SER D 87 27.23 -13.09 -6.89
CA SER D 87 27.09 -14.37 -6.24
C SER D 87 26.26 -15.33 -7.11
N ASN D 88 25.41 -14.79 -7.97
CA ASN D 88 24.67 -15.62 -8.91
C ASN D 88 25.54 -16.04 -10.07
N ILE D 89 26.19 -15.09 -10.71
CA ILE D 89 27.06 -15.40 -11.82
C ILE D 89 28.03 -16.47 -11.38
N ASN D 90 28.58 -16.28 -10.18
CA ASN D 90 29.58 -17.18 -9.59
C ASN D 90 29.10 -18.62 -9.61
N VAL D 91 27.98 -18.89 -8.93
CA VAL D 91 27.49 -20.26 -8.79
C VAL D 91 27.13 -20.93 -10.12
N ILE D 92 26.67 -20.16 -11.09
CA ILE D 92 26.40 -20.66 -12.43
C ILE D 92 27.72 -21.14 -13.05
N VAL D 93 28.71 -20.25 -13.03
CA VAL D 93 30.03 -20.54 -13.57
C VAL D 93 30.63 -21.83 -12.99
N LEU D 94 30.53 -21.99 -11.67
CA LEU D 94 31.12 -23.12 -10.99
C LEU D 94 30.51 -24.46 -11.41
N GLU D 95 29.28 -24.47 -11.91
CA GLU D 95 28.65 -25.71 -12.36
C GLU D 95 29.06 -26.02 -13.78
N LEU D 96 29.29 -24.96 -14.55
CA LEU D 96 29.63 -25.09 -15.96
C LEU D 96 31.06 -25.55 -16.17
N LYS D 97 32.00 -24.93 -15.44
CA LYS D 97 33.41 -25.27 -15.62
C LYS D 97 33.59 -26.65 -15.09
N GLY D 98 32.71 -27.02 -14.16
CA GLY D 98 32.55 -28.41 -13.79
C GLY D 98 33.31 -28.85 -12.57
N SER D 99 33.31 -30.16 -12.37
CA SER D 99 33.71 -30.80 -11.12
C SER D 99 35.13 -31.38 -11.09
N GLU D 100 35.94 -31.05 -12.10
CA GLU D 100 37.34 -31.49 -12.12
C GLU D 100 38.28 -30.52 -11.39
N THR D 101 38.07 -29.22 -11.61
CA THR D 101 38.83 -28.16 -10.91
C THR D 101 40.36 -28.43 -10.96
N THR D 102 40.87 -28.75 -12.15
CA THR D 102 42.29 -29.02 -12.34
C THR D 102 42.95 -27.91 -13.16
N PHE D 103 42.14 -27.13 -13.86
CA PHE D 103 42.68 -26.20 -14.86
C PHE D 103 43.19 -24.86 -14.33
N MET D 104 44.51 -24.63 -14.48
CA MET D 104 45.13 -23.32 -14.23
C MET D 104 44.93 -22.46 -15.48
N CYS D 105 44.42 -21.23 -15.31
CA CYS D 105 44.18 -20.37 -16.48
C CYS D 105 45.42 -19.74 -17.12
N GLU D 106 45.40 -19.66 -18.45
CA GLU D 106 46.37 -18.87 -19.21
C GLU D 106 45.75 -17.55 -19.64
N TYR D 107 46.50 -16.47 -19.41
CA TYR D 107 46.04 -15.12 -19.73
C TYR D 107 46.79 -14.51 -20.91
N ALA D 108 46.09 -13.66 -21.65
CA ALA D 108 46.66 -12.98 -22.81
C ALA D 108 47.61 -11.88 -22.37
N ASP D 109 48.48 -11.47 -23.29
CA ASP D 109 49.49 -10.46 -23.02
C ASP D 109 48.85 -9.09 -22.72
N GLU D 110 47.94 -8.67 -23.59
CA GLU D 110 47.30 -7.36 -23.48
C GLU D 110 46.05 -7.38 -22.58
N THR D 111 45.91 -6.32 -21.78
CA THR D 111 44.74 -6.11 -20.93
C THR D 111 43.57 -5.55 -21.74
N ALA D 112 42.41 -5.47 -21.11
CA ALA D 112 41.17 -5.03 -21.76
C ALA D 112 40.27 -4.18 -20.85
N THR D 113 39.56 -3.21 -21.45
CA THR D 113 38.58 -2.44 -20.71
C THR D 113 37.43 -3.36 -20.37
N ILE D 114 36.73 -3.05 -19.29
CA ILE D 114 35.55 -3.81 -18.86
C ILE D 114 34.62 -4.17 -20.00
N VAL D 115 34.50 -3.31 -21.00
CA VAL D 115 33.58 -3.59 -22.11
C VAL D 115 34.14 -4.68 -23.00
N GLU D 116 35.41 -4.57 -23.39
CA GLU D 116 36.08 -5.60 -24.14
C GLU D 116 36.05 -6.91 -23.36
N PHE D 117 36.06 -6.80 -22.04
CA PHE D 117 35.97 -7.95 -21.14
C PHE D 117 34.59 -8.63 -21.19
N LEU D 118 33.52 -7.87 -20.97
CA LEU D 118 32.18 -8.45 -21.01
C LEU D 118 31.80 -8.88 -22.41
N ASN D 119 32.28 -8.19 -23.44
CA ASN D 119 32.03 -8.64 -24.79
C ASN D 119 32.73 -9.96 -25.10
N ARG D 120 33.89 -10.18 -24.49
CA ARG D 120 34.63 -11.42 -24.71
C ARG D 120 33.91 -12.63 -24.16
N TRP D 121 33.43 -12.52 -22.93
CA TRP D 121 32.76 -13.63 -22.26
C TRP D 121 31.35 -13.90 -22.76
N ILE D 122 30.69 -12.86 -23.25
CA ILE D 122 29.43 -13.03 -23.94
C ILE D 122 29.70 -13.84 -25.19
N THR D 123 30.66 -13.41 -26.00
CA THR D 123 31.02 -14.17 -27.20
C THR D 123 31.34 -15.62 -26.86
N PHE D 124 32.02 -15.84 -25.73
CA PHE D 124 32.35 -17.19 -25.27
C PHE D 124 31.09 -18.02 -25.15
N ALA D 125 30.16 -17.57 -24.31
CA ALA D 125 28.91 -18.30 -24.10
C ALA D 125 28.13 -18.58 -25.41
N GLN D 126 28.00 -17.57 -26.26
CA GLN D 126 27.31 -17.70 -27.51
C GLN D 126 27.94 -18.73 -28.43
N SER D 127 29.25 -18.91 -28.34
CA SER D 127 29.92 -19.86 -29.23
C SER D 127 29.59 -21.26 -28.80
N ILE D 128 29.60 -21.50 -27.49
CA ILE D 128 29.25 -22.82 -26.92
C ILE D 128 27.78 -23.11 -27.16
N ILE D 129 26.91 -22.19 -26.75
CA ILE D 129 25.48 -22.35 -26.94
C ILE D 129 25.16 -22.74 -28.37
N SER D 130 25.82 -22.14 -29.35
CA SER D 130 25.53 -22.37 -30.76
C SER D 130 25.84 -23.81 -31.23
N THR D 131 26.66 -24.52 -30.46
CA THR D 131 27.01 -25.91 -30.79
C THR D 131 26.08 -26.90 -30.09
N LEU D 132 25.52 -26.47 -28.96
CA LEU D 132 24.76 -27.33 -28.05
C LEU D 132 23.40 -27.79 -28.52
N THR D 133 22.83 -27.13 -29.52
CA THR D 133 21.86 -27.78 -30.43
C THR D 133 22.15 -27.29 -31.84
N GLU E 6 -34.45 -7.74 2.78
CA GLU E 6 -33.45 -8.31 3.73
C GLU E 6 -34.10 -8.76 5.04
N LEU E 7 -35.23 -8.14 5.42
CA LEU E 7 -35.92 -8.47 6.67
C LEU E 7 -37.33 -7.89 6.74
N CYS E 8 -38.25 -8.58 7.40
CA CYS E 8 -39.63 -8.08 7.55
C CYS E 8 -39.73 -7.15 8.76
N ASP E 9 -40.26 -5.94 8.53
CA ASP E 9 -40.43 -4.92 9.58
C ASP E 9 -41.07 -5.53 10.82
N ASP E 10 -42.31 -5.98 10.68
CA ASP E 10 -43.03 -6.65 11.75
C ASP E 10 -43.04 -8.16 11.49
N ASP E 11 -43.70 -8.93 12.37
CA ASP E 11 -43.86 -10.37 12.15
C ASP E 11 -45.27 -10.71 11.64
N PRO E 12 -45.51 -11.99 11.27
CA PRO E 12 -46.79 -12.46 10.72
C PRO E 12 -47.98 -12.15 11.63
N PRO E 13 -49.18 -12.03 11.04
CA PRO E 13 -50.40 -11.72 11.81
C PRO E 13 -50.67 -12.68 12.97
N GLU E 14 -51.52 -12.25 13.89
CA GLU E 14 -52.02 -13.12 14.94
C GLU E 14 -53.47 -13.48 14.62
N ILE E 15 -53.70 -14.71 14.17
CA ILE E 15 -55.05 -15.22 13.98
C ILE E 15 -55.52 -15.83 15.31
N PRO E 16 -56.67 -15.38 15.84
CA PRO E 16 -57.16 -15.91 17.12
C PRO E 16 -57.35 -17.42 17.09
N HIS E 17 -56.91 -18.08 18.17
CA HIS E 17 -56.97 -19.55 18.34
C HIS E 17 -56.12 -20.34 17.34
N ALA E 18 -54.95 -19.79 16.96
CA ALA E 18 -54.09 -20.44 15.98
C ALA E 18 -52.64 -20.00 16.13
N THR E 19 -51.72 -20.86 15.72
CA THR E 19 -50.29 -20.49 15.67
C THR E 19 -49.73 -20.66 14.25
N PHE E 20 -48.45 -20.32 14.07
CA PHE E 20 -47.82 -20.39 12.75
C PHE E 20 -46.40 -20.94 12.78
N LYS E 21 -46.17 -21.99 12.00
CA LYS E 21 -44.83 -22.52 11.84
C LYS E 21 -44.37 -22.40 10.41
N ALA E 22 -43.06 -22.46 10.20
CA ALA E 22 -42.51 -22.52 8.87
C ALA E 22 -41.93 -23.92 8.71
N MET E 23 -42.23 -24.55 7.58
CA MET E 23 -41.71 -25.89 7.33
C MET E 23 -40.22 -25.82 6.96
N ALA E 24 -39.80 -24.66 6.44
CA ALA E 24 -38.40 -24.39 6.13
C ALA E 24 -38.06 -22.90 6.33
N TYR E 25 -36.81 -22.61 6.67
CA TYR E 25 -36.38 -21.24 6.95
C TYR E 25 -35.41 -20.73 5.90
N LYS E 26 -35.80 -19.68 5.18
CA LYS E 26 -34.94 -19.06 4.17
C LYS E 26 -33.67 -18.52 4.83
N GLU E 27 -32.56 -18.53 4.10
CA GLU E 27 -31.29 -18.03 4.64
C GLU E 27 -31.35 -16.54 4.99
N GLY E 28 -30.72 -16.19 6.11
CA GLY E 28 -30.75 -14.83 6.65
C GLY E 28 -31.73 -14.69 7.80
N THR E 29 -32.43 -15.79 8.11
CA THR E 29 -33.47 -15.79 9.14
C THR E 29 -32.85 -15.94 10.53
N MET E 30 -33.40 -15.23 11.51
CA MET E 30 -32.81 -15.18 12.86
C MET E 30 -33.70 -15.78 13.94
N LEU E 31 -33.10 -16.62 14.77
CA LEU E 31 -33.77 -17.21 15.93
C LEU E 31 -33.15 -16.68 17.22
N ASN E 32 -33.93 -16.03 18.08
CA ASN E 32 -33.43 -15.49 19.36
C ASN E 32 -32.99 -16.58 20.34
N CYS E 33 -32.08 -16.24 21.24
CA CYS E 33 -31.73 -17.18 22.30
C CYS E 33 -32.40 -16.75 23.60
N GLU E 34 -33.69 -17.03 23.68
CA GLU E 34 -34.48 -16.80 24.87
C GLU E 34 -34.36 -18.01 25.78
N CYS E 35 -34.29 -17.76 27.09
CA CYS E 35 -34.27 -18.85 28.06
C CYS E 35 -35.55 -18.91 28.89
N LYS E 36 -35.85 -20.11 29.37
CA LYS E 36 -36.93 -20.36 30.31
C LYS E 36 -36.76 -19.49 31.57
N ARG E 37 -37.87 -19.15 32.21
CA ARG E 37 -37.87 -18.38 33.44
C ARG E 37 -36.92 -18.98 34.51
N GLY E 38 -36.00 -18.15 35.00
CA GLY E 38 -35.00 -18.57 35.99
C GLY E 38 -33.60 -18.67 35.41
N PHE E 39 -33.51 -18.59 34.08
CA PHE E 39 -32.26 -18.77 33.35
C PHE E 39 -31.94 -17.56 32.48
N ARG E 40 -30.73 -17.53 31.93
CA ARG E 40 -30.25 -16.43 31.13
C ARG E 40 -29.29 -16.94 30.08
N ARG E 41 -29.17 -16.22 28.95
CA ARG E 41 -28.15 -16.57 27.96
C ARG E 41 -26.76 -16.25 28.54
N ILE E 42 -25.81 -17.16 28.30
CA ILE E 42 -24.48 -17.10 28.91
C ILE E 42 -23.78 -15.74 28.73
N LYS E 43 -22.99 -15.34 29.73
CA LYS E 43 -22.10 -14.17 29.61
C LYS E 43 -21.32 -14.26 28.31
N SER E 44 -21.35 -13.18 27.53
CA SER E 44 -20.66 -13.12 26.24
C SER E 44 -21.15 -14.17 25.22
N GLY E 45 -22.34 -14.70 25.45
CA GLY E 45 -22.96 -15.64 24.52
C GLY E 45 -23.47 -14.96 23.25
N SER E 46 -24.33 -15.65 22.52
CA SER E 46 -24.91 -15.12 21.30
C SER E 46 -26.32 -14.60 21.56
N LEU E 47 -26.70 -13.55 20.84
CA LEU E 47 -28.06 -13.02 20.92
C LEU E 47 -29.04 -13.79 20.07
N TYR E 48 -28.61 -14.16 18.86
CA TYR E 48 -29.46 -14.85 17.90
C TYR E 48 -28.67 -15.92 17.16
N MET E 49 -29.39 -16.82 16.50
CA MET E 49 -28.78 -17.76 15.57
C MET E 49 -29.08 -17.29 14.16
N LEU E 50 -28.04 -17.11 13.37
CA LEU E 50 -28.18 -16.73 11.98
C LEU E 50 -28.21 -17.97 11.11
N CYS E 51 -28.94 -17.88 10.00
CA CYS E 51 -29.07 -18.98 9.07
C CYS E 51 -28.29 -18.65 7.79
N THR E 52 -27.11 -19.27 7.66
CA THR E 52 -26.20 -19.04 6.53
C THR E 52 -26.00 -20.33 5.74
N GLY E 53 -25.76 -20.18 4.44
CA GLY E 53 -25.49 -21.33 3.58
C GLY E 53 -25.17 -20.96 2.15
N SER E 54 -24.51 -19.81 1.98
CA SER E 54 -24.08 -19.35 0.65
C SER E 54 -23.03 -20.31 0.06
N SER E 55 -22.70 -21.35 0.82
CA SER E 55 -21.80 -22.42 0.38
C SER E 55 -22.58 -23.64 -0.12
N SER E 56 -23.92 -23.55 -0.07
CA SER E 56 -24.88 -24.55 -0.62
C SER E 56 -25.44 -25.55 0.41
N HIS E 57 -25.05 -25.41 1.67
CA HIS E 57 -25.42 -26.36 2.70
C HIS E 57 -25.86 -25.63 3.97
N SER E 58 -27.02 -24.97 3.86
CA SER E 58 -27.58 -24.09 4.90
C SER E 58 -27.34 -24.55 6.34
N SER E 59 -26.56 -23.79 7.09
CA SER E 59 -26.25 -24.08 8.48
C SER E 59 -26.86 -23.03 9.41
N TRP E 60 -26.62 -23.20 10.71
CA TRP E 60 -27.00 -22.18 11.70
C TRP E 60 -25.75 -21.62 12.38
N ASP E 61 -25.43 -20.37 12.07
CA ASP E 61 -24.15 -19.75 12.43
C ASP E 61 -23.75 -19.71 13.93
N ASN E 62 -24.72 -19.75 14.82
CA ASN E 62 -24.37 -19.68 16.25
C ASN E 62 -24.92 -20.80 17.13
N GLN E 63 -24.63 -20.73 18.42
CA GLN E 63 -25.18 -21.68 19.37
C GLN E 63 -25.72 -20.99 20.61
N CYS E 64 -27.04 -21.08 20.78
CA CYS E 64 -27.69 -20.57 21.98
C CYS E 64 -27.26 -21.41 23.17
N GLN E 65 -27.16 -20.76 24.32
CA GLN E 65 -26.74 -21.46 25.50
C GLN E 65 -27.40 -20.77 26.68
N CYS E 66 -27.96 -21.56 27.58
CA CYS E 66 -28.61 -21.03 28.78
C CYS E 66 -28.02 -21.61 30.05
N THR E 67 -27.81 -20.74 31.03
CA THR E 67 -27.36 -21.18 32.34
C THR E 67 -28.18 -20.52 33.45
N SER E 68 -28.20 -21.19 34.60
CA SER E 68 -28.87 -20.69 35.79
C SER E 68 -28.28 -19.33 36.15
N SER E 69 -29.15 -18.35 36.39
CA SER E 69 -28.71 -17.03 36.85
C SER E 69 -28.31 -17.08 38.33
N ALA E 70 -27.52 -18.11 38.70
CA ALA E 70 -27.19 -18.44 40.09
C ALA E 70 -26.54 -17.30 40.89
N LEU E 105 -35.29 -28.74 2.19
CA LEU E 105 -33.87 -28.70 2.56
C LEU E 105 -32.88 -28.50 1.38
N PRO E 106 -33.36 -28.11 0.17
CA PRO E 106 -32.37 -27.93 -0.91
C PRO E 106 -31.40 -26.74 -0.71
N GLY E 107 -31.90 -25.64 -0.14
CA GLY E 107 -31.09 -24.44 0.07
C GLY E 107 -31.55 -23.61 1.27
N HIS E 108 -32.36 -24.24 2.11
CA HIS E 108 -32.93 -23.59 3.29
C HIS E 108 -32.48 -24.33 4.55
N CYS E 109 -32.55 -23.65 5.70
CA CYS E 109 -32.17 -24.21 6.99
C CYS E 109 -33.28 -25.06 7.62
N ARG E 110 -32.89 -26.11 8.33
CA ARG E 110 -33.81 -26.94 9.11
C ARG E 110 -34.19 -26.24 10.41
N GLU E 111 -35.28 -26.70 11.03
CA GLU E 111 -35.60 -26.33 12.39
C GLU E 111 -34.37 -26.66 13.25
N PRO E 112 -33.90 -25.71 14.07
CA PRO E 112 -32.72 -25.99 14.89
C PRO E 112 -33.05 -26.87 16.09
N PRO E 113 -32.12 -27.77 16.46
CA PRO E 113 -32.30 -28.64 17.62
C PRO E 113 -32.56 -27.85 18.91
N PRO E 114 -33.55 -28.29 19.71
CA PRO E 114 -33.75 -27.75 21.05
C PRO E 114 -32.44 -27.62 21.80
N TRP E 115 -32.25 -26.51 22.50
CA TRP E 115 -31.09 -26.34 23.36
C TRP E 115 -31.46 -26.39 24.84
N GLU E 116 -30.45 -26.66 25.67
CA GLU E 116 -30.53 -26.90 27.11
C GLU E 116 -31.80 -26.45 27.83
N ASN E 117 -31.99 -25.14 27.97
CA ASN E 117 -33.16 -24.60 28.65
C ASN E 117 -33.84 -23.56 27.80
N GLU E 118 -34.78 -24.00 26.96
CA GLU E 118 -35.43 -23.08 26.03
C GLU E 118 -36.58 -22.28 26.63
N ALA E 119 -36.94 -21.21 25.93
CA ALA E 119 -38.22 -20.54 26.13
C ALA E 119 -39.29 -21.47 25.54
N THR E 120 -40.52 -21.34 26.00
CA THR E 120 -41.61 -22.14 25.44
C THR E 120 -41.74 -21.80 23.97
N GLU E 121 -42.04 -20.54 23.66
CA GLU E 121 -42.10 -20.08 22.27
C GLU E 121 -40.73 -19.64 21.80
N ARG E 122 -40.38 -20.06 20.60
CA ARG E 122 -39.24 -19.50 19.91
C ARG E 122 -39.70 -18.22 19.22
N ILE E 123 -38.78 -17.27 19.10
CA ILE E 123 -39.06 -16.05 18.35
C ILE E 123 -38.15 -15.98 17.14
N TYR E 124 -38.74 -15.77 15.98
CA TYR E 124 -37.99 -15.70 14.74
C TYR E 124 -38.04 -14.32 14.10
N HIS E 125 -37.02 -14.01 13.32
CA HIS E 125 -37.07 -12.85 12.46
C HIS E 125 -36.87 -13.36 11.04
N PHE E 126 -37.95 -13.30 10.26
CA PHE E 126 -37.97 -13.87 8.93
C PHE E 126 -37.51 -12.85 7.91
N VAL E 127 -36.98 -13.34 6.78
CA VAL E 127 -36.64 -12.46 5.64
C VAL E 127 -37.80 -12.40 4.65
N VAL E 128 -37.70 -11.54 3.63
CA VAL E 128 -38.75 -11.47 2.61
C VAL E 128 -38.77 -12.72 1.72
N GLY E 129 -39.98 -13.13 1.33
CA GLY E 129 -40.16 -14.34 0.55
C GLY E 129 -40.33 -15.59 1.41
N GLN E 130 -40.33 -15.39 2.73
CA GLN E 130 -40.57 -16.47 3.70
C GLN E 130 -42.05 -16.81 3.76
N MET E 131 -42.34 -18.10 3.94
CA MET E 131 -43.70 -18.59 4.07
C MET E 131 -43.94 -19.12 5.49
N VAL E 132 -45.17 -18.97 5.96
CA VAL E 132 -45.52 -19.27 7.35
C VAL E 132 -46.93 -19.85 7.40
N TYR E 133 -47.06 -21.05 7.97
CA TYR E 133 -48.30 -21.82 7.90
C TYR E 133 -49.10 -21.82 9.20
N TYR E 134 -50.38 -21.43 9.09
CA TYR E 134 -51.25 -21.35 10.25
C TYR E 134 -52.15 -22.57 10.40
N GLN E 135 -52.35 -22.99 11.64
CA GLN E 135 -53.34 -24.01 11.95
C GLN E 135 -53.91 -23.81 13.34
N CYS E 136 -55.21 -24.06 13.49
CA CYS E 136 -55.89 -23.92 14.77
C CYS E 136 -55.23 -24.79 15.83
N VAL E 137 -55.30 -24.37 17.08
CA VAL E 137 -54.86 -25.20 18.20
C VAL E 137 -55.90 -26.30 18.47
N GLN E 138 -55.46 -27.37 19.14
CA GLN E 138 -56.30 -28.52 19.47
C GLN E 138 -57.56 -28.16 20.28
N GLY E 139 -58.72 -28.39 19.68
CA GLY E 139 -60.00 -28.05 20.30
C GLY E 139 -60.73 -26.96 19.56
N TYR E 140 -60.41 -26.81 18.26
CA TYR E 140 -61.07 -25.82 17.40
C TYR E 140 -61.28 -26.32 15.98
N ARG E 141 -62.48 -26.10 15.46
CA ARG E 141 -62.77 -26.30 14.05
C ARG E 141 -62.15 -25.13 13.28
N ALA E 142 -61.42 -25.45 12.21
CA ALA E 142 -60.85 -24.44 11.32
C ALA E 142 -61.79 -24.15 10.16
N LEU E 143 -61.99 -22.87 9.88
CA LEU E 143 -62.79 -22.44 8.75
C LEU E 143 -61.86 -21.92 7.68
N HIS E 144 -61.80 -22.64 6.55
CA HIS E 144 -60.89 -22.29 5.49
C HIS E 144 -61.59 -21.59 4.36
N ARG E 145 -60.90 -20.62 3.78
CA ARG E 145 -61.30 -20.00 2.51
C ARG E 145 -60.12 -19.20 1.97
N GLY E 146 -59.32 -19.84 1.11
CA GLY E 146 -58.09 -19.24 0.61
C GLY E 146 -56.88 -19.60 1.45
N PRO E 147 -55.72 -19.01 1.11
CA PRO E 147 -54.42 -19.30 1.70
C PRO E 147 -54.43 -19.44 3.21
N ALA E 148 -54.06 -20.62 3.70
CA ALA E 148 -53.90 -20.86 5.12
C ALA E 148 -52.45 -20.62 5.53
N GLU E 149 -51.81 -19.66 4.87
CA GLU E 149 -50.43 -19.28 5.15
C GLU E 149 -50.17 -17.80 4.85
N SER E 150 -49.19 -17.22 5.54
CA SER E 150 -48.78 -15.84 5.32
C SER E 150 -47.43 -15.77 4.59
N VAL E 151 -47.26 -14.76 3.72
CA VAL E 151 -46.00 -14.56 2.98
C VAL E 151 -45.48 -13.13 3.16
N CYS E 152 -44.18 -13.00 3.46
CA CYS E 152 -43.55 -11.70 3.59
C CYS E 152 -43.21 -11.13 2.23
N LYS E 153 -44.12 -10.30 1.72
CA LYS E 153 -43.95 -9.63 0.44
C LYS E 153 -43.16 -8.33 0.61
N MET E 154 -42.60 -7.85 -0.49
CA MET E 154 -41.96 -6.56 -0.54
C MET E 154 -42.65 -5.71 -1.59
N THR E 155 -43.08 -4.51 -1.19
CA THR E 155 -43.63 -3.53 -2.13
C THR E 155 -42.54 -2.55 -2.55
N HIS E 156 -42.94 -1.31 -2.83
CA HIS E 156 -42.00 -0.23 -3.09
C HIS E 156 -41.32 0.15 -1.76
N GLY E 157 -40.19 -0.51 -1.48
CA GLY E 157 -39.39 -0.24 -0.29
C GLY E 157 -40.04 -0.51 1.06
N LYS E 158 -41.12 -1.29 1.06
CA LYS E 158 -41.85 -1.59 2.29
C LYS E 158 -42.25 -3.06 2.36
N THR E 159 -42.17 -3.63 3.56
CA THR E 159 -42.51 -5.04 3.78
C THR E 159 -43.92 -5.18 4.33
N ARG E 160 -44.52 -6.34 4.05
CA ARG E 160 -45.86 -6.68 4.56
C ARG E 160 -46.07 -8.18 4.57
N TRP E 161 -46.99 -8.63 5.41
CA TRP E 161 -47.39 -10.04 5.48
C TRP E 161 -48.80 -10.18 4.94
N THR E 162 -48.99 -11.14 4.04
CA THR E 162 -50.30 -11.43 3.46
C THR E 162 -51.20 -12.09 4.51
N GLN E 163 -52.48 -11.71 4.52
CA GLN E 163 -53.40 -12.19 5.55
C GLN E 163 -53.81 -13.64 5.33
N PRO E 164 -53.55 -14.52 6.31
CA PRO E 164 -54.11 -15.87 6.28
C PRO E 164 -55.64 -15.82 6.26
N GLN E 165 -56.26 -16.76 5.55
CA GLN E 165 -57.68 -16.70 5.28
C GLN E 165 -58.38 -17.81 6.03
N LEU E 166 -58.33 -17.68 7.35
CA LEU E 166 -58.63 -18.76 8.27
C LEU E 166 -59.34 -18.23 9.51
N ILE E 167 -60.36 -18.97 9.95
CA ILE E 167 -61.10 -18.63 11.15
C ILE E 167 -61.29 -19.86 12.05
N CYS E 168 -60.89 -19.75 13.31
CA CYS E 168 -60.98 -20.86 14.27
C CYS E 168 -62.17 -20.70 15.23
N THR E 169 -63.03 -21.72 15.28
CA THR E 169 -64.27 -21.67 16.08
C THR E 169 -64.57 -22.98 16.84
N GLY E 170 -64.90 -22.83 18.13
CA GLY E 170 -65.28 -23.96 18.99
C GLY E 170 -66.65 -23.79 19.60
N SER F 11 19.64 9.30 13.81
CA SER F 11 19.34 10.14 12.62
C SER F 11 18.07 10.97 12.85
N GLN F 12 17.05 10.82 12.01
CA GLN F 12 15.74 11.38 12.34
C GLN F 12 14.61 10.56 11.75
N PHE F 13 13.59 10.32 12.56
CA PHE F 13 12.46 9.45 12.21
C PHE F 13 11.14 10.02 12.74
N THR F 14 10.42 10.78 11.92
CA THR F 14 9.21 11.50 12.35
C THR F 14 7.95 10.88 11.72
N CYS F 15 6.95 10.56 12.55
CA CYS F 15 5.63 10.07 12.06
C CYS F 15 4.42 10.79 12.66
N PHE F 16 3.37 10.89 11.83
CA PHE F 16 2.13 11.53 12.19
C PHE F 16 0.93 10.70 11.79
N TYR F 17 -0.10 10.75 12.63
CA TYR F 17 -1.33 9.99 12.47
C TYR F 17 -2.44 10.96 12.08
N ASN F 18 -3.23 10.63 11.06
CA ASN F 18 -4.26 11.57 10.59
C ASN F 18 -5.59 11.39 11.30
N SER F 19 -5.53 10.78 12.47
CA SER F 19 -6.69 10.48 13.34
C SER F 19 -7.63 9.35 12.86
N ARG F 20 -7.49 8.89 11.62
CA ARG F 20 -8.29 7.74 11.17
C ARG F 20 -7.50 6.44 10.90
N ALA F 21 -7.01 6.27 9.67
CA ALA F 21 -6.38 4.99 9.31
C ALA F 21 -5.08 5.18 8.54
N ASN F 22 -4.43 6.32 8.76
CA ASN F 22 -3.28 6.79 7.95
C ASN F 22 -2.16 7.36 8.84
N ILE F 23 -1.09 6.58 9.00
CA ILE F 23 0.15 7.05 9.65
C ILE F 23 1.16 7.30 8.54
N SER F 24 1.82 8.44 8.58
CA SER F 24 2.83 8.76 7.58
C SER F 24 4.17 9.03 8.22
N CYS F 25 5.22 8.44 7.63
CA CYS F 25 6.58 8.50 8.17
C CYS F 25 7.61 9.14 7.25
N VAL F 26 8.58 9.82 7.89
CA VAL F 26 9.77 10.34 7.22
C VAL F 26 10.99 9.84 7.99
N TRP F 27 11.98 9.35 7.25
CA TRP F 27 13.24 8.88 7.84
C TRP F 27 14.41 9.46 7.06
N SER F 28 15.27 10.20 7.77
CA SER F 28 16.46 10.77 7.16
C SER F 28 17.71 10.19 7.79
N GLN F 29 18.66 9.81 6.95
CA GLN F 29 19.88 9.11 7.33
C GLN F 29 21.08 9.91 6.83
N ASP F 30 22.18 9.89 7.59
CA ASP F 30 23.36 10.71 7.24
C ASP F 30 24.15 10.22 6.01
N GLY F 31 24.01 8.93 5.66
CA GLY F 31 24.72 8.39 4.50
C GLY F 31 24.38 6.95 4.17
N ASP F 35 22.71 2.48 0.25
CA ASP F 35 21.43 1.92 0.69
C ASP F 35 20.67 1.26 -0.45
N THR F 36 19.86 0.25 -0.12
CA THR F 36 19.06 -0.40 -1.15
C THR F 36 17.57 -0.47 -0.78
N SER F 37 17.21 -1.15 0.32
CA SER F 37 15.79 -1.48 0.53
C SER F 37 15.27 -1.43 1.98
N CYS F 38 14.44 -0.43 2.28
CA CYS F 38 13.91 -0.28 3.63
C CYS F 38 12.40 -0.36 3.75
N GLN F 39 11.92 -0.27 4.98
CA GLN F 39 10.56 -0.62 5.33
C GLN F 39 10.22 0.04 6.66
N VAL F 40 8.95 0.39 6.85
CA VAL F 40 8.46 0.73 8.18
C VAL F 40 7.48 -0.36 8.60
N HIS F 41 7.66 -0.86 9.80
CA HIS F 41 6.82 -1.94 10.30
C HIS F 41 6.04 -1.41 11.49
N ALA F 42 4.72 -1.37 11.34
CA ALA F 42 3.84 -0.94 12.43
C ALA F 42 3.42 -2.15 13.24
N TRP F 43 3.68 -2.12 14.53
CA TRP F 43 3.31 -3.24 15.38
C TRP F 43 2.52 -2.77 16.58
N PRO F 44 1.17 -2.85 16.51
CA PRO F 44 0.31 -2.46 17.62
C PRO F 44 0.57 -3.33 18.85
N ASP F 45 0.40 -2.77 20.05
CA ASP F 45 0.70 -3.51 21.26
C ASP F 45 -0.50 -4.31 21.76
N ARG F 46 -1.64 -4.13 21.09
CA ARG F 46 -2.86 -4.84 21.45
C ARG F 46 -3.88 -4.96 20.31
N ARG F 47 -3.39 -4.89 19.07
CA ARG F 47 -4.19 -5.27 17.91
C ARG F 47 -3.67 -6.54 17.26
N ARG F 48 -4.49 -7.13 16.42
CA ARG F 48 -4.23 -8.45 15.89
C ARG F 48 -3.59 -8.38 14.51
N TRP F 49 -3.30 -7.17 14.06
CA TRP F 49 -2.65 -6.97 12.77
C TRP F 49 -1.29 -6.32 12.91
N ASN F 50 -0.55 -6.34 11.79
CA ASN F 50 0.66 -5.55 11.61
C ASN F 50 0.52 -4.87 10.28
N GLN F 51 1.29 -3.81 10.06
CA GLN F 51 1.29 -3.20 8.76
C GLN F 51 2.68 -2.73 8.42
N THR F 52 3.05 -2.88 7.14
CA THR F 52 4.32 -2.35 6.64
C THR F 52 4.08 -1.42 5.47
N CYS F 53 5.09 -0.61 5.16
CA CYS F 53 5.15 0.16 3.92
C CYS F 53 6.60 0.28 3.48
N GLU F 54 6.82 0.33 2.17
CA GLU F 54 8.16 0.39 1.59
C GLU F 54 8.60 1.85 1.40
N LEU F 55 9.53 2.30 2.22
CA LEU F 55 10.08 3.66 2.15
C LEU F 55 10.57 4.03 0.74
N LEU F 56 10.01 5.10 0.19
CA LEU F 56 10.39 5.61 -1.11
C LEU F 56 11.17 6.90 -0.96
N PRO F 57 12.16 7.14 -1.84
CA PRO F 57 12.99 8.33 -1.77
C PRO F 57 12.23 9.63 -2.03
N VAL F 58 12.69 10.69 -1.38
CA VAL F 58 12.03 11.98 -1.39
C VAL F 58 13.10 13.07 -1.52
N SER F 59 13.96 13.18 -0.51
CA SER F 59 15.05 14.14 -0.51
C SER F 59 16.30 13.47 -1.07
N GLN F 60 17.44 14.16 -1.00
CA GLN F 60 18.74 13.52 -1.22
C GLN F 60 19.01 12.49 -0.12
N ALA F 61 18.49 12.75 1.09
CA ALA F 61 18.72 11.89 2.23
C ALA F 61 17.48 11.65 3.10
N SER F 62 16.30 11.90 2.55
CA SER F 62 15.05 11.58 3.25
C SER F 62 14.25 10.50 2.52
N TRP F 63 13.59 9.64 3.28
CA TRP F 63 12.69 8.65 2.73
C TRP F 63 11.30 8.89 3.30
N ALA F 64 10.27 8.52 2.56
CA ALA F 64 8.90 8.66 3.05
C ALA F 64 8.03 7.43 2.84
N CYS F 65 7.01 7.31 3.68
CA CYS F 65 6.25 6.09 3.77
C CYS F 65 4.89 6.33 4.42
N ASN F 66 3.85 5.75 3.82
CA ASN F 66 2.50 5.78 4.37
C ASN F 66 1.99 4.42 4.85
N LEU F 67 1.45 4.41 6.05
CA LEU F 67 0.86 3.21 6.61
C LEU F 67 -0.68 3.29 6.52
N ILE F 68 -1.23 2.62 5.50
CA ILE F 68 -2.67 2.61 5.28
C ILE F 68 -3.28 1.44 6.03
N LEU F 69 -4.10 1.76 7.02
CA LEU F 69 -4.57 0.80 8.02
C LEU F 69 -6.01 0.35 7.81
N GLY F 70 -6.67 0.88 6.77
CA GLY F 70 -8.08 0.56 6.52
C GLY F 70 -8.70 1.59 5.60
N ALA F 71 -10.02 1.60 5.52
CA ALA F 71 -10.70 2.55 4.64
C ALA F 71 -10.46 3.99 5.11
N PRO F 72 -10.35 4.92 4.17
CA PRO F 72 -10.15 6.34 4.44
C PRO F 72 -10.75 6.82 5.77
N ASP F 73 -12.00 6.45 6.07
CA ASP F 73 -12.69 6.99 7.24
C ASP F 73 -12.88 6.08 8.45
N SER F 74 -12.29 4.89 8.41
CA SER F 74 -12.43 3.90 9.49
C SER F 74 -11.58 4.27 10.69
N GLN F 75 -12.08 4.05 11.89
CA GLN F 75 -11.27 4.38 13.07
C GLN F 75 -10.41 3.19 13.50
N LYS F 76 -9.16 3.18 13.05
CA LYS F 76 -8.30 2.00 13.27
C LYS F 76 -7.51 1.97 14.58
N LEU F 77 -7.36 3.11 15.25
CA LEU F 77 -6.61 3.19 16.52
C LEU F 77 -7.30 4.05 17.56
N THR F 78 -6.81 3.99 18.78
CA THR F 78 -7.47 4.64 19.89
C THR F 78 -6.44 5.36 20.70
N THR F 79 -6.90 6.31 21.49
CA THR F 79 -6.06 7.01 22.46
C THR F 79 -5.28 6.08 23.41
N VAL F 80 -5.64 4.80 23.48
CA VAL F 80 -4.94 3.87 24.38
C VAL F 80 -3.96 2.98 23.63
N ASP F 81 -3.96 3.09 22.31
CA ASP F 81 -3.09 2.26 21.49
C ASP F 81 -1.65 2.71 21.62
N ILE F 82 -0.72 1.76 21.62
CA ILE F 82 0.69 2.07 21.46
C ILE F 82 1.23 1.24 20.33
N VAL F 83 1.66 1.91 19.26
CA VAL F 83 2.19 1.26 18.07
C VAL F 83 3.69 1.40 18.10
N THR F 84 4.39 0.31 17.76
CA THR F 84 5.83 0.31 17.77
C THR F 84 6.30 0.36 16.34
N LEU F 85 6.70 1.54 15.91
CA LEU F 85 7.13 1.78 14.54
C LEU F 85 8.61 1.50 14.43
N ARG F 86 9.00 0.88 13.32
CA ARG F 86 10.35 0.36 13.20
C ARG F 86 10.85 0.52 11.77
N VAL F 87 12.05 1.08 11.63
CA VAL F 87 12.68 1.17 10.31
C VAL F 87 13.60 -0.03 10.11
N LEU F 88 13.37 -0.76 9.04
CA LEU F 88 14.10 -1.99 8.80
C LEU F 88 14.66 -1.97 7.39
N CYS F 89 15.94 -2.32 7.25
CA CYS F 89 16.54 -2.49 5.92
C CYS F 89 17.14 -3.89 5.75
N ARG F 90 17.30 -4.30 4.49
CA ARG F 90 17.74 -5.63 4.14
C ARG F 90 19.21 -5.91 4.44
N GLU F 91 19.46 -6.94 5.23
CA GLU F 91 20.79 -7.45 5.44
C GLU F 91 20.72 -8.87 4.88
N GLY F 92 20.89 -9.00 3.57
CA GLY F 92 20.74 -10.28 2.91
C GLY F 92 19.37 -10.90 3.14
N VAL F 93 19.32 -11.84 4.08
CA VAL F 93 18.13 -12.65 4.32
C VAL F 93 17.32 -12.18 5.54
N ARG F 94 17.99 -11.48 6.44
CA ARG F 94 17.37 -10.96 7.67
C ARG F 94 17.28 -9.44 7.60
N TRP F 95 16.36 -8.86 8.36
CA TRP F 95 16.23 -7.41 8.47
C TRP F 95 17.20 -6.82 9.48
N ARG F 96 17.63 -5.59 9.23
CA ARG F 96 18.41 -4.83 10.19
C ARG F 96 17.57 -3.65 10.69
N VAL F 97 17.55 -3.44 12.01
CA VAL F 97 16.73 -2.39 12.64
C VAL F 97 17.49 -1.07 12.76
N MET F 98 17.10 -0.09 11.94
CA MET F 98 17.75 1.22 11.91
C MET F 98 17.25 2.15 12.99
N ALA F 99 15.93 2.17 13.19
CA ALA F 99 15.28 3.02 14.19
C ALA F 99 14.00 2.37 14.75
N ILE F 100 13.72 2.62 16.03
CA ILE F 100 12.54 2.07 16.70
C ILE F 100 11.88 3.18 17.54
N GLN F 101 10.55 3.16 17.64
CA GLN F 101 9.79 4.26 18.24
C GLN F 101 8.47 3.84 18.91
N ASP F 102 8.22 4.33 20.12
CA ASP F 102 6.93 4.10 20.78
C ASP F 102 5.88 5.13 20.37
N PHE F 103 5.14 4.83 19.32
CA PHE F 103 4.18 5.78 18.74
C PHE F 103 2.81 5.74 19.42
N LYS F 104 2.57 6.66 20.36
CA LYS F 104 1.23 6.95 20.85
C LYS F 104 0.47 7.76 19.78
N PRO F 105 -0.44 7.10 19.04
CA PRO F 105 -0.93 7.73 17.80
C PRO F 105 -1.78 8.99 17.98
N PHE F 106 -2.43 9.13 19.14
CA PHE F 106 -3.22 10.33 19.45
C PHE F 106 -2.42 11.41 20.18
N GLU F 107 -1.10 11.24 20.18
CA GLU F 107 -0.17 12.24 20.72
C GLU F 107 0.63 12.81 19.56
N ASN F 108 0.36 12.27 18.38
CA ASN F 108 1.12 12.61 17.20
C ASN F 108 0.21 12.89 16.03
N LEU F 109 -0.77 13.74 16.28
CA LEU F 109 -1.85 13.99 15.35
C LEU F 109 -1.50 15.10 14.39
N ARG F 110 -1.87 14.86 13.14
CA ARG F 110 -1.84 15.89 12.13
C ARG F 110 -2.89 15.53 11.11
N LEU F 111 -3.90 16.39 11.01
CA LEU F 111 -5.10 16.09 10.22
C LEU F 111 -4.86 16.40 8.77
N MET F 112 -5.76 15.94 7.91
CA MET F 112 -5.75 16.33 6.50
C MET F 112 -6.21 17.78 6.38
N ALA F 113 -5.75 18.47 5.35
CA ALA F 113 -6.17 19.83 5.07
C ALA F 113 -7.70 19.95 4.96
N PRO F 114 -8.30 21.01 5.51
CA PRO F 114 -9.73 21.17 5.25
C PRO F 114 -10.11 21.17 3.76
N ILE F 115 -11.33 20.74 3.47
CA ILE F 115 -11.78 20.61 2.09
C ILE F 115 -13.10 21.36 1.82
N SER F 116 -13.44 21.47 0.53
CA SER F 116 -14.69 22.05 0.04
C SER F 116 -14.85 23.44 0.60
N LEU F 117 -13.81 24.23 0.44
CA LEU F 117 -13.90 25.64 0.75
C LEU F 117 -14.87 26.23 -0.24
N GLN F 118 -15.74 27.10 0.26
CA GLN F 118 -16.64 27.80 -0.62
C GLN F 118 -17.11 29.10 -0.01
N VAL F 119 -17.44 30.04 -0.90
CA VAL F 119 -17.98 31.34 -0.56
C VAL F 119 -19.44 31.15 -0.26
N VAL F 120 -19.84 31.47 0.96
CA VAL F 120 -21.24 31.37 1.39
C VAL F 120 -21.98 32.62 0.89
N HIS F 121 -21.38 33.79 1.15
CA HIS F 121 -21.98 35.06 0.76
C HIS F 121 -20.91 36.12 0.59
N VAL F 122 -20.89 36.75 -0.57
CA VAL F 122 -20.00 37.87 -0.80
C VAL F 122 -20.72 39.19 -0.63
N GLU F 123 -19.95 40.18 -0.19
CA GLU F 123 -20.40 41.55 -0.16
C GLU F 123 -19.33 42.39 -0.83
N THR F 124 -19.44 43.69 -0.68
CA THR F 124 -18.43 44.60 -1.20
C THR F 124 -17.25 44.72 -0.23
N HIS F 125 -17.52 44.57 1.07
CA HIS F 125 -16.51 44.79 2.11
C HIS F 125 -16.35 43.56 3.00
N ARG F 126 -17.19 42.55 2.75
CA ARG F 126 -17.29 41.35 3.60
C ARG F 126 -17.41 40.08 2.80
N CYS F 127 -17.07 38.98 3.44
CA CYS F 127 -17.19 37.68 2.79
C CYS F 127 -17.30 36.58 3.79
N ASN F 128 -18.35 35.78 3.70
CA ASN F 128 -18.48 34.63 4.56
C ASN F 128 -17.98 33.38 3.85
N ILE F 129 -16.88 32.81 4.35
CA ILE F 129 -16.35 31.58 3.75
C ILE F 129 -16.48 30.39 4.69
N SER F 130 -16.70 29.21 4.13
CA SER F 130 -16.85 28.01 4.92
C SER F 130 -16.11 26.86 4.32
N TRP F 131 -15.83 25.87 5.16
CA TRP F 131 -15.08 24.67 4.78
C TRP F 131 -15.61 23.46 5.54
N GLU F 132 -15.09 22.29 5.19
CA GLU F 132 -15.41 21.07 5.92
C GLU F 132 -14.10 20.37 6.26
N ILE F 133 -14.02 19.77 7.45
CA ILE F 133 -12.85 18.93 7.82
C ILE F 133 -12.99 17.53 7.22
N SER F 134 -11.86 16.91 6.92
CA SER F 134 -11.86 15.75 6.04
C SER F 134 -11.88 14.38 6.72
N GLN F 135 -10.79 13.98 7.38
CA GLN F 135 -10.82 12.68 8.01
C GLN F 135 -10.52 12.83 9.48
N ALA F 136 -11.42 13.53 10.17
CA ALA F 136 -11.28 13.77 11.59
C ALA F 136 -12.02 12.67 12.34
N SER F 137 -11.42 12.23 13.44
CA SER F 137 -12.05 11.26 14.32
C SER F 137 -13.26 11.89 14.99
N HIS F 138 -14.28 11.09 15.21
CA HIS F 138 -15.40 11.55 16.02
C HIS F 138 -14.98 11.74 17.48
N TYR F 139 -13.77 11.29 17.83
CA TYR F 139 -13.29 11.34 19.22
C TYR F 139 -12.97 12.76 19.64
N PHE F 140 -12.75 13.63 18.65
CA PHE F 140 -12.41 15.00 18.94
C PHE F 140 -13.61 15.81 19.43
N GLU F 141 -14.79 15.47 18.92
CA GLU F 141 -15.97 16.26 19.22
C GLU F 141 -15.71 17.70 18.78
N ARG F 142 -15.90 18.65 19.69
CA ARG F 142 -15.74 20.08 19.38
C ARG F 142 -14.38 20.68 19.79
N HIS F 143 -13.41 19.84 20.15
CA HIS F 143 -12.11 20.31 20.63
C HIS F 143 -11.11 20.49 19.49
N LEU F 144 -11.56 21.15 18.44
CA LEU F 144 -10.69 21.48 17.33
C LEU F 144 -10.38 22.98 17.32
N GLU F 145 -9.49 23.40 16.42
CA GLU F 145 -8.99 24.76 16.40
C GLU F 145 -8.55 25.08 14.99
N PHE F 146 -9.02 26.20 14.45
CA PHE F 146 -8.64 26.55 13.09
C PHE F 146 -7.83 27.83 13.07
N GLU F 147 -7.12 28.00 11.95
CA GLU F 147 -6.25 29.16 11.70
C GLU F 147 -6.32 29.44 10.20
N ALA F 148 -6.43 30.71 9.82
CA ALA F 148 -6.65 31.05 8.41
C ALA F 148 -5.82 32.23 7.98
N ARG F 149 -5.66 32.38 6.67
CA ARG F 149 -4.89 33.52 6.12
C ARG F 149 -5.49 34.02 4.81
N THR F 150 -5.23 35.29 4.51
CA THR F 150 -5.84 35.99 3.36
C THR F 150 -4.81 36.59 2.44
N LEU F 151 -4.88 36.25 1.15
CA LEU F 151 -3.96 36.85 0.19
C LEU F 151 -4.61 38.06 -0.50
N SER F 152 -4.11 39.24 -0.17
CA SER F 152 -4.58 40.46 -0.81
C SER F 152 -3.51 41.01 -1.77
N PRO F 153 -3.93 41.80 -2.79
CA PRO F 153 -3.14 42.15 -4.00
C PRO F 153 -1.64 42.48 -3.86
N GLY F 154 -1.28 43.32 -2.89
CA GLY F 154 0.11 43.78 -2.77
C GLY F 154 0.98 43.00 -1.81
N HIS F 155 0.54 41.80 -1.45
CA HIS F 155 1.24 41.02 -0.44
C HIS F 155 1.45 39.56 -0.84
N THR F 156 2.32 38.87 -0.12
CA THR F 156 2.50 37.43 -0.28
C THR F 156 1.90 36.70 0.92
N TRP F 157 1.84 35.37 0.84
CA TRP F 157 1.21 34.59 1.89
C TRP F 157 1.88 34.79 3.24
N GLU F 158 3.18 35.01 3.20
CA GLU F 158 3.98 35.03 4.42
C GLU F 158 3.72 36.28 5.24
N GLU F 159 3.33 37.35 4.57
CA GLU F 159 2.97 38.61 5.22
C GLU F 159 1.60 38.51 5.90
N ALA F 160 0.70 37.76 5.27
CA ALA F 160 -0.67 37.68 5.71
C ALA F 160 -0.79 37.17 7.14
N PRO F 161 -1.60 37.86 7.98
CA PRO F 161 -1.75 37.47 9.39
C PRO F 161 -2.52 36.17 9.52
N LEU F 162 -2.17 35.36 10.52
CA LEU F 162 -2.95 34.15 10.81
C LEU F 162 -4.15 34.51 11.68
N LEU F 163 -5.34 34.32 11.13
CA LEU F 163 -6.55 34.56 11.89
C LEU F 163 -6.84 33.37 12.76
N THR F 164 -6.92 33.58 14.06
CA THR F 164 -7.09 32.46 14.99
C THR F 164 -8.54 32.18 15.36
N LEU F 165 -9.05 31.05 14.88
CA LEU F 165 -10.34 30.53 15.32
C LEU F 165 -10.19 29.50 16.45
N LYS F 166 -10.39 29.95 17.69
CA LYS F 166 -10.10 29.17 18.89
C LYS F 166 -11.22 28.25 19.30
N GLN F 167 -11.98 27.78 18.31
CA GLN F 167 -13.11 26.87 18.53
C GLN F 167 -13.37 26.16 17.24
N LYS F 168 -14.30 25.20 17.23
CA LYS F 168 -14.60 24.50 15.99
C LYS F 168 -15.67 25.26 15.22
N GLN F 169 -15.21 26.29 14.52
CA GLN F 169 -16.08 27.12 13.74
C GLN F 169 -15.63 26.87 12.32
N GLU F 170 -16.53 26.35 11.48
CA GLU F 170 -16.15 26.01 10.12
C GLU F 170 -16.56 27.09 9.11
N TRP F 171 -16.54 28.34 9.57
CA TRP F 171 -16.79 29.47 8.70
C TRP F 171 -16.09 30.72 9.23
N ILE F 172 -15.86 31.67 8.35
CA ILE F 172 -15.30 32.93 8.76
C ILE F 172 -15.93 34.08 7.96
N CYS F 173 -16.41 35.10 8.67
CA CYS F 173 -16.84 36.34 8.03
C CYS F 173 -15.69 37.34 8.03
N LEU F 174 -14.98 37.44 6.91
CA LEU F 174 -13.92 38.43 6.70
C LEU F 174 -14.52 39.81 6.50
N GLU F 175 -14.04 40.79 7.27
CA GLU F 175 -14.53 42.15 7.27
C GLU F 175 -13.41 43.06 6.81
N THR F 176 -13.77 44.24 6.31
CA THR F 176 -12.78 45.25 5.88
C THR F 176 -12.03 44.81 4.63
N LEU F 177 -12.80 44.42 3.60
CA LEU F 177 -12.24 44.09 2.30
C LEU F 177 -12.57 45.19 1.30
N THR F 178 -11.66 45.41 0.36
CA THR F 178 -11.85 46.40 -0.69
C THR F 178 -12.83 45.90 -1.77
N PRO F 179 -13.81 46.74 -2.16
CA PRO F 179 -14.71 46.48 -3.27
C PRO F 179 -13.99 46.10 -4.57
N ASP F 180 -14.56 45.15 -5.31
CA ASP F 180 -14.07 44.70 -6.61
C ASP F 180 -12.59 44.36 -6.61
N THR F 181 -12.20 43.58 -5.62
CA THR F 181 -10.83 43.13 -5.45
C THR F 181 -10.80 41.62 -5.46
N GLN F 182 -9.72 41.06 -5.98
CA GLN F 182 -9.54 39.62 -6.04
C GLN F 182 -8.71 39.13 -4.86
N TYR F 183 -9.22 38.15 -4.13
CA TYR F 183 -8.52 37.62 -2.95
C TYR F 183 -8.31 36.10 -3.04
N GLU F 184 -7.41 35.60 -2.21
CA GLU F 184 -7.30 34.17 -2.00
C GLU F 184 -7.36 33.85 -0.52
N PHE F 185 -7.85 32.65 -0.20
CA PHE F 185 -8.09 32.25 1.18
C PHE F 185 -7.62 30.82 1.46
N GLN F 186 -7.13 30.60 2.68
CA GLN F 186 -6.62 29.30 3.14
C GLN F 186 -6.84 29.05 4.60
N VAL F 187 -7.00 27.77 4.94
CA VAL F 187 -7.32 27.40 6.31
C VAL F 187 -6.69 26.05 6.71
N ARG F 188 -6.52 25.85 8.01
CA ARG F 188 -5.93 24.62 8.55
C ARG F 188 -6.36 24.34 10.00
N VAL F 189 -6.21 23.08 10.43
CA VAL F 189 -6.77 22.60 11.68
C VAL F 189 -5.75 22.01 12.61
N LYS F 190 -6.12 21.93 13.88
CA LYS F 190 -5.31 21.24 14.85
C LYS F 190 -6.27 20.77 15.92
N PRO F 191 -6.20 19.49 16.31
CA PRO F 191 -6.93 19.14 17.53
C PRO F 191 -6.17 19.64 18.75
N LEU F 192 -6.86 19.77 19.88
CA LEU F 192 -6.23 20.22 21.10
C LEU F 192 -5.44 19.09 21.71
N GLN F 193 -5.87 17.86 21.45
CA GLN F 193 -5.24 16.70 22.03
C GLN F 193 -3.94 16.32 21.34
N GLY F 194 -3.01 15.84 22.15
CA GLY F 194 -1.72 15.34 21.69
C GLY F 194 -0.61 16.30 22.01
N GLU F 195 0.49 15.78 22.53
CA GLU F 195 1.65 16.58 22.90
C GLU F 195 2.55 16.95 21.71
N PHE F 196 2.50 16.15 20.64
CA PHE F 196 3.32 16.42 19.47
C PHE F 196 2.47 16.70 18.24
N THR F 197 1.19 17.01 18.49
CA THR F 197 0.19 17.33 17.46
C THR F 197 0.53 18.63 16.73
N THR F 198 0.36 18.66 15.41
CA THR F 198 0.64 19.88 14.64
C THR F 198 -0.51 20.35 13.77
N TRP F 199 -0.33 21.52 13.19
CA TRP F 199 -1.27 22.01 12.21
C TRP F 199 -1.29 21.08 11.01
N SER F 200 -2.45 20.97 10.39
CA SER F 200 -2.57 20.26 9.13
C SER F 200 -1.82 21.06 8.07
N PRO F 201 -1.55 20.46 6.90
CA PRO F 201 -1.16 21.39 5.85
C PRO F 201 -2.29 22.40 5.60
N TRP F 202 -1.99 23.44 4.83
CA TRP F 202 -2.99 24.43 4.46
C TRP F 202 -3.94 23.85 3.41
N SER F 203 -5.18 24.34 3.41
CA SER F 203 -6.15 24.05 2.37
C SER F 203 -5.69 24.56 1.02
N GLN F 204 -6.22 23.99 -0.04
CA GLN F 204 -6.06 24.58 -1.37
C GLN F 204 -6.72 25.95 -1.35
N PRO F 205 -6.08 26.95 -1.97
CA PRO F 205 -6.65 28.28 -1.77
C PRO F 205 -7.92 28.54 -2.59
N LEU F 206 -8.93 29.07 -1.91
CA LEU F 206 -10.14 29.52 -2.58
C LEU F 206 -9.90 30.92 -3.07
N ALA F 207 -10.02 31.11 -4.37
CA ALA F 207 -10.01 32.44 -4.97
C ALA F 207 -11.42 32.97 -5.01
N PHE F 208 -11.63 34.18 -4.50
CA PHE F 208 -12.92 34.84 -4.62
C PHE F 208 -12.80 36.34 -4.96
N ARG F 209 -13.84 36.89 -5.57
CA ARG F 209 -13.88 38.31 -5.93
C ARG F 209 -14.98 39.05 -5.16
N THR F 210 -14.65 40.15 -4.49
CA THR F 210 -15.68 40.99 -3.83
C THR F 210 -16.45 41.80 -4.84
N LYS F 211 -17.58 42.36 -4.41
CA LYS F 211 -18.49 43.10 -5.31
C LYS F 211 -18.18 44.60 -5.44
N THR F 212 -18.57 45.20 -6.57
CA THR F 212 -18.39 46.64 -6.79
C THR F 212 -19.41 47.48 -6.01
N GLY F 213 -18.99 48.67 -5.57
CA GLY F 213 -19.90 49.62 -4.93
C GLY F 213 -20.35 50.69 -5.91
N HIS F 214 -21.27 51.56 -5.48
CA HIS F 214 -21.75 52.65 -6.34
C HIS F 214 -21.08 53.97 -5.92
N THR G 37 -60.60 7.76 33.02
CA THR G 37 -59.83 8.94 32.56
C THR G 37 -58.34 8.75 32.86
N LEU G 38 -57.53 8.71 31.81
CA LEU G 38 -56.06 8.63 31.95
C LEU G 38 -55.39 9.98 32.29
N PRO G 39 -55.94 11.13 31.78
CA PRO G 39 -55.52 12.51 32.08
C PRO G 39 -55.01 12.79 33.50
N LEU G 40 -53.73 13.13 33.60
CA LEU G 40 -53.13 13.58 34.86
C LEU G 40 -51.91 14.46 34.52
N PRO G 41 -51.93 15.74 34.94
CA PRO G 41 -50.87 16.72 34.68
C PRO G 41 -49.47 16.12 34.68
N GLU G 42 -48.70 16.44 33.64
CA GLU G 42 -47.29 16.05 33.52
C GLU G 42 -46.45 16.76 34.58
N VAL G 43 -45.60 16.00 35.25
CA VAL G 43 -44.66 16.57 36.23
C VAL G 43 -43.35 16.88 35.52
N GLN G 44 -42.86 18.09 35.75
CA GLN G 44 -41.56 18.53 35.24
C GLN G 44 -40.59 18.76 36.39
N CYS G 45 -39.42 18.13 36.35
CA CYS G 45 -38.35 18.46 37.30
C CYS G 45 -37.16 19.10 36.60
N PHE G 46 -36.51 20.01 37.31
CA PHE G 46 -35.27 20.63 36.85
C PHE G 46 -34.30 20.72 38.01
N VAL G 47 -33.04 20.38 37.75
CA VAL G 47 -32.02 20.43 38.78
C VAL G 47 -31.22 21.70 38.57
N PHE G 48 -31.45 22.68 39.43
CA PHE G 48 -30.77 23.97 39.27
C PHE G 48 -29.33 23.99 39.80
N ASN G 49 -28.39 23.81 38.85
CA ASN G 49 -26.95 23.90 39.11
C ASN G 49 -26.47 22.89 40.17
N VAL G 50 -27.12 21.73 40.18
CA VAL G 50 -26.96 20.71 41.23
C VAL G 50 -27.00 21.30 42.65
N GLU G 51 -27.79 22.36 42.83
CA GLU G 51 -27.94 22.97 44.15
C GLU G 51 -29.27 22.63 44.83
N TYR G 52 -30.29 22.36 44.02
CA TYR G 52 -31.63 21.95 44.47
C TYR G 52 -32.50 21.57 43.27
N MET G 53 -33.71 21.08 43.54
CA MET G 53 -34.63 20.69 42.47
C MET G 53 -36.04 21.25 42.63
N ASN G 54 -36.56 21.82 41.54
CA ASN G 54 -37.96 22.22 41.41
C ASN G 54 -38.71 21.22 40.53
N CYS G 55 -39.58 20.41 41.13
CA CYS G 55 -40.54 19.61 40.38
C CYS G 55 -41.86 20.36 40.37
N THR G 56 -42.52 20.42 39.22
CA THR G 56 -43.77 21.17 39.08
C THR G 56 -44.83 20.47 38.21
N TRP G 57 -46.05 21.00 38.28
CA TRP G 57 -47.17 20.62 37.41
C TRP G 57 -48.16 21.78 37.42
N GLN G 58 -48.92 21.95 36.34
CA GLN G 58 -50.04 22.88 36.38
C GLN G 58 -51.36 22.13 36.63
N SER G 59 -51.89 22.31 37.84
CA SER G 59 -52.97 21.48 38.36
C SER G 59 -54.38 22.02 38.06
N SER G 60 -54.46 23.26 37.56
CA SER G 60 -55.73 23.93 37.29
C SER G 60 -56.55 23.28 36.18
N SER G 61 -55.90 22.44 35.38
CA SER G 61 -56.53 21.71 34.28
C SER G 61 -57.58 20.71 34.75
N GLU G 62 -58.08 20.90 35.96
CA GLU G 62 -59.11 20.06 36.55
C GLU G 62 -60.12 20.86 37.36
N PRO G 63 -61.41 20.71 37.01
CA PRO G 63 -62.51 21.11 37.91
C PRO G 63 -62.27 20.56 39.32
N GLN G 64 -62.70 21.32 40.32
CA GLN G 64 -62.43 21.01 41.73
C GLN G 64 -60.93 21.07 42.03
N PRO G 65 -60.46 22.23 42.57
CA PRO G 65 -59.07 22.35 43.03
C PRO G 65 -58.67 21.18 43.94
N THR G 66 -57.59 20.49 43.59
CA THR G 66 -57.16 19.30 44.34
C THR G 66 -55.71 19.42 44.81
N ASN G 67 -55.51 19.29 46.13
CA ASN G 67 -54.19 19.20 46.74
C ASN G 67 -53.51 17.89 46.32
N LEU G 68 -53.06 17.83 45.07
CA LEU G 68 -52.37 16.64 44.55
C LEU G 68 -51.11 16.36 45.34
N THR G 69 -50.76 15.09 45.47
CA THR G 69 -49.62 14.69 46.31
C THR G 69 -48.60 13.85 45.54
N LEU G 70 -47.33 14.23 45.69
CA LEU G 70 -46.22 13.58 45.00
C LEU G 70 -45.38 12.70 45.93
N HIS G 71 -44.98 11.54 45.38
CA HIS G 71 -44.05 10.64 46.03
C HIS G 71 -42.92 10.32 45.08
N TYR G 72 -41.74 9.98 45.63
CA TYR G 72 -40.57 9.64 44.82
C TYR G 72 -39.65 8.63 45.52
N TRP G 73 -38.84 7.94 44.74
CA TRP G 73 -37.81 7.05 45.24
C TRP G 73 -36.79 6.84 44.12
N TYR G 74 -35.65 6.24 44.48
CA TYR G 74 -34.57 5.98 43.53
C TYR G 74 -34.51 4.51 43.14
N LYS G 75 -34.85 4.23 41.89
CA LYS G 75 -34.99 2.87 41.38
C LYS G 75 -33.68 2.08 41.39
N ASN G 76 -33.83 0.75 41.43
CA ASN G 76 -32.73 -0.24 41.49
C ASN G 76 -31.44 0.30 42.12
N SER G 77 -31.48 0.49 43.43
CA SER G 77 -30.36 1.09 44.16
C SER G 77 -30.52 0.97 45.68
N ASP G 78 -29.62 1.65 46.40
CA ASP G 78 -29.74 1.84 47.85
C ASP G 78 -30.77 2.90 48.15
N ASN G 79 -31.47 2.72 49.27
CA ASN G 79 -32.64 3.53 49.61
C ASN G 79 -33.67 3.55 48.48
N ASP G 80 -34.20 2.36 48.20
CA ASP G 80 -35.36 2.19 47.34
C ASP G 80 -36.59 2.22 48.25
N LYS G 81 -36.57 3.16 49.18
CA LYS G 81 -37.68 3.43 50.06
C LYS G 81 -38.50 4.57 49.47
N VAL G 82 -39.82 4.47 49.61
CA VAL G 82 -40.75 5.49 49.12
C VAL G 82 -40.73 6.73 50.01
N GLN G 83 -40.67 7.91 49.40
CA GLN G 83 -40.57 9.17 50.14
C GLN G 83 -41.79 10.06 49.92
N LYS G 84 -42.19 10.78 50.97
CA LYS G 84 -43.18 11.86 50.86
C LYS G 84 -42.46 13.18 50.55
N CYS G 85 -43.17 14.16 49.98
CA CYS G 85 -42.51 15.39 49.49
C CYS G 85 -41.88 16.28 50.57
N SER G 86 -42.63 16.53 51.66
CA SER G 86 -42.14 17.28 52.84
C SER G 86 -41.71 18.74 52.61
N HIS G 87 -41.84 19.22 51.37
CA HIS G 87 -41.55 20.61 51.03
C HIS G 87 -42.36 21.06 49.82
N TYR G 88 -43.67 21.23 50.03
CA TYR G 88 -44.59 21.52 48.94
C TYR G 88 -44.57 22.96 48.46
N LEU G 89 -44.71 23.11 47.15
CA LEU G 89 -44.92 24.42 46.54
C LEU G 89 -46.38 24.58 46.17
N PHE G 90 -46.89 25.81 46.29
CA PHE G 90 -48.29 26.07 46.03
C PHE G 90 -48.50 27.13 44.95
N SER G 91 -49.69 27.12 44.36
CA SER G 91 -50.17 28.23 43.56
C SER G 91 -51.66 28.39 43.85
N GLU G 92 -51.98 29.43 44.62
CA GLU G 92 -53.37 29.74 45.00
C GLU G 92 -53.98 28.67 45.92
N GLU G 93 -53.28 28.36 47.02
CA GLU G 93 -53.71 27.38 48.04
C GLU G 93 -53.78 25.92 47.55
N ILE G 94 -53.40 25.69 46.28
CA ILE G 94 -53.41 24.36 45.68
C ILE G 94 -51.97 23.96 45.31
N THR G 95 -51.61 22.72 45.59
CA THR G 95 -50.26 22.21 45.31
C THR G 95 -49.87 22.38 43.84
N SER G 96 -48.66 22.87 43.63
CA SER G 96 -48.20 23.24 42.30
C SER G 96 -46.83 22.62 42.00
N GLY G 97 -46.13 22.23 43.07
CA GLY G 97 -44.82 21.61 42.95
C GLY G 97 -44.22 21.10 44.26
N CYS G 98 -42.95 20.69 44.17
CA CYS G 98 -42.20 20.11 45.27
C CYS G 98 -40.75 20.53 45.10
N GLN G 99 -40.08 20.92 46.18
CA GLN G 99 -38.66 21.28 46.12
C GLN G 99 -37.79 20.34 46.93
N LEU G 100 -36.83 19.70 46.26
CA LEU G 100 -35.92 18.76 46.91
C LEU G 100 -34.51 19.33 47.08
N GLN G 101 -33.94 19.09 48.25
CA GLN G 101 -32.62 19.58 48.64
C GLN G 101 -31.50 18.76 48.04
N LYS G 102 -30.29 19.33 48.05
CA LYS G 102 -29.09 18.70 47.50
C LYS G 102 -28.85 17.30 48.09
N LYS G 103 -29.17 17.17 49.39
CA LYS G 103 -29.13 15.90 50.12
C LYS G 103 -29.96 14.81 49.47
N GLU G 104 -31.12 15.20 48.92
CA GLU G 104 -32.09 14.27 48.36
C GLU G 104 -31.87 14.01 46.86
N ILE G 105 -30.92 14.73 46.27
CA ILE G 105 -30.56 14.58 44.87
C ILE G 105 -29.42 13.58 44.69
N HIS G 106 -29.58 12.66 43.74
CA HIS G 106 -28.53 11.76 43.34
C HIS G 106 -28.63 11.63 41.83
N LEU G 107 -27.92 12.48 41.09
CA LEU G 107 -27.86 12.28 39.63
C LEU G 107 -27.30 10.88 39.40
N TYR G 108 -27.52 10.34 38.21
CA TYR G 108 -26.89 9.07 37.83
C TYR G 108 -27.57 7.82 38.40
N GLN G 109 -28.56 8.04 39.25
CA GLN G 109 -29.48 6.99 39.66
C GLN G 109 -30.85 7.36 39.13
N THR G 110 -31.63 6.36 38.68
CA THR G 110 -32.95 6.63 38.11
C THR G 110 -33.94 7.14 39.16
N PHE G 111 -34.45 8.34 38.91
CA PHE G 111 -35.37 9.02 39.81
C PHE G 111 -36.79 8.71 39.36
N VAL G 112 -37.59 8.17 40.28
CA VAL G 112 -38.97 7.79 40.00
C VAL G 112 -39.97 8.63 40.78
N VAL G 113 -40.69 9.48 40.05
CA VAL G 113 -41.76 10.31 40.64
C VAL G 113 -43.13 9.70 40.35
N GLN G 114 -44.11 10.09 41.18
CA GLN G 114 -45.49 9.67 41.01
C GLN G 114 -46.46 10.73 41.52
N LEU G 115 -47.30 11.26 40.63
CA LEU G 115 -48.37 12.15 41.04
C LEU G 115 -49.61 11.35 41.40
N GLN G 116 -50.20 11.69 42.55
CA GLN G 116 -51.30 10.88 43.08
C GLN G 116 -52.50 11.74 43.48
N ASP G 117 -53.68 11.16 43.26
CA ASP G 117 -54.97 11.78 43.56
C ASP G 117 -55.44 11.31 44.93
N PRO G 118 -55.57 12.25 45.90
CA PRO G 118 -56.07 11.94 47.24
C PRO G 118 -57.41 11.18 47.26
N ARG G 119 -58.39 11.66 46.49
CA ARG G 119 -59.73 11.05 46.47
C ARG G 119 -59.73 9.66 45.84
N GLU G 120 -59.33 9.59 44.58
CA GLU G 120 -59.34 8.34 43.83
C GLU G 120 -57.94 7.87 43.46
N PRO G 121 -57.40 6.91 44.24
CA PRO G 121 -56.05 6.34 44.10
C PRO G 121 -55.80 5.70 42.74
N ARG G 122 -56.81 5.03 42.19
CA ARG G 122 -56.71 4.32 40.90
C ARG G 122 -56.32 5.26 39.75
N ARG G 123 -56.23 6.55 40.04
CA ARG G 123 -55.71 7.54 39.13
C ARG G 123 -54.36 8.02 39.66
N GLN G 124 -53.29 7.46 39.10
CA GLN G 124 -51.92 7.85 39.45
C GLN G 124 -51.03 7.79 38.21
N ALA G 125 -50.08 8.72 38.12
CA ALA G 125 -49.16 8.76 36.99
C ALA G 125 -47.70 8.82 37.45
N THR G 126 -46.92 7.83 37.00
CA THR G 126 -45.51 7.72 37.39
C THR G 126 -44.58 7.98 36.20
N GLN G 127 -43.44 8.62 36.45
CA GLN G 127 -42.43 8.83 35.42
C GLN G 127 -41.04 8.45 35.93
N MET G 128 -40.22 7.95 35.01
CA MET G 128 -38.82 7.69 35.29
C MET G 128 -37.95 8.78 34.68
N LEU G 129 -37.20 9.46 35.55
CA LEU G 129 -36.40 10.59 35.12
C LEU G 129 -34.92 10.30 35.28
N LYS G 130 -34.13 10.75 34.32
CA LYS G 130 -32.68 10.76 34.44
C LYS G 130 -32.26 12.18 34.81
N LEU G 131 -32.04 12.39 36.11
CA LEU G 131 -31.81 13.73 36.66
C LEU G 131 -30.61 14.47 36.10
N GLN G 132 -29.63 13.72 35.59
CA GLN G 132 -28.45 14.32 35.00
C GLN G 132 -28.71 15.01 33.66
N ASN G 133 -29.88 14.74 33.06
CA ASN G 133 -30.29 15.36 31.80
C ASN G 133 -31.24 16.55 32.01
N LEU G 134 -31.40 16.95 33.26
CA LEU G 134 -32.36 17.98 33.61
C LEU G 134 -31.70 19.01 34.51
N VAL G 135 -30.42 19.23 34.27
CA VAL G 135 -29.68 20.22 35.02
C VAL G 135 -29.68 21.50 34.22
N ILE G 136 -30.03 22.59 34.88
CA ILE G 136 -29.86 23.90 34.26
C ILE G 136 -28.78 24.61 35.05
N PRO G 137 -27.70 25.02 34.36
CA PRO G 137 -26.70 25.85 35.00
C PRO G 137 -27.19 27.27 35.21
N TRP G 138 -26.63 27.99 36.18
CA TRP G 138 -26.82 29.44 36.22
C TRP G 138 -26.18 30.03 34.96
N ALA G 139 -26.48 31.29 34.67
CA ALA G 139 -25.95 31.94 33.47
C ALA G 139 -24.47 32.30 33.63
N PRO G 140 -23.74 32.40 32.51
CA PRO G 140 -22.34 32.82 32.53
C PRO G 140 -22.14 34.25 33.08
N GLU G 141 -20.99 34.47 33.71
CA GLU G 141 -20.65 35.72 34.38
C GLU G 141 -19.25 36.23 34.04
N ASN G 142 -18.94 37.47 34.44
CA ASN G 142 -17.60 38.05 34.26
C ASN G 142 -17.11 37.96 32.80
N LEU G 143 -18.02 38.26 31.87
CA LEU G 143 -17.68 38.45 30.47
C LEU G 143 -16.63 39.55 30.31
N THR G 144 -15.55 39.25 29.62
CA THR G 144 -14.52 40.23 29.30
C THR G 144 -14.03 40.00 27.88
N LEU G 145 -13.70 41.08 27.20
CA LEU G 145 -13.09 41.03 25.88
C LEU G 145 -11.67 41.49 26.01
N HIS G 146 -10.78 41.03 25.15
CA HIS G 146 -9.47 41.63 25.04
C HIS G 146 -8.88 41.38 23.67
N LYS G 147 -8.11 42.35 23.18
CA LYS G 147 -7.48 42.24 21.88
C LYS G 147 -6.40 41.18 21.88
N LEU G 148 -6.19 40.53 20.74
CA LEU G 148 -4.99 39.74 20.53
C LEU G 148 -4.35 40.15 19.19
N SER G 149 -4.92 41.21 18.63
CA SER G 149 -4.45 41.89 17.44
C SER G 149 -5.34 43.13 17.29
N GLU G 150 -4.84 44.11 16.55
CA GLU G 150 -5.61 45.32 16.24
C GLU G 150 -6.97 45.00 15.64
N SER G 151 -7.13 43.74 15.20
CA SER G 151 -8.26 43.32 14.38
C SER G 151 -8.88 42.02 14.87
N GLN G 152 -8.21 41.33 15.78
CA GLN G 152 -8.74 40.10 16.37
C GLN G 152 -8.92 40.30 17.85
N LEU G 153 -10.10 39.94 18.35
CA LEU G 153 -10.32 39.98 19.78
C LEU G 153 -10.98 38.72 20.31
N GLU G 154 -10.84 38.48 21.61
CA GLU G 154 -11.21 37.24 22.24
C GLU G 154 -12.17 37.50 23.39
N LEU G 155 -13.23 36.70 23.48
CA LEU G 155 -14.17 36.79 24.60
C LEU G 155 -13.93 35.69 25.64
N ASN G 156 -14.16 36.01 26.91
CA ASN G 156 -13.99 35.07 28.01
C ASN G 156 -15.09 35.22 29.02
N TRP G 157 -15.48 34.11 29.66
CA TRP G 157 -16.47 34.15 30.74
C TRP G 157 -16.31 33.07 31.79
N ASN G 158 -17.09 33.20 32.85
CA ASN G 158 -17.06 32.29 34.00
C ASN G 158 -18.43 31.71 34.27
N ASN G 159 -18.46 30.55 34.93
CA ASN G 159 -19.73 29.93 35.32
C ASN G 159 -19.62 29.47 36.78
N ARG G 160 -20.71 29.63 37.54
CA ARG G 160 -20.66 29.40 38.98
C ARG G 160 -19.88 28.15 39.42
N PHE G 161 -20.41 26.94 39.23
CA PHE G 161 -19.62 25.78 39.68
C PHE G 161 -19.12 24.87 38.54
N LEU G 162 -20.04 24.09 37.98
CA LEU G 162 -19.73 23.12 36.94
C LEU G 162 -18.80 23.80 35.93
N ASN G 163 -17.87 23.05 35.31
CA ASN G 163 -16.87 23.73 34.48
C ASN G 163 -16.25 22.95 33.32
N HIS G 164 -16.23 21.63 33.47
CA HIS G 164 -15.76 20.72 32.45
C HIS G 164 -17.01 20.11 31.83
N CYS G 165 -18.11 20.22 32.58
CA CYS G 165 -19.38 19.66 32.16
C CYS G 165 -20.09 20.54 31.17
N LEU G 166 -19.90 21.85 31.26
CA LEU G 166 -20.68 22.78 30.44
C LEU G 166 -20.18 22.90 29.00
N GLU G 167 -21.10 23.23 28.10
CA GLU G 167 -20.77 23.75 26.77
C GLU G 167 -21.54 25.07 26.63
N HIS G 168 -21.32 25.80 25.54
CA HIS G 168 -21.89 27.14 25.44
C HIS G 168 -22.32 27.54 24.05
N LEU G 169 -23.21 28.52 24.01
CA LEU G 169 -23.60 29.15 22.77
C LEU G 169 -23.21 30.61 22.92
N VAL G 170 -22.54 31.16 21.91
CA VAL G 170 -22.19 32.56 21.93
C VAL G 170 -22.96 33.23 20.84
N GLN G 171 -23.60 34.34 21.19
CA GLN G 171 -24.34 35.14 20.22
C GLN G 171 -23.77 36.55 20.19
N TYR G 172 -23.49 37.01 18.99
CA TYR G 172 -23.00 38.37 18.80
C TYR G 172 -23.67 39.06 17.63
N ARG G 173 -23.62 40.39 17.61
CA ARG G 173 -24.15 41.16 16.48
C ARG G 173 -23.74 42.62 16.51
N THR G 174 -23.74 43.26 15.35
CA THR G 174 -23.46 44.70 15.24
C THR G 174 -24.74 45.52 15.08
N ASP G 175 -24.56 46.82 14.81
CA ASP G 175 -25.67 47.73 14.56
C ASP G 175 -26.34 47.45 13.21
N TRP G 176 -25.55 46.94 12.27
CA TRP G 176 -25.97 46.71 10.90
C TRP G 176 -26.63 45.33 10.69
N ASP G 177 -26.47 44.46 11.68
CA ASP G 177 -27.01 43.09 11.62
C ASP G 177 -28.49 43.03 12.00
N HIS G 178 -29.26 42.27 11.22
CA HIS G 178 -30.68 42.12 11.45
C HIS G 178 -31.00 40.95 12.39
N SER G 179 -29.96 40.26 12.85
CA SER G 179 -30.10 39.10 13.76
C SER G 179 -28.81 38.77 14.51
N TRP G 180 -28.87 37.80 15.42
CA TRP G 180 -27.67 37.30 16.11
C TRP G 180 -26.92 36.30 15.28
N THR G 181 -25.60 36.34 15.34
CA THR G 181 -24.79 35.23 14.85
C THR G 181 -24.38 34.39 16.04
N GLU G 182 -24.78 33.14 16.02
CA GLU G 182 -24.43 32.25 17.10
C GLU G 182 -23.35 31.25 16.69
N GLN G 183 -22.78 30.61 17.70
CA GLN G 183 -21.68 29.66 17.56
C GLN G 183 -21.56 28.98 18.91
N SER G 184 -21.37 27.66 18.90
CA SER G 184 -21.19 26.91 20.16
C SER G 184 -19.73 26.63 20.50
N VAL G 185 -19.47 26.39 21.78
CA VAL G 185 -18.12 26.36 22.34
C VAL G 185 -18.03 25.29 23.44
N ASP G 186 -16.98 24.47 23.40
CA ASP G 186 -16.76 23.38 24.37
C ASP G 186 -16.34 23.92 25.73
N TYR G 187 -15.62 23.14 26.53
CA TYR G 187 -15.30 23.54 27.91
C TYR G 187 -14.40 24.77 28.00
N ARG G 188 -13.48 24.93 27.06
CA ARG G 188 -12.75 26.18 26.92
C ARG G 188 -13.80 27.25 26.94
N HIS G 189 -13.75 28.18 27.87
CA HIS G 189 -14.78 29.21 27.84
C HIS G 189 -14.23 30.43 27.12
N LYS G 190 -13.74 30.19 25.91
CA LYS G 190 -13.15 31.22 25.09
C LYS G 190 -13.98 31.37 23.84
N PHE G 191 -13.88 32.54 23.22
CA PHE G 191 -14.40 32.72 21.88
C PHE G 191 -13.53 33.69 21.13
N SER G 192 -13.04 33.23 19.99
CA SER G 192 -12.22 34.04 19.09
C SER G 192 -13.05 34.73 18.04
N LEU G 193 -12.72 35.99 17.79
CA LEU G 193 -13.31 36.73 16.70
C LEU G 193 -12.15 37.33 15.89
N PRO G 194 -11.77 36.64 14.80
CA PRO G 194 -10.59 36.94 14.03
C PRO G 194 -10.73 38.13 13.09
N SER G 195 -11.96 38.59 12.86
CA SER G 195 -12.15 39.73 11.98
C SER G 195 -13.22 40.69 12.48
N VAL G 196 -12.79 41.70 13.24
CA VAL G 196 -13.69 42.76 13.67
C VAL G 196 -13.59 43.98 12.75
N ASP G 197 -14.71 44.68 12.57
CA ASP G 197 -14.71 46.01 11.98
C ASP G 197 -14.72 46.99 13.14
N GLY G 198 -13.62 47.73 13.31
CA GLY G 198 -13.46 48.70 14.39
C GLY G 198 -14.48 49.83 14.36
N GLN G 199 -15.07 50.03 13.17
CA GLN G 199 -16.05 51.06 12.92
C GLN G 199 -17.45 50.70 13.41
N LYS G 200 -17.79 49.42 13.38
CA LYS G 200 -19.09 48.96 13.84
C LYS G 200 -19.09 48.76 15.36
N ARG G 201 -20.30 48.63 15.93
CA ARG G 201 -20.46 48.42 17.36
C ARG G 201 -21.03 47.02 17.65
N TYR G 202 -20.29 46.24 18.44
CA TYR G 202 -20.63 44.84 18.73
C TYR G 202 -21.34 44.63 20.07
N THR G 203 -22.29 43.71 20.09
CA THR G 203 -22.94 43.27 21.31
C THR G 203 -22.66 41.78 21.41
N PHE G 204 -22.26 41.32 22.60
CA PHE G 204 -21.96 39.91 22.87
C PHE G 204 -22.74 39.36 24.06
N ARG G 205 -23.19 38.10 23.95
CA ARG G 205 -23.81 37.38 25.07
C ARG G 205 -23.63 35.86 24.98
N VAL G 206 -23.75 35.20 26.13
CA VAL G 206 -23.44 33.77 26.24
C VAL G 206 -24.45 33.00 27.10
N ARG G 207 -24.74 31.76 26.70
CA ARG G 207 -25.44 30.84 27.58
C ARG G 207 -24.79 29.44 27.67
N SER G 208 -25.04 28.76 28.78
CA SER G 208 -24.39 27.49 29.11
C SER G 208 -25.38 26.34 29.31
N ARG G 209 -24.88 25.12 29.31
CA ARG G 209 -25.73 23.93 29.37
C ARG G 209 -24.98 22.65 29.73
N PHE G 210 -25.55 21.88 30.66
CA PHE G 210 -25.00 20.61 31.13
C PHE G 210 -25.02 19.50 30.06
N ASN G 211 -24.09 19.55 29.12
CA ASN G 211 -24.03 18.60 28.00
C ASN G 211 -22.65 18.64 27.34
N PRO G 212 -22.16 17.53 26.74
CA PRO G 212 -22.57 16.13 26.78
C PRO G 212 -21.67 15.25 27.66
N LEU G 213 -20.86 15.86 28.53
CA LEU G 213 -19.83 15.09 29.24
C LEU G 213 -20.18 14.56 30.63
N CYS G 214 -20.99 15.29 31.38
CA CYS G 214 -21.42 14.80 32.69
C CYS G 214 -22.90 14.53 32.66
N GLY G 215 -23.54 14.98 31.57
CA GLY G 215 -24.97 14.82 31.38
C GLY G 215 -25.42 15.19 29.98
N SER G 216 -26.62 14.74 29.62
CA SER G 216 -27.16 15.02 28.30
C SER G 216 -28.32 16.00 28.37
N ALA G 217 -28.19 17.05 29.18
CA ALA G 217 -29.24 18.06 29.30
C ALA G 217 -29.40 18.90 28.03
N GLN G 218 -30.64 19.26 27.73
CA GLN G 218 -30.97 19.97 26.50
C GLN G 218 -31.29 21.44 26.76
N HIS G 219 -31.97 21.73 27.87
CA HIS G 219 -32.37 23.11 28.16
C HIS G 219 -31.19 24.00 28.53
N TRP G 220 -31.21 25.25 28.06
CA TRP G 220 -30.11 26.17 28.29
C TRP G 220 -30.30 27.04 29.52
N SER G 221 -29.21 27.56 30.06
CA SER G 221 -29.25 28.58 31.11
C SER G 221 -29.82 29.87 30.52
N GLU G 222 -30.33 30.75 31.37
CA GLU G 222 -30.69 32.10 30.92
C GLU G 222 -29.45 32.74 30.31
N TRP G 223 -29.62 33.77 29.48
CA TRP G 223 -28.47 34.45 28.89
C TRP G 223 -27.68 35.23 29.93
N SER G 224 -26.46 35.62 29.59
CA SER G 224 -25.65 36.50 30.44
C SER G 224 -26.04 37.94 30.17
N HIS G 225 -25.65 38.85 31.08
CA HIS G 225 -25.77 40.27 30.80
C HIS G 225 -24.89 40.53 29.58
N PRO G 226 -25.45 41.16 28.54
CA PRO G 226 -24.68 41.34 27.31
C PRO G 226 -23.65 42.46 27.43
N ILE G 227 -22.55 42.35 26.70
CA ILE G 227 -21.52 43.40 26.67
C ILE G 227 -21.24 43.95 25.26
N HIS G 228 -20.54 45.08 25.20
CA HIS G 228 -20.36 45.80 23.95
C HIS G 228 -18.91 46.14 23.62
N TRP G 229 -18.60 46.14 22.33
CA TRP G 229 -17.33 46.59 21.80
C TRP G 229 -17.67 47.57 20.67
N GLY G 230 -17.43 48.86 20.90
CA GLY G 230 -17.93 49.83 19.95
C GLY G 230 -17.13 51.11 19.83
N SER G 231 -17.56 51.95 18.89
CA SER G 231 -16.96 53.26 18.65
C SER G 231 -17.45 53.83 17.32
N THR H 3 -0.88 11.97 39.81
CA THR H 3 -2.29 12.18 40.28
C THR H 3 -3.09 12.99 39.27
N SER H 4 -2.61 14.20 38.95
CA SER H 4 -3.29 15.12 38.01
C SER H 4 -3.33 14.56 36.58
N SER H 5 -2.20 14.06 36.11
CA SER H 5 -2.07 13.48 34.76
C SER H 5 -2.82 12.14 34.59
N SER H 6 -2.65 11.24 35.56
CA SER H 6 -3.40 9.97 35.58
C SER H 6 -4.90 10.24 35.62
N THR H 7 -5.30 11.26 36.38
CA THR H 7 -6.67 11.74 36.38
C THR H 7 -7.08 12.21 34.98
N LYS H 8 -6.20 12.94 34.31
CA LYS H 8 -6.50 13.53 33.01
C LYS H 8 -6.42 12.50 31.88
N LYS H 9 -5.57 11.49 32.08
CA LYS H 9 -5.41 10.42 31.12
C LYS H 9 -6.65 9.53 31.14
N THR H 10 -7.18 9.31 32.34
CA THR H 10 -8.38 8.49 32.54
C THR H 10 -9.63 9.27 32.14
N GLN H 11 -9.63 10.56 32.46
CA GLN H 11 -10.74 11.42 32.08
C GLN H 11 -10.99 11.28 30.58
N LEU H 12 -9.94 11.44 29.79
CA LEU H 12 -10.00 11.44 28.33
C LEU H 12 -10.37 10.09 27.73
N GLN H 13 -10.01 8.99 28.39
CA GLN H 13 -10.40 7.65 27.91
C GLN H 13 -11.90 7.41 28.06
N LEU H 14 -12.44 7.81 29.21
CA LEU H 14 -13.86 7.79 29.43
C LEU H 14 -14.58 8.67 28.42
N GLU H 15 -14.04 9.85 28.17
CA GLU H 15 -14.59 10.77 27.20
C GLU H 15 -14.72 10.06 25.85
N HIS H 16 -13.67 9.38 25.42
CA HIS H 16 -13.70 8.67 24.13
C HIS H 16 -14.70 7.49 24.11
N LEU H 17 -14.70 6.69 25.18
CA LEU H 17 -15.70 5.63 25.36
C LEU H 17 -17.13 6.18 25.29
N LEU H 18 -17.39 7.25 26.03
CA LEU H 18 -18.70 7.90 26.04
C LEU H 18 -19.06 8.31 24.62
N LEU H 19 -18.11 8.92 23.92
CA LEU H 19 -18.33 9.28 22.53
C LEU H 19 -18.65 8.07 21.64
N ASP H 20 -18.02 6.92 21.91
CA ASP H 20 -18.29 5.73 21.10
C ASP H 20 -19.69 5.24 21.36
N LEU H 21 -20.11 5.34 22.62
CA LEU H 21 -21.43 4.85 23.04
C LEU H 21 -22.54 5.71 22.44
N GLN H 22 -22.45 7.02 22.68
CA GLN H 22 -23.43 7.98 22.18
C GLN H 22 -23.57 7.92 20.66
N MET H 23 -22.47 7.61 19.98
CA MET H 23 -22.51 7.42 18.55
C MET H 23 -23.37 6.22 18.14
N ILE H 24 -23.33 5.15 18.93
CA ILE H 24 -24.15 3.99 18.64
C ILE H 24 -25.61 4.34 18.88
N LEU H 25 -25.88 4.92 20.06
CA LEU H 25 -27.23 5.30 20.46
C LEU H 25 -27.91 6.15 19.40
N ASN H 26 -27.26 7.24 18.98
CA ASN H 26 -27.80 8.14 17.95
C ASN H 26 -27.98 7.44 16.61
N GLY H 27 -27.15 6.43 16.36
CA GLY H 27 -27.17 5.68 15.12
C GLY H 27 -28.42 4.84 14.94
N ILE H 28 -28.83 4.18 16.01
CA ILE H 28 -29.92 3.21 15.98
C ILE H 28 -31.23 3.77 16.51
N ASN H 29 -31.15 4.64 17.53
CA ASN H 29 -32.33 5.20 18.17
C ASN H 29 -32.80 6.48 17.50
N ASN H 30 -33.23 6.35 16.24
CA ASN H 30 -33.75 7.48 15.47
C ASN H 30 -34.78 7.04 14.41
N TYR H 31 -35.28 8.02 13.67
CA TYR H 31 -36.30 7.82 12.65
C TYR H 31 -35.88 6.86 11.53
N LYS H 32 -34.64 7.01 11.06
CA LYS H 32 -34.23 6.38 9.80
C LYS H 32 -33.62 4.98 9.94
N ASN H 33 -33.80 4.40 11.13
CA ASN H 33 -33.50 2.99 11.38
C ASN H 33 -34.80 2.17 11.44
N PRO H 34 -35.12 1.45 10.34
CA PRO H 34 -36.36 0.66 10.29
C PRO H 34 -36.33 -0.61 11.14
N LYS H 35 -35.17 -0.96 11.68
CA LYS H 35 -35.01 -2.19 12.46
C LYS H 35 -35.15 -1.95 13.97
N LEU H 36 -35.12 -0.67 14.36
CA LEU H 36 -35.15 -0.28 15.77
C LEU H 36 -36.06 -1.14 16.64
N THR H 37 -37.33 -1.27 16.22
CA THR H 37 -38.35 -1.98 16.98
C THR H 37 -38.02 -3.45 17.17
N ARG H 38 -37.47 -4.08 16.13
CA ARG H 38 -36.99 -5.46 16.25
C ARG H 38 -35.80 -5.56 17.21
N MET H 39 -34.95 -4.54 17.18
CA MET H 39 -33.78 -4.49 18.05
C MET H 39 -34.15 -4.40 19.52
N LEU H 40 -35.35 -3.92 19.80
CA LEU H 40 -35.80 -3.76 21.17
C LEU H 40 -36.30 -5.08 21.76
N THR H 41 -36.51 -6.08 20.92
CA THR H 41 -36.92 -7.42 21.39
C THR H 41 -35.74 -8.26 21.88
N PHE H 42 -34.52 -7.77 21.67
CA PHE H 42 -33.34 -8.45 22.20
C PHE H 42 -33.14 -8.08 23.66
N LYS H 43 -32.91 -9.10 24.48
CA LYS H 43 -32.72 -8.90 25.90
C LYS H 43 -31.25 -8.73 26.24
N PHE H 44 -30.92 -7.60 26.87
CA PHE H 44 -29.56 -7.25 27.33
C PHE H 44 -29.48 -7.22 28.85
N TYR H 45 -28.40 -7.77 29.39
CA TYR H 45 -28.19 -7.83 30.84
C TYR H 45 -27.40 -6.64 31.42
N MET H 46 -27.78 -6.27 32.65
CA MET H 46 -27.35 -5.02 33.26
C MET H 46 -26.61 -5.28 34.56
N PRO H 47 -25.69 -4.38 34.95
CA PRO H 47 -24.97 -4.60 36.21
C PRO H 47 -25.90 -4.37 37.39
N LYS H 48 -25.77 -5.19 38.44
CA LYS H 48 -26.57 -5.02 39.64
C LYS H 48 -26.34 -3.61 40.20
N LYS H 49 -25.08 -3.17 40.13
CA LYS H 49 -24.68 -1.80 40.44
C LYS H 49 -23.41 -1.45 39.66
N ALA H 50 -23.27 -0.19 39.26
CA ALA H 50 -22.09 0.25 38.52
C ALA H 50 -21.68 1.67 38.91
N THR H 51 -20.73 1.76 39.84
CA THR H 51 -20.28 3.05 40.34
C THR H 51 -18.78 3.28 40.23
N GLU H 52 -18.02 2.24 39.94
CA GLU H 52 -16.56 2.35 39.82
C GLU H 52 -16.00 1.50 38.67
N LEU H 53 -14.79 1.84 38.22
CA LEU H 53 -14.21 1.32 36.99
C LEU H 53 -14.23 -0.19 36.84
N LYS H 54 -13.99 -0.91 37.93
CA LYS H 54 -13.95 -2.37 37.87
C LYS H 54 -15.29 -2.95 37.41
N HIS H 55 -16.37 -2.18 37.56
CA HIS H 55 -17.70 -2.64 37.15
C HIS H 55 -17.85 -2.72 35.64
N LEU H 56 -16.88 -2.20 34.92
CA LEU H 56 -16.87 -2.29 33.47
C LEU H 56 -16.89 -3.73 32.95
N GLN H 57 -16.45 -4.67 33.77
CA GLN H 57 -16.58 -6.09 33.46
C GLN H 57 -17.94 -6.42 32.84
N CYS H 58 -19.00 -5.87 33.42
CA CYS H 58 -20.35 -6.10 32.94
C CYS H 58 -20.63 -5.55 31.53
N LEU H 59 -19.97 -4.45 31.16
CA LEU H 59 -20.02 -3.96 29.80
C LEU H 59 -19.17 -4.86 28.92
N GLU H 60 -17.99 -5.23 29.41
CA GLU H 60 -17.08 -6.07 28.63
C GLU H 60 -17.68 -7.40 28.23
N GLU H 61 -18.43 -8.01 29.15
CA GLU H 61 -19.08 -9.29 28.89
C GLU H 61 -20.27 -9.14 27.93
N GLU H 62 -20.80 -7.93 27.77
CA GLU H 62 -21.92 -7.72 26.86
C GLU H 62 -21.51 -7.10 25.52
N LEU H 63 -20.22 -7.05 25.21
CA LEU H 63 -19.79 -6.47 23.94
C LEU H 63 -20.03 -7.40 22.74
N LYS H 64 -19.94 -8.70 22.98
CA LYS H 64 -20.22 -9.68 21.94
C LYS H 64 -21.68 -9.55 21.48
N PRO H 65 -22.64 -9.66 22.41
CA PRO H 65 -24.02 -9.41 21.99
C PRO H 65 -24.21 -8.04 21.34
N LEU H 66 -23.59 -7.01 21.90
CA LEU H 66 -23.65 -5.67 21.35
C LEU H 66 -23.25 -5.63 19.88
N GLU H 67 -22.20 -6.37 19.53
CA GLU H 67 -21.74 -6.42 18.13
C GLU H 67 -22.79 -7.05 17.23
N GLU H 68 -23.37 -8.15 17.68
CA GLU H 68 -24.40 -8.86 16.95
C GLU H 68 -25.58 -7.95 16.61
N VAL H 69 -25.95 -7.09 17.54
CA VAL H 69 -27.04 -6.13 17.34
C VAL H 69 -26.68 -5.10 16.26
N LEU H 70 -25.43 -4.70 16.21
CA LEU H 70 -24.99 -3.68 15.25
C LEU H 70 -24.97 -4.20 13.81
N ASN H 71 -24.69 -5.49 13.64
CA ASN H 71 -24.74 -6.11 12.30
C ASN H 71 -26.14 -6.08 11.68
N LEU H 72 -27.11 -5.64 12.47
CA LEU H 72 -28.47 -5.46 12.00
C LEU H 72 -28.69 -4.03 11.51
N ALA H 73 -28.14 -3.06 12.24
CA ALA H 73 -28.23 -1.65 11.92
C ALA H 73 -27.50 -1.32 10.61
N GLN H 74 -26.37 -1.99 10.37
CA GLN H 74 -25.63 -1.83 9.13
C GLN H 74 -26.59 -1.69 7.96
N SER H 75 -26.73 -0.44 7.52
CA SER H 75 -27.58 -0.07 6.39
C SER H 75 -26.88 1.07 5.64
N LYS H 76 -27.35 1.38 4.43
CA LYS H 76 -26.76 2.43 3.59
C LYS H 76 -26.74 3.83 4.24
N ASN H 77 -27.35 3.96 5.42
CA ASN H 77 -27.48 5.24 6.11
C ASN H 77 -26.26 5.61 6.96
N PHE H 78 -26.18 5.04 8.17
CA PHE H 78 -25.08 5.37 9.10
C PHE H 78 -23.75 4.66 8.79
N HIS H 79 -23.84 3.54 8.07
CA HIS H 79 -22.66 2.80 7.56
C HIS H 79 -21.61 2.44 8.65
N LEU H 80 -21.99 2.50 9.92
CA LEU H 80 -21.02 2.43 11.02
C LEU H 80 -20.40 1.03 11.30
N ARG H 81 -19.48 0.61 10.42
CA ARG H 81 -18.81 -0.71 10.51
C ARG H 81 -18.47 -1.17 11.94
N PRO H 82 -18.95 -2.37 12.34
CA PRO H 82 -19.03 -2.74 13.76
C PRO H 82 -17.77 -3.37 14.38
N ARG H 83 -17.03 -4.16 13.60
CA ARG H 83 -15.76 -4.76 14.05
C ARG H 83 -14.80 -3.69 14.55
N ASP H 84 -14.54 -2.68 13.73
CA ASP H 84 -13.79 -1.51 14.13
C ASP H 84 -14.35 -0.93 15.42
N LEU H 85 -15.67 -0.77 15.46
CA LEU H 85 -16.29 -0.02 16.55
C LEU H 85 -16.20 -0.75 17.89
N ILE H 86 -16.36 -2.07 17.86
CA ILE H 86 -16.34 -2.86 19.08
C ILE H 86 -14.94 -3.10 19.61
N SER H 87 -14.00 -3.40 18.69
CA SER H 87 -12.62 -3.64 19.13
C SER H 87 -11.98 -2.37 19.70
N ASN H 88 -12.47 -1.22 19.26
CA ASN H 88 -12.07 0.04 19.87
C ASN H 88 -12.64 0.23 21.26
N ILE H 89 -13.94 0.05 21.41
CA ILE H 89 -14.55 0.12 22.74
C ILE H 89 -13.86 -0.89 23.66
N ASN H 90 -13.71 -2.11 23.18
CA ASN H 90 -13.06 -3.17 23.91
C ASN H 90 -11.71 -2.76 24.51
N VAL H 91 -10.80 -2.26 23.68
CA VAL H 91 -9.45 -1.88 24.15
C VAL H 91 -9.47 -0.76 25.18
N ILE H 92 -10.42 0.15 25.07
CA ILE H 92 -10.54 1.24 26.02
C ILE H 92 -10.99 0.68 27.35
N VAL H 93 -12.03 -0.14 27.33
CA VAL H 93 -12.58 -0.74 28.53
C VAL H 93 -11.51 -1.50 29.29
N LEU H 94 -10.73 -2.30 28.57
CA LEU H 94 -9.65 -3.08 29.16
C LEU H 94 -8.60 -2.24 29.90
N GLU H 95 -8.35 -1.01 29.47
CA GLU H 95 -7.45 -0.13 30.22
C GLU H 95 -8.16 0.52 31.39
N LEU H 96 -9.39 0.97 31.18
CA LEU H 96 -10.18 1.59 32.24
C LEU H 96 -10.37 0.68 33.46
N LYS H 97 -10.99 -0.49 33.26
CA LYS H 97 -11.21 -1.44 34.36
C LYS H 97 -9.87 -1.85 34.95
N GLY H 98 -8.86 -1.85 34.11
CA GLY H 98 -7.50 -1.89 34.60
C GLY H 98 -6.89 -3.25 34.80
N SER H 99 -5.84 -3.26 35.62
CA SER H 99 -4.88 -4.35 35.62
C SER H 99 -5.26 -5.58 36.45
N GLU H 100 -6.12 -5.40 37.46
CA GLU H 100 -6.37 -6.49 38.43
C GLU H 100 -7.12 -7.70 37.88
N THR H 101 -8.21 -7.46 37.13
CA THR H 101 -8.98 -8.53 36.46
C THR H 101 -9.44 -9.64 37.44
N THR H 102 -9.87 -9.23 38.64
CA THR H 102 -10.33 -10.19 39.64
C THR H 102 -11.87 -10.15 39.80
N PHE H 103 -12.52 -9.21 39.11
CA PHE H 103 -13.93 -8.91 39.37
C PHE H 103 -14.98 -9.78 38.66
N MET H 104 -15.65 -10.62 39.45
CA MET H 104 -16.78 -11.44 38.99
C MET H 104 -18.04 -10.57 39.03
N CYS H 105 -18.58 -10.25 37.84
CA CYS H 105 -19.71 -9.33 37.74
C CYS H 105 -21.02 -9.83 38.34
N GLU H 106 -21.78 -8.91 38.91
CA GLU H 106 -23.14 -9.21 39.35
C GLU H 106 -24.13 -8.53 38.41
N TYR H 107 -25.23 -9.24 38.14
CA TYR H 107 -26.22 -8.79 37.19
C TYR H 107 -27.56 -8.55 37.87
N ALA H 108 -28.35 -7.66 37.28
CA ALA H 108 -29.67 -7.31 37.80
C ALA H 108 -30.72 -8.33 37.35
N ASP H 109 -31.84 -8.36 38.07
CA ASP H 109 -32.94 -9.27 37.78
C ASP H 109 -33.53 -9.03 36.37
N GLU H 110 -34.01 -7.82 36.16
CA GLU H 110 -34.66 -7.43 34.91
C GLU H 110 -33.68 -7.31 33.76
N THR H 111 -34.13 -7.72 32.57
CA THR H 111 -33.39 -7.45 31.33
C THR H 111 -33.77 -6.09 30.79
N ALA H 112 -33.05 -5.65 29.76
CA ALA H 112 -33.23 -4.32 29.21
C ALA H 112 -33.05 -4.31 27.71
N THR H 113 -33.80 -3.44 27.02
CA THR H 113 -33.60 -3.21 25.59
C THR H 113 -32.28 -2.49 25.34
N ILE H 114 -31.78 -2.63 24.13
CA ILE H 114 -30.51 -2.03 23.76
C ILE H 114 -30.42 -0.54 24.10
N VAL H 115 -31.54 0.17 24.05
CA VAL H 115 -31.53 1.60 24.37
C VAL H 115 -31.29 1.79 25.87
N GLU H 116 -32.12 1.15 26.70
CA GLU H 116 -31.93 1.19 28.15
C GLU H 116 -30.50 0.80 28.49
N PHE H 117 -29.96 -0.19 27.79
CA PHE H 117 -28.58 -0.65 27.99
C PHE H 117 -27.52 0.44 27.71
N LEU H 118 -27.56 1.00 26.50
CA LEU H 118 -26.59 2.02 26.13
C LEU H 118 -26.72 3.22 27.04
N ASN H 119 -27.97 3.55 27.39
CA ASN H 119 -28.22 4.67 28.30
C ASN H 119 -27.57 4.45 29.65
N ARG H 120 -27.66 3.21 30.13
CA ARG H 120 -27.11 2.87 31.44
C ARG H 120 -25.61 3.14 31.49
N TRP H 121 -24.88 2.62 30.50
CA TRP H 121 -23.42 2.80 30.44
C TRP H 121 -22.95 4.23 30.13
N ILE H 122 -23.70 4.93 29.28
CA ILE H 122 -23.49 6.36 29.13
C ILE H 122 -23.59 7.05 30.50
N THR H 123 -24.64 6.75 31.27
CA THR H 123 -24.80 7.34 32.60
C THR H 123 -23.65 6.94 33.52
N PHE H 124 -23.23 5.69 33.40
CA PHE H 124 -22.07 5.21 34.13
C PHE H 124 -20.88 6.14 33.91
N ALA H 125 -20.50 6.30 32.63
CA ALA H 125 -19.36 7.13 32.23
C ALA H 125 -19.47 8.60 32.65
N GLN H 126 -20.65 9.19 32.49
CA GLN H 126 -20.88 10.57 32.89
C GLN H 126 -20.76 10.68 34.40
N SER H 127 -21.14 9.60 35.08
CA SER H 127 -21.06 9.47 36.53
C SER H 127 -19.63 9.55 37.06
N ILE H 128 -18.74 8.76 36.45
CA ILE H 128 -17.32 8.77 36.80
C ILE H 128 -16.65 10.08 36.39
N ILE H 129 -16.91 10.52 35.16
CA ILE H 129 -16.28 11.74 34.62
C ILE H 129 -16.43 12.97 35.51
N SER H 130 -17.65 13.24 35.97
CA SER H 130 -17.95 14.45 36.73
C SER H 130 -17.22 14.52 38.08
N THR H 131 -16.72 13.38 38.56
CA THR H 131 -15.97 13.33 39.81
C THR H 131 -14.47 13.53 39.62
N LEU H 132 -13.99 13.38 38.39
CA LEU H 132 -12.56 13.39 38.07
C LEU H 132 -11.90 14.77 37.95
N THR H 133 -12.67 15.80 37.63
CA THR H 133 -12.22 17.19 37.81
C THR H 133 -13.38 18.07 38.30
C1 NAG I . 4.93 -14.78 -1.18
C2 NAG I . 4.30 -13.41 -0.92
C3 NAG I . 3.05 -13.57 -0.05
C4 NAG I . 2.07 -14.60 -0.61
C5 NAG I . 2.84 -15.87 -0.93
C6 NAG I . 1.98 -16.94 -1.56
C7 NAG I . 6.07 -11.68 -0.90
C8 NAG I . 6.61 -10.53 -0.09
N2 NAG I . 5.20 -12.47 -0.27
O3 NAG I . 2.43 -12.33 0.12
O4 NAG I . 1.05 -14.87 0.34
O5 NAG I . 3.94 -15.59 -1.77
O6 NAG I . 1.95 -16.67 -2.93
O7 NAG I . 6.45 -11.85 -2.06
C1 NAG I . -0.28 -14.64 -0.20
C2 NAG I . -1.31 -15.61 0.44
C3 NAG I . -2.70 -15.32 -0.10
C4 NAG I . -3.05 -13.84 0.08
C5 NAG I . -1.97 -12.97 -0.55
C6 NAG I . -2.23 -11.48 -0.30
C7 NAG I . -0.80 -17.93 1.09
C8 NAG I . -1.40 -19.29 0.80
N2 NAG I . -0.99 -17.00 0.15
O3 NAG I . -3.62 -16.17 0.56
O4 NAG I . -4.31 -13.50 -0.48
O5 NAG I . -0.69 -13.30 -0.03
O6 NAG I . -1.71 -11.13 0.97
O7 NAG I . -0.18 -17.71 2.13
C1 BMA I . -5.36 -13.55 0.51
C2 BMA I . -6.13 -12.22 0.58
C3 BMA I . -7.52 -12.34 1.24
C4 BMA I . -8.24 -13.66 0.92
C5 BMA I . -7.31 -14.87 1.03
C6 BMA I . -8.00 -16.14 0.54
O2 BMA I . -6.28 -11.69 -0.71
O3 BMA I . -8.31 -11.24 0.83
O4 BMA I . -9.34 -13.83 1.80
O5 BMA I . -6.19 -14.65 0.20
O6 BMA I . -7.92 -16.21 -0.87
C1 FUC I . 1.64 -17.86 -3.65
C2 FUC I . 1.01 -17.46 -4.96
C3 FUC I . 2.04 -16.64 -5.77
C4 FUC I . 3.33 -17.43 -5.96
C5 FUC I . 3.82 -17.93 -4.60
C6 FUC I . 5.02 -18.84 -4.72
O2 FUC I . -0.14 -16.70 -4.72
O3 FUC I . 1.53 -16.27 -7.02
O4 FUC I . 3.13 -18.50 -6.87
O5 FUC I . 2.78 -18.63 -3.93
C1 NAG J . 21.93 -23.85 8.08
C2 NAG J . 23.11 -23.12 8.74
C3 NAG J . 24.25 -24.06 9.09
C4 NAG J . 23.67 -25.16 9.95
C5 NAG J . 22.66 -25.93 9.10
C6 NAG J . 22.07 -27.10 9.86
C7 NAG J . 23.61 -20.82 8.29
C8 NAG J . 24.87 -20.05 8.03
N2 NAG J . 23.61 -22.08 7.88
O3 NAG J . 25.26 -23.36 9.78
O4 NAG J . 24.71 -26.00 10.42
O5 NAG J . 21.58 -25.06 8.74
O6 NAG J . 21.14 -26.57 10.78
O7 NAG J . 22.64 -20.32 8.85
C1 FUC J . 20.64 -27.58 11.67
C2 FUC J . 19.99 -26.89 12.87
C3 FUC J . 18.71 -26.19 12.44
C4 FUC J . 17.79 -27.16 11.73
C5 FUC J . 18.53 -27.87 10.59
C6 FUC J . 17.68 -28.91 9.84
O2 FUC J . 20.87 -25.92 13.39
O3 FUC J . 18.09 -25.64 13.56
O4 FUC J . 17.31 -28.09 12.68
O5 FUC J . 19.72 -28.49 11.07
C1 NAG K . -3.08 -3.13 -27.50
C2 NAG K . -2.53 -2.98 -28.91
C3 NAG K . -1.02 -3.10 -28.90
C4 NAG K . -0.35 -2.17 -27.88
C5 NAG K . -1.05 -2.34 -26.54
C6 NAG K . -0.53 -1.41 -25.45
C7 NAG K . -3.70 -3.72 -30.87
C8 NAG K . -4.35 -4.86 -31.61
N2 NAG K . -3.08 -4.00 -29.74
O3 NAG K . -0.52 -2.85 -30.19
O4 NAG K . 1.01 -2.54 -27.77
O5 NAG K . -2.45 -2.15 -26.69
O6 NAG K . -0.57 -0.07 -25.88
O7 NAG K . -3.74 -2.57 -31.33
C1 NAG K . 1.90 -1.54 -28.28
C2 NAG K . 3.24 -1.63 -27.55
C3 NAG K . 4.23 -0.61 -28.12
C4 NAG K . 4.35 -0.78 -29.64
C5 NAG K . 2.94 -0.68 -30.24
C6 NAG K . 2.88 -0.74 -31.77
C7 NAG K . 3.50 -2.40 -25.29
C8 NAG K . 4.05 -1.95 -23.97
N2 NAG K . 3.10 -1.44 -26.12
O3 NAG K . 5.49 -0.79 -27.51
O4 NAG K . 5.18 0.23 -30.15
O5 NAG K . 2.12 -1.69 -29.67
O6 NAG K . 3.63 -1.83 -32.29
O7 NAG K . 3.44 -3.60 -25.56
C1 BMA K . 6.39 -0.32 -30.70
C2 BMA K . 6.77 0.44 -31.97
C3 BMA K . 7.97 -0.24 -32.62
C4 BMA K . 9.15 -0.32 -31.62
C5 BMA K . 8.73 -0.82 -30.22
C6 BMA K . 9.79 -0.42 -29.19
O2 BMA K . 7.07 1.80 -31.68
O3 BMA K . 8.34 0.46 -33.80
O4 BMA K . 10.12 -1.19 -32.14
O5 BMA K . 7.48 -0.31 -29.77
O6 BMA K . 9.98 -1.45 -28.25
C1 NAG L . 27.26 -11.27 -52.27
C2 NAG L . 26.01 -10.43 -52.60
C3 NAG L . 25.37 -10.84 -53.94
C4 NAG L . 26.38 -10.87 -55.08
C5 NAG L . 27.63 -11.63 -54.62
C6 NAG L . 28.77 -11.50 -55.63
C7 NAG L . 24.29 -11.56 -51.22
C8 NAG L . 22.95 -11.29 -50.61
N2 NAG L . 25.01 -10.48 -51.54
O3 NAG L . 24.31 -9.95 -54.25
O4 NAG L . 25.82 -11.51 -56.22
O5 NAG L . 28.13 -11.19 -53.37
O6 NAG L . 28.98 -10.14 -55.90
O7 NAG L . 24.69 -12.72 -51.40
C1 NAG L . 25.53 -10.60 -57.30
C2 NAG L . 25.57 -11.34 -58.63
C3 NAG L . 24.71 -10.75 -59.76
C4 NAG L . 24.10 -9.36 -59.49
C5 NAG L . 23.94 -8.97 -58.01
C6 NAG L . 22.51 -8.53 -57.72
C7 NAG L . 27.52 -12.51 -59.56
C8 NAG L . 26.81 -13.37 -60.58
N2 NAG L . 26.94 -11.39 -59.12
O3 NAG L . 23.67 -11.64 -60.13
O4 NAG L . 24.91 -8.41 -60.16
O5 NAG L . 24.26 -10.03 -57.12
O6 NAG L . 21.62 -9.62 -57.80
O7 NAG L . 28.63 -12.86 -59.15
C1 NAG M . -2.09 9.22 3.87
C2 NAG M . -2.82 9.60 2.59
C3 NAG M . -1.83 10.06 1.54
C4 NAG M . -0.87 11.12 2.05
C5 NAG M . -0.30 10.67 3.40
C6 NAG M . 0.59 11.70 4.06
C7 NAG M . -4.82 8.22 2.36
C8 NAG M . -5.41 7.01 1.68
N2 NAG M . -3.57 8.50 2.03
O3 NAG M . -2.57 10.56 0.45
O4 NAG M . 0.15 11.26 1.10
O5 NAG M . -1.36 10.35 4.28
O6 NAG M . -0.22 12.75 4.49
O7 NAG M . -5.47 8.88 3.18
C1 NAG M . 0.31 12.61 0.62
C2 NAG M . 1.71 12.78 0.03
C3 NAG M . 1.89 14.19 -0.50
C4 NAG M . 0.83 14.46 -1.56
C5 NAG M . -0.55 14.22 -0.92
C6 NAG M . -1.70 14.43 -1.90
C7 NAG M . 3.46 11.40 1.03
C8 NAG M . 4.63 11.38 1.98
N2 NAG M . 2.74 12.52 1.02
O3 NAG M . 3.19 14.33 -1.03
O4 NAG M . 0.86 15.81 -1.99
O5 NAG M . -0.64 12.91 -0.39
O6 NAG M . -1.77 13.33 -2.77
O7 NAG M . 3.22 10.42 0.32
C1 BMA M . 1.87 16.15 -2.96
C2 BMA M . 1.25 16.12 -4.37
C3 BMA M . 1.90 17.08 -5.37
C4 BMA M . 2.24 18.42 -4.75
C5 BMA M . 3.10 18.20 -3.50
C6 BMA M . 3.49 19.52 -2.82
O2 BMA M . -0.14 16.42 -4.27
O3 BMA M . 1.03 17.31 -6.47
O4 BMA M . 2.93 19.21 -5.69
O5 BMA M . 2.40 17.40 -2.56
O6 BMA M . 2.41 20.09 -2.12
C1 FUC M . 0.42 13.64 5.41
C2 FUC M . -0.30 14.99 5.40
C3 FUC M . -1.72 14.82 5.93
C4 FUC M . -1.76 14.11 7.28
C5 FUC M . -0.91 12.85 7.20
C6 FUC M . -0.83 12.13 8.53
O2 FUC M . -0.33 15.52 4.09
O3 FUC M . -2.30 16.08 6.06
O4 FUC M . -1.22 14.96 8.26
O5 FUC M . 0.40 13.18 6.75
C1 NAG N . 3.50 -8.50 14.21
C2 NAG N . 3.24 -9.99 14.02
C3 NAG N . 3.77 -10.76 15.23
C4 NAG N . 5.25 -10.43 15.49
C5 NAG N . 5.55 -8.94 15.40
C6 NAG N . 7.06 -8.71 15.31
C7 NAG N . 1.54 -10.86 12.56
C8 NAG N . 1.00 -12.27 12.59
N2 NAG N . 1.84 -10.30 13.73
O3 NAG N . 3.68 -12.14 14.99
O4 NAG N . 5.62 -10.84 16.79
O5 NAG N . 4.90 -8.32 14.29
O6 NAG N . 7.52 -9.10 14.03
O7 NAG N . 1.70 -10.30 11.47
C1 NAG N . 6.46 -12.01 16.76
C2 NAG N . 7.35 -12.02 18.00
C3 NAG N . 8.22 -13.27 17.98
C4 NAG N . 7.36 -14.52 17.89
C5 NAG N . 6.37 -14.44 16.72
C6 NAG N . 5.33 -15.56 16.82
C7 NAG N . 8.56 -10.34 19.28
C8 NAG N . 9.84 -9.57 19.29
N2 NAG N . 8.18 -10.83 18.10
O3 NAG N . 9.01 -13.35 19.15
O4 NAG N . 8.20 -15.64 17.74
O5 NAG N . 5.69 -13.19 16.69
O6 NAG N . 4.03 -15.06 16.55
O7 NAG N . 7.91 -10.49 20.32
C1 FUC N . 8.91 -9.51 14.02
C2 FUC N . 9.26 -10.21 12.70
C3 FUC N . 9.38 -9.19 11.58
C4 FUC N . 10.39 -8.12 11.96
C5 FUC N . 9.93 -7.46 13.26
C6 FUC N . 10.87 -6.32 13.68
O2 FUC N . 8.29 -11.16 12.32
O3 FUC N . 9.76 -9.83 10.38
O4 FUC N . 11.66 -8.72 12.15
O5 FUC N . 9.84 -8.45 14.29
C1 NAG O . -21.43 32.01 7.40
C2 NAG O . -22.36 32.64 8.44
C3 NAG O . -22.85 31.60 9.43
C4 NAG O . -23.39 30.34 8.74
C5 NAG O . -22.36 29.89 7.73
C6 NAG O . -22.76 28.63 6.98
C7 NAG O . -22.36 34.87 9.38
C8 NAG O . -21.55 36.12 9.44
N2 NAG O . -21.71 33.73 9.14
O3 NAG O . -23.84 32.19 10.24
O4 NAG O . -23.56 29.31 9.68
O5 NAG O . -22.12 30.93 6.82
O6 NAG O . -23.93 28.90 6.26
O7 NAG O . -23.57 34.93 9.56
C1 NAG O . -24.93 29.00 9.98
C2 NAG O . -25.02 27.59 10.50
C3 NAG O . -26.46 27.28 10.84
C4 NAG O . -26.92 28.23 11.95
C5 NAG O . -26.75 29.66 11.44
C6 NAG O . -27.10 30.71 12.51
C7 NAG O . -23.30 26.05 9.70
C8 NAG O . -22.96 25.04 8.65
N2 NAG O . -24.49 26.64 9.55
O3 NAG O . -26.58 25.94 11.25
O4 NAG O . -28.26 27.96 12.28
O5 NAG O . -25.41 29.86 11.00
O6 NAG O . -26.02 31.58 12.79
O7 NAG O . -22.50 26.30 10.62
C1 BMA O . -28.43 27.45 13.64
C2 BMA O . -29.68 28.06 14.29
C3 BMA O . -29.97 27.46 15.67
C4 BMA O . -29.80 25.94 15.72
C5 BMA O . -28.53 25.46 14.98
C6 BMA O . -28.48 23.93 14.87
O2 BMA O . -30.82 27.90 13.45
O3 BMA O . -31.28 27.80 16.09
O4 BMA O . -29.72 25.54 17.07
O5 BMA O . -28.47 26.03 13.68
O6 BMA O . -27.14 23.51 14.83
C1 NAG P . -38.32 27.08 42.10
C2 NAG P . -38.43 28.19 41.03
C3 NAG P . -38.43 29.62 41.65
C4 NAG P . -39.37 29.75 42.85
C5 NAG P . -39.15 28.54 43.79
C6 NAG P . -40.03 28.57 45.04
C7 NAG P . -36.27 28.70 39.96
C8 NAG P . -36.08 29.59 38.76
N2 NAG P . -37.41 28.03 40.00
O3 NAG P . -38.76 30.60 40.68
O4 NAG P . -39.13 30.97 43.55
O5 NAG P . -39.30 27.32 43.08
O6 NAG P . -41.40 28.71 44.71
O7 NAG P . -35.40 28.59 40.83
C1 NAG P . -40.17 31.94 43.36
C2 NAG P . -40.40 32.74 44.65
C3 NAG P . -40.87 34.18 44.43
C4 NAG P . -41.51 34.43 43.06
C5 NAG P . -40.79 33.73 41.89
C6 NAG P . -40.14 34.76 40.98
C7 NAG P . -41.13 31.93 46.84
C8 NAG P . -41.00 33.14 47.74
N2 NAG P . -41.36 32.12 45.54
O3 NAG P . -39.80 35.06 44.65
O4 NAG P . -42.86 34.02 43.11
O5 NAG P . -39.79 32.81 42.31
O6 NAG P . -38.93 35.19 41.60
O7 NAG P . -41.01 30.81 47.30
C1 NAG Q . 42.06 -4.87 -61.58
C2 NAG Q . 42.53 -4.11 -62.82
C3 NAG Q . 41.70 -4.58 -64.00
C4 NAG Q . 42.01 -6.06 -64.24
C5 NAG Q . 41.76 -6.88 -62.97
C6 NAG Q . 42.28 -8.32 -63.16
C7 NAG Q . 43.55 -1.86 -62.54
C8 NAG Q . 44.90 -2.45 -62.27
N2 NAG Q . 42.48 -2.66 -62.67
O3 NAG Q . 42.04 -3.82 -65.13
O4 NAG Q . 41.23 -6.55 -65.31
O5 NAG Q . 42.32 -6.26 -61.81
O6 NAG Q . 43.31 -8.70 -62.28
O7 NAG Q . 43.44 -0.63 -62.63
C1 NAG R . 5.04 -26.67 -43.54
C2 NAG R . 5.56 -28.07 -43.95
C3 NAG R . 4.66 -29.21 -43.50
C4 NAG R . 4.24 -29.03 -42.03
C5 NAG R . 3.51 -27.69 -41.96
C6 NAG R . 2.76 -27.46 -40.64
C7 NAG R . 6.90 -27.80 -45.99
C8 NAG R . 6.79 -27.43 -47.45
N2 NAG R . 5.75 -28.12 -45.39
O3 NAG R . 5.36 -30.42 -43.65
O4 NAG R . 3.45 -30.11 -41.56
O5 NAG R . 4.45 -26.68 -42.23
O6 NAG R . 3.57 -27.71 -39.51
O7 NAG R . 7.98 -27.78 -45.41
C1 NAG S . -53.77 21.96 50.83
C2 NAG S . -54.92 22.95 51.11
C3 NAG S . -54.34 24.24 51.68
C4 NAG S . -53.59 23.91 52.98
C5 NAG S . -52.49 22.87 52.69
C6 NAG S . -51.71 22.54 53.98
C7 NAG S . -56.94 22.77 49.66
C8 NAG S . -57.34 21.38 50.09
N2 NAG S . -55.69 23.21 49.89
O3 NAG S . -55.33 25.21 51.91
O4 NAG S . -53.04 25.08 53.56
O5 NAG S . -53.04 21.73 52.04
O6 NAG S . -51.50 21.14 54.14
O7 NAG S . -57.77 23.48 49.08
C1 NAG T . -12.95 38.07 35.40
C2 NAG T . -12.40 37.94 36.83
C3 NAG T . -10.92 38.30 36.96
C4 NAG T . -10.06 37.81 35.80
C5 NAG T . -10.77 38.02 34.44
C6 NAG T . -9.97 37.51 33.24
C7 NAG T . -13.71 38.39 38.85
C8 NAG T . -14.16 39.47 39.81
N2 NAG T . -13.15 38.82 37.73
O3 NAG T . -10.45 37.75 38.17
O4 NAG T . -8.84 38.53 35.84
O5 NAG T . -12.06 37.42 34.48
O6 NAG T . -9.61 36.14 33.35
O7 NAG T . -13.88 37.19 39.14
#